data_3IF9
#
_entry.id   3IF9
#
_cell.length_a   72.344
_cell.length_b   215.058
_cell.length_c   217.083
_cell.angle_alpha   90.00
_cell.angle_beta   90.00
_cell.angle_gamma   90.00
#
_symmetry.space_group_name_H-M   'C 2 2 21'
#
loop_
_entity.id
_entity.type
_entity.pdbx_description
1 polymer 'Glycine oxidase'
2 non-polymer 'GLYCOLIC ACID'
3 non-polymer 'FLAVIN-ADENINE DINUCLEOTIDE'
4 water water
#
_entity_poly.entity_id   1
_entity_poly.type   'polypeptide(L)'
_entity_poly.pdbx_seq_one_letter_code
;MHHHHHHMARIRAMKRHYEAVVIGGGIIGSAIAYYLAKENKNTALFESGTMGGRTTSAAAGMLSAHRECEERDAFFDFAM
HSQRLYKGLGEELYALSGVDIRQHNGGMFKLAFSEEDVLQLRQMDDLDSVSWYSKEEVLEKEPYASGDIFGASFIQDDVH
VEPYFVCKAYVKAAKMLGAEIFEHTPVLHVERDGEALFIKTPSGDVWANHVVVASGVWSGMFFKQLGLNNAFLPVKGECL
SVWNDDIPLTKTLYHDACYIVPRKSGRLVVGATMKPGDWSETPDLGGLESVMKKAKTMLPAIQNMKVDRFWAGLRPGTKD
GKPYIGRHPEDSRILFAAGHFRNGILLAPATGALISDLIMNKEVNQDWLHAFRIDRKEAVQI
;
_entity_poly.pdbx_strand_id   A,B,C,D
#
# COMPACT_ATOMS: atom_id res chain seq x y z
N MET A 14 34.29 36.64 -4.28
CA MET A 14 32.85 36.53 -4.65
C MET A 14 32.15 37.89 -4.59
N LYS A 15 31.40 38.22 -5.63
CA LYS A 15 30.67 39.50 -5.69
C LYS A 15 29.22 39.35 -5.23
N ARG A 16 28.56 40.47 -4.98
CA ARG A 16 27.18 40.39 -4.49
C ARG A 16 26.21 39.98 -5.60
N HIS A 17 26.43 40.51 -6.81
CA HIS A 17 25.51 40.37 -7.93
C HIS A 17 26.23 39.87 -9.19
N TYR A 18 25.50 39.08 -9.99
CA TYR A 18 25.92 38.72 -11.34
C TYR A 18 24.68 38.77 -12.19
N GLU A 19 24.84 38.96 -13.50
CA GLU A 19 23.69 38.99 -14.40
C GLU A 19 23.12 37.59 -14.61
N ALA A 20 23.99 36.59 -14.52
CA ALA A 20 23.56 35.21 -14.63
C ALA A 20 24.40 34.28 -13.75
N VAL A 21 23.75 33.23 -13.24
CA VAL A 21 24.39 32.27 -12.37
C VAL A 21 24.05 30.86 -12.81
N VAL A 22 25.09 30.07 -13.03
CA VAL A 22 24.94 28.68 -13.45
C VAL A 22 25.23 27.76 -12.27
N ILE A 23 24.26 26.91 -11.94
CA ILE A 23 24.38 25.99 -10.83
C ILE A 23 24.75 24.61 -11.36
N GLY A 24 26.00 24.21 -11.11
CA GLY A 24 26.52 22.91 -11.55
C GLY A 24 27.62 23.05 -12.57
N GLY A 25 28.73 22.35 -12.35
CA GLY A 25 29.89 22.45 -13.23
C GLY A 25 30.25 21.18 -13.98
N GLY A 26 29.26 20.46 -14.47
CA GLY A 26 29.51 19.37 -15.41
C GLY A 26 29.69 19.99 -16.78
N ILE A 27 29.64 19.18 -17.84
CA ILE A 27 29.79 19.71 -19.18
C ILE A 27 28.68 20.70 -19.57
N ILE A 28 27.44 20.40 -19.15
CA ILE A 28 26.29 21.23 -19.47
C ILE A 28 26.46 22.65 -18.90
N GLY A 29 26.67 22.74 -17.60
CA GLY A 29 26.98 24.02 -16.94
C GLY A 29 28.12 24.81 -17.57
N SER A 30 29.25 24.12 -17.83
CA SER A 30 30.41 24.71 -18.51
C SER A 30 30.10 25.32 -19.89
N ALA A 31 29.34 24.61 -20.70
CA ALA A 31 28.95 25.14 -22.01
C ALA A 31 28.14 26.43 -21.81
N ILE A 32 27.14 26.38 -20.93
CA ILE A 32 26.31 27.55 -20.64
C ILE A 32 27.16 28.74 -20.21
N ALA A 33 28.11 28.51 -19.31
CA ALA A 33 28.96 29.58 -18.76
C ALA A 33 29.79 30.20 -19.86
N TYR A 34 30.37 29.35 -20.69
CA TYR A 34 31.10 29.81 -21.84
C TYR A 34 30.22 30.67 -22.74
N TYR A 35 29.04 30.13 -23.09
CA TYR A 35 28.16 30.79 -24.06
C TYR A 35 27.56 32.10 -23.53
N LEU A 36 27.40 32.21 -22.22
CA LEU A 36 26.93 33.47 -21.65
C LEU A 36 28.05 34.50 -21.63
N ALA A 37 29.26 34.05 -21.30
CA ALA A 37 30.41 34.92 -21.22
C ALA A 37 30.81 35.41 -22.61
N LYS A 38 30.50 34.63 -23.63
CA LYS A 38 30.73 35.05 -25.01
C LYS A 38 29.83 36.24 -25.35
N GLU A 39 28.60 36.20 -24.83
CA GLU A 39 27.64 37.30 -24.98
C GLU A 39 27.96 38.45 -24.03
N ASN A 40 29.10 38.36 -23.35
CA ASN A 40 29.57 39.38 -22.41
C ASN A 40 28.59 39.67 -21.25
N LYS A 41 27.78 38.67 -20.89
CA LYS A 41 27.02 38.70 -19.64
C LYS A 41 27.92 38.42 -18.42
N ASN A 42 27.78 39.24 -17.38
CA ASN A 42 28.57 39.07 -16.15
C ASN A 42 28.08 37.78 -15.44
N THR A 43 28.86 36.70 -15.59
CA THR A 43 28.44 35.34 -15.28
C THR A 43 29.25 34.73 -14.14
N ALA A 44 28.60 33.89 -13.33
CA ALA A 44 29.28 33.07 -12.33
C ALA A 44 28.76 31.64 -12.35
N LEU A 45 29.64 30.69 -12.11
CA LEU A 45 29.23 29.30 -12.00
C LEU A 45 29.65 28.73 -10.66
N PHE A 46 28.72 28.03 -9.99
CA PHE A 46 28.99 27.37 -8.71
C PHE A 46 28.98 25.85 -8.88
N GLU A 47 29.99 25.18 -8.31
CA GLU A 47 30.10 23.72 -8.41
C GLU A 47 30.48 23.15 -7.04
N SER A 48 29.82 22.06 -6.64
CA SER A 48 30.05 21.40 -5.33
C SER A 48 31.46 20.89 -5.12
N GLY A 49 31.93 20.08 -6.07
CA GLY A 49 33.28 19.54 -6.07
C GLY A 49 34.16 20.27 -7.07
N THR A 50 34.71 19.52 -8.01
CA THR A 50 35.54 20.12 -9.05
C THR A 50 34.82 20.07 -10.39
N MET A 51 35.26 20.90 -11.34
CA MET A 51 34.68 20.93 -12.67
C MET A 51 34.81 19.56 -13.29
N GLY A 52 33.73 19.07 -13.88
CA GLY A 52 33.72 17.82 -14.60
C GLY A 52 33.89 16.58 -13.76
N GLY A 53 33.82 16.72 -12.45
CA GLY A 53 34.16 15.64 -11.53
C GLY A 53 33.14 14.52 -11.36
N ARG A 54 31.99 14.63 -11.99
CA ARG A 54 30.95 13.61 -11.82
C ARG A 54 30.64 12.89 -13.10
N THR A 55 29.37 12.87 -13.49
CA THR A 55 28.96 12.05 -14.63
C THR A 55 29.68 12.38 -15.93
N THR A 56 29.99 13.66 -16.14
CA THR A 56 30.83 14.12 -17.23
C THR A 56 32.16 13.38 -17.32
N SER A 57 32.75 13.03 -16.18
CA SER A 57 34.02 12.28 -16.17
C SER A 57 33.86 10.80 -16.52
N ALA A 58 32.70 10.23 -16.23
CA ALA A 58 32.47 8.81 -16.49
C ALA A 58 32.23 8.53 -17.97
N ALA A 59 31.93 9.58 -18.73
CA ALA A 59 31.38 9.41 -20.07
C ALA A 59 32.40 8.98 -21.13
N ALA A 60 31.93 8.18 -22.08
CA ALA A 60 32.75 7.71 -23.20
C ALA A 60 33.08 8.82 -24.22
N GLY A 61 32.13 9.72 -24.48
CA GLY A 61 32.39 10.83 -25.38
C GLY A 61 32.08 10.58 -26.83
N MET A 62 31.30 9.54 -27.13
CA MET A 62 30.73 9.36 -28.46
C MET A 62 29.74 10.48 -28.77
N LEU A 63 29.89 11.12 -29.93
CA LEU A 63 28.94 12.14 -30.37
C LEU A 63 27.91 11.50 -31.33
N SER A 64 27.10 10.61 -30.77
CA SER A 64 26.27 9.72 -31.58
C SER A 64 24.79 10.13 -31.66
N ALA A 65 24.42 10.76 -32.77
CA ALA A 65 23.05 11.20 -32.98
C ALA A 65 22.17 10.07 -33.49
N HIS A 66 22.80 9.00 -33.98
CA HIS A 66 22.05 7.92 -34.64
C HIS A 66 21.72 6.78 -33.68
N ARG A 67 21.27 7.16 -32.48
CA ARG A 67 20.96 6.23 -31.40
CA ARG A 67 20.93 6.22 -31.41
C ARG A 67 19.70 6.71 -30.66
N GLU A 68 18.82 5.81 -30.21
CA GLU A 68 18.88 4.34 -30.37
C GLU A 68 18.19 3.97 -31.68
N CYS A 69 18.86 4.33 -32.79
CA CYS A 69 18.28 4.35 -34.13
C CYS A 69 16.83 4.83 -34.09
N GLU A 70 16.60 5.89 -33.30
CA GLU A 70 15.27 6.34 -32.93
C GLU A 70 14.37 6.80 -34.09
N GLU A 71 13.20 7.30 -33.73
CA GLU A 71 12.32 7.99 -34.66
C GLU A 71 12.93 9.34 -35.05
N ARG A 72 12.58 9.83 -36.24
CA ARG A 72 13.08 11.11 -36.71
C ARG A 72 12.17 12.27 -36.28
N ASP A 73 12.55 12.84 -35.14
CA ASP A 73 11.75 13.83 -34.43
C ASP A 73 12.60 15.07 -34.12
N ALA A 74 12.06 15.93 -33.25
CA ALA A 74 12.77 17.12 -32.79
C ALA A 74 14.02 16.77 -31.99
N PHE A 75 13.98 15.64 -31.27
CA PHE A 75 15.11 15.16 -30.48
C PHE A 75 16.32 14.86 -31.36
N PHE A 76 16.06 14.17 -32.47
CA PHE A 76 17.08 13.87 -33.48
C PHE A 76 17.66 15.12 -34.17
N ASP A 77 16.82 16.09 -34.56
CA ASP A 77 17.32 17.28 -35.25
C ASP A 77 18.28 18.05 -34.36
N PHE A 78 17.87 18.22 -33.10
CA PHE A 78 18.66 18.88 -32.07
C PHE A 78 20.01 18.17 -31.89
N ALA A 79 19.99 16.84 -31.94
CA ALA A 79 21.21 16.06 -31.87
C ALA A 79 22.11 16.32 -33.08
N MET A 80 21.56 16.20 -34.29
CA MET A 80 22.30 16.45 -35.52
C MET A 80 22.89 17.84 -35.51
N HIS A 81 22.14 18.78 -34.92
CA HIS A 81 22.54 20.17 -34.87
C HIS A 81 23.72 20.36 -33.92
N SER A 82 23.63 19.72 -32.76
CA SER A 82 24.68 19.78 -31.74
C SER A 82 25.96 19.15 -32.28
N GLN A 83 25.79 18.09 -33.07
CA GLN A 83 26.88 17.43 -33.76
C GLN A 83 27.57 18.37 -34.73
N ARG A 84 26.77 19.13 -35.47
CA ARG A 84 27.31 20.15 -36.37
C ARG A 84 28.10 21.21 -35.62
N LEU A 85 27.60 21.66 -34.46
CA LEU A 85 28.29 22.67 -33.67
C LEU A 85 29.67 22.24 -33.18
N TYR A 86 29.94 20.94 -33.18
CA TYR A 86 31.24 20.41 -32.76
C TYR A 86 32.32 20.63 -33.81
N LYS A 87 31.93 20.90 -35.06
CA LYS A 87 32.86 20.91 -36.19
C LYS A 87 34.08 21.83 -36.02
N GLY A 88 33.85 23.04 -35.52
CA GLY A 88 34.99 23.90 -35.21
C GLY A 88 35.16 24.19 -33.73
N LEU A 89 34.55 23.38 -32.88
CA LEU A 89 34.51 23.68 -31.45
C LEU A 89 35.88 23.55 -30.76
N GLY A 90 36.58 22.46 -31.05
CA GLY A 90 37.92 22.22 -30.55
C GLY A 90 38.86 23.37 -30.84
N GLU A 91 38.89 23.79 -32.10
CA GLU A 91 39.72 24.93 -32.50
C GLU A 91 39.26 26.22 -31.82
N GLU A 92 37.96 26.46 -31.81
CA GLU A 92 37.42 27.64 -31.14
C GLU A 92 37.86 27.69 -29.67
N LEU A 93 37.68 26.59 -28.93
CA LEU A 93 37.96 26.60 -27.49
C LEU A 93 39.44 26.52 -27.18
N TYR A 94 40.19 25.86 -28.07
CA TYR A 94 41.65 25.76 -27.94
C TYR A 94 42.35 27.11 -28.01
N ALA A 95 41.88 27.98 -28.89
CA ALA A 95 42.43 29.31 -29.01
C ALA A 95 42.30 30.14 -27.72
N LEU A 96 41.25 29.88 -26.94
CA LEU A 96 41.00 30.63 -25.71
C LEU A 96 41.49 29.93 -24.43
N SER A 97 41.57 28.60 -24.45
CA SER A 97 41.81 27.89 -23.20
C SER A 97 43.15 27.17 -23.11
N GLY A 98 43.77 26.90 -24.27
CA GLY A 98 44.94 26.04 -24.35
C GLY A 98 44.61 24.56 -24.15
N VAL A 99 43.32 24.23 -23.99
CA VAL A 99 42.89 22.84 -23.71
C VAL A 99 42.34 22.15 -24.96
N ASP A 100 42.92 21.00 -25.30
CA ASP A 100 42.56 20.19 -26.46
C ASP A 100 41.47 19.20 -26.07
N ILE A 101 40.34 19.22 -26.78
CA ILE A 101 39.24 18.30 -26.46
C ILE A 101 39.46 16.87 -26.93
N ARG A 102 40.57 16.66 -27.66
CA ARG A 102 41.00 15.34 -28.11
C ARG A 102 39.93 14.70 -29.01
N GLN A 103 39.72 15.31 -30.17
CA GLN A 103 38.77 14.81 -31.16
C GLN A 103 39.33 13.68 -32.04
N HIS A 104 38.56 12.60 -32.15
CA HIS A 104 38.89 11.45 -32.99
C HIS A 104 37.76 11.27 -34.01
N ASN A 105 38.12 11.28 -35.30
CA ASN A 105 37.16 11.17 -36.39
C ASN A 105 37.10 9.82 -37.11
N GLY A 106 37.32 8.75 -36.37
CA GLY A 106 37.36 7.39 -36.92
C GLY A 106 36.02 6.84 -37.39
N GLY A 107 34.92 7.33 -36.82
CA GLY A 107 33.60 6.81 -37.15
C GLY A 107 33.14 5.58 -36.36
N MET A 108 31.98 5.05 -36.74
CA MET A 108 31.30 4.01 -35.98
C MET A 108 30.77 2.85 -36.83
N PHE A 109 30.97 1.64 -36.35
CA PHE A 109 30.24 0.49 -36.87
C PHE A 109 29.18 0.10 -35.85
N LYS A 110 27.92 0.13 -36.25
CA LYS A 110 26.88 -0.47 -35.45
C LYS A 110 26.75 -1.90 -35.90
N LEU A 111 27.31 -2.80 -35.13
CA LEU A 111 27.36 -4.22 -35.48
C LEU A 111 26.00 -4.92 -35.39
N ALA A 112 25.83 -5.98 -36.19
CA ALA A 112 24.67 -6.85 -36.10
C ALA A 112 25.08 -8.30 -35.84
N PHE A 113 24.38 -8.97 -34.94
CA PHE A 113 24.70 -10.34 -34.60
C PHE A 113 23.54 -11.28 -34.91
N SER A 114 22.48 -10.73 -35.49
CA SER A 114 21.29 -11.50 -35.85
C SER A 114 20.64 -10.93 -37.10
N GLU A 115 19.70 -11.68 -37.67
CA GLU A 115 18.93 -11.23 -38.82
C GLU A 115 17.99 -10.09 -38.42
N GLU A 116 17.51 -10.17 -37.17
CA GLU A 116 16.69 -9.11 -36.58
C GLU A 116 17.49 -7.81 -36.37
N ASP A 117 18.78 -7.96 -36.07
CA ASP A 117 19.71 -6.82 -35.98
C ASP A 117 19.92 -6.14 -37.33
N VAL A 118 20.18 -6.91 -38.38
CA VAL A 118 20.35 -6.39 -39.73
C VAL A 118 19.13 -5.55 -40.08
N LEU A 119 17.97 -6.21 -40.02
CA LEU A 119 16.67 -5.65 -40.34
C LEU A 119 16.44 -4.30 -39.69
N GLN A 120 16.71 -4.20 -38.39
CA GLN A 120 16.48 -2.94 -37.67
C GLN A 120 17.51 -1.86 -38.03
N LEU A 121 18.75 -2.26 -38.32
CA LEU A 121 19.79 -1.29 -38.65
C LEU A 121 19.62 -0.72 -40.05
N ARG A 122 19.13 -1.57 -40.95
CA ARG A 122 18.92 -1.18 -42.34
C ARG A 122 17.72 -0.25 -42.51
N GLN A 123 17.01 -0.01 -41.42
CA GLN A 123 15.96 1.01 -41.37
C GLN A 123 16.54 2.43 -41.35
N MET A 124 17.86 2.53 -41.54
CA MET A 124 18.51 3.84 -41.54
C MET A 124 19.34 4.12 -42.79
N ASP A 125 19.50 3.10 -43.65
CA ASP A 125 20.35 3.19 -44.85
C ASP A 125 20.10 4.43 -45.70
N ASP A 126 18.85 4.88 -45.73
CA ASP A 126 18.40 6.05 -46.52
C ASP A 126 19.01 7.39 -46.09
N LEU A 127 19.41 7.51 -44.83
CA LEU A 127 20.17 8.69 -44.39
C LEU A 127 21.51 8.70 -45.12
N ASP A 128 21.95 9.88 -45.53
CA ASP A 128 23.13 9.98 -46.36
C ASP A 128 24.42 9.71 -45.60
N SER A 129 24.34 9.88 -44.29
CA SER A 129 25.47 9.65 -43.40
C SER A 129 25.70 8.17 -43.07
N VAL A 130 24.68 7.35 -43.34
CA VAL A 130 24.72 5.93 -43.00
C VAL A 130 24.74 5.07 -44.25
N SER A 131 25.70 4.16 -44.33
CA SER A 131 25.70 3.10 -45.34
C SER A 131 25.79 1.74 -44.64
N TRP A 132 25.51 0.68 -45.38
CA TRP A 132 25.55 -0.67 -44.83
C TRP A 132 26.77 -1.44 -45.31
N TYR A 133 27.45 -2.13 -44.40
CA TYR A 133 28.59 -2.96 -44.75
C TYR A 133 28.23 -4.42 -44.53
N SER A 134 28.68 -5.29 -45.43
CA SER A 134 28.52 -6.74 -45.24
C SER A 134 29.62 -7.28 -44.30
N LYS A 135 29.37 -8.46 -43.74
CA LYS A 135 30.35 -9.13 -42.89
C LYS A 135 31.78 -8.93 -43.41
N GLU A 136 31.98 -9.21 -44.70
CA GLU A 136 33.28 -9.14 -45.34
C GLU A 136 33.82 -7.71 -45.38
N GLU A 137 32.94 -6.76 -45.66
CA GLU A 137 33.36 -5.37 -45.80
C GLU A 137 33.79 -4.76 -44.47
N VAL A 138 33.10 -5.14 -43.39
CA VAL A 138 33.50 -4.76 -42.03
C VAL A 138 34.90 -5.32 -41.71
N LEU A 139 35.08 -6.62 -41.92
CA LEU A 139 36.31 -7.30 -41.55
C LEU A 139 37.48 -6.84 -42.40
N GLU A 140 37.17 -6.32 -43.58
CA GLU A 140 38.21 -5.75 -44.42
C GLU A 140 38.78 -4.54 -43.72
N LYS A 141 37.94 -3.81 -42.99
CA LYS A 141 38.38 -2.57 -42.33
C LYS A 141 38.84 -2.81 -40.90
N GLU A 142 38.18 -3.73 -40.21
CA GLU A 142 38.50 -4.07 -38.84
C GLU A 142 38.50 -5.58 -38.71
N PRO A 143 39.65 -6.22 -39.04
CA PRO A 143 39.83 -7.68 -39.02
C PRO A 143 39.55 -8.31 -37.65
N TYR A 144 39.56 -7.50 -36.60
CA TYR A 144 39.43 -8.06 -35.25
C TYR A 144 38.00 -8.03 -34.71
N ALA A 145 37.10 -7.36 -35.43
CA ALA A 145 35.66 -7.46 -35.12
C ALA A 145 35.27 -8.94 -35.03
N SER A 146 34.42 -9.28 -34.06
CA SER A 146 33.94 -10.65 -33.92
C SER A 146 33.52 -11.26 -35.26
N GLY A 147 33.89 -12.52 -35.48
CA GLY A 147 33.53 -13.23 -36.71
C GLY A 147 32.05 -13.62 -36.81
N ASP A 148 31.32 -13.48 -35.71
CA ASP A 148 29.89 -13.85 -35.68
C ASP A 148 28.96 -12.75 -36.16
N ILE A 149 29.53 -11.61 -36.58
CA ILE A 149 28.72 -10.48 -37.04
C ILE A 149 28.05 -10.77 -38.40
N PHE A 150 26.97 -10.06 -38.68
CA PHE A 150 26.20 -10.23 -39.92
C PHE A 150 26.43 -9.06 -40.86
N GLY A 151 27.24 -8.11 -40.43
CA GLY A 151 27.47 -6.83 -41.12
C GLY A 151 27.32 -5.68 -40.12
N ALA A 152 27.35 -4.45 -40.63
CA ALA A 152 27.26 -3.27 -39.77
C ALA A 152 26.80 -1.97 -40.45
N SER A 153 26.03 -1.17 -39.72
CA SER A 153 25.81 0.24 -40.08
C SER A 153 27.10 1.04 -39.85
N PHE A 154 27.62 1.65 -40.91
CA PHE A 154 28.77 2.52 -40.80
C PHE A 154 28.34 3.99 -40.81
N ILE A 155 28.74 4.70 -39.76
CA ILE A 155 28.40 6.10 -39.60
C ILE A 155 29.67 6.92 -39.54
N GLN A 156 29.84 7.79 -40.53
CA GLN A 156 31.06 8.57 -40.71
C GLN A 156 31.21 9.63 -39.65
N ASP A 157 30.10 10.25 -39.26
CA ASP A 157 30.14 11.44 -38.40
C ASP A 157 29.94 11.16 -36.91
N ASP A 158 29.47 9.95 -36.58
CA ASP A 158 29.40 9.57 -35.18
C ASP A 158 30.81 9.34 -34.62
N VAL A 159 31.49 10.48 -34.41
CA VAL A 159 32.85 10.57 -33.89
C VAL A 159 32.85 10.59 -32.37
N HIS A 160 33.99 10.95 -31.77
CA HIS A 160 34.07 11.07 -30.31
C HIS A 160 35.14 12.06 -29.82
N VAL A 161 35.05 12.41 -28.54
CA VAL A 161 35.92 13.37 -27.88
C VAL A 161 36.19 12.89 -26.45
N GLU A 162 37.04 13.61 -25.70
CA GLU A 162 37.23 13.27 -24.29
C GLU A 162 36.41 14.26 -23.47
N PRO A 163 35.34 13.77 -22.81
CA PRO A 163 34.38 14.64 -22.13
C PRO A 163 35.01 15.49 -21.04
N TYR A 164 35.90 14.92 -20.22
CA TYR A 164 36.54 15.71 -19.18
C TYR A 164 37.16 16.98 -19.75
N PHE A 165 37.87 16.82 -20.86
CA PHE A 165 38.58 17.94 -21.47
C PHE A 165 37.69 18.90 -22.25
N VAL A 166 36.63 18.41 -22.88
CA VAL A 166 35.59 19.30 -23.40
C VAL A 166 35.11 20.21 -22.29
N CYS A 167 34.90 19.62 -21.12
CA CYS A 167 34.43 20.37 -19.96
C CYS A 167 35.48 21.38 -19.51
N LYS A 168 36.75 20.98 -19.47
CA LYS A 168 37.79 21.89 -19.02
C LYS A 168 38.09 23.00 -20.05
N ALA A 169 38.11 22.65 -21.33
CA ALA A 169 38.24 23.66 -22.38
C ALA A 169 37.18 24.78 -22.26
N TYR A 170 35.92 24.38 -22.09
CA TYR A 170 34.79 25.30 -21.98
C TYR A 170 34.95 26.20 -20.76
N VAL A 171 35.21 25.62 -19.59
CA VAL A 171 35.30 26.41 -18.36
C VAL A 171 36.50 27.36 -18.37
N LYS A 172 37.61 26.90 -18.91
CA LYS A 172 38.81 27.73 -19.01
C LYS A 172 38.53 28.88 -19.98
N ALA A 173 37.96 28.55 -21.13
CA ALA A 173 37.60 29.54 -22.12
C ALA A 173 36.71 30.59 -21.50
N ALA A 174 35.75 30.14 -20.69
CA ALA A 174 34.81 31.03 -20.05
C ALA A 174 35.52 32.00 -19.12
N LYS A 175 36.40 31.48 -18.26
CA LYS A 175 37.16 32.34 -17.35
C LYS A 175 37.86 33.46 -18.09
N MET A 176 38.52 33.10 -19.18
CA MET A 176 39.23 34.04 -20.01
C MET A 176 38.29 35.10 -20.60
N LEU A 177 37.06 34.70 -20.91
CA LEU A 177 36.06 35.65 -21.39
C LEU A 177 35.45 36.47 -20.24
N GLY A 178 35.84 36.14 -19.01
CA GLY A 178 35.50 36.95 -17.82
C GLY A 178 34.61 36.32 -16.78
N ALA A 179 34.21 35.07 -17.02
CA ALA A 179 33.32 34.34 -16.11
C ALA A 179 34.00 33.98 -14.81
N GLU A 180 33.22 33.89 -13.73
CA GLU A 180 33.79 33.52 -12.44
C GLU A 180 33.40 32.14 -11.97
N ILE A 181 34.43 31.35 -11.71
CA ILE A 181 34.23 29.96 -11.37
C ILE A 181 34.57 29.71 -9.91
N PHE A 182 33.60 29.11 -9.21
CA PHE A 182 33.76 28.79 -7.81
C PHE A 182 33.52 27.31 -7.59
N GLU A 183 34.60 26.55 -7.53
CA GLU A 183 34.55 25.14 -7.20
C GLU A 183 34.36 25.01 -5.70
N HIS A 184 34.05 23.80 -5.21
CA HIS A 184 33.87 23.57 -3.77
C HIS A 184 32.84 24.53 -3.13
N THR A 185 31.82 24.90 -3.89
CA THR A 185 30.79 25.79 -3.40
C THR A 185 29.40 25.26 -3.77
N PRO A 186 28.82 24.40 -2.90
CA PRO A 186 27.46 23.88 -3.18
C PRO A 186 26.45 25.01 -3.13
N VAL A 187 25.45 24.97 -3.99
CA VAL A 187 24.31 25.87 -3.83
C VAL A 187 23.30 25.17 -2.94
N LEU A 188 22.95 25.83 -1.85
CA LEU A 188 22.02 25.27 -0.86
C LEU A 188 20.56 25.55 -1.21
N HIS A 189 20.30 26.70 -1.81
CA HIS A 189 18.93 27.15 -2.02
C HIS A 189 18.85 28.22 -3.11
N VAL A 190 17.74 28.24 -3.83
CA VAL A 190 17.40 29.35 -4.72
C VAL A 190 16.09 30.00 -4.26
N GLU A 191 16.13 31.33 -4.14
CA GLU A 191 14.99 32.16 -3.80
C GLU A 191 15.06 33.41 -4.68
N ARG A 192 14.03 33.78 -5.45
CA ARG A 192 12.72 33.15 -5.68
C ARG A 192 11.64 34.22 -5.50
N ASP A 193 11.65 34.90 -4.34
CA ASP A 193 10.62 35.90 -3.98
C ASP A 193 10.96 37.36 -4.29
N GLY A 194 12.18 37.77 -3.93
CA GLY A 194 12.63 39.15 -4.13
C GLY A 194 12.55 39.66 -5.56
N GLU A 195 12.88 40.94 -5.74
CA GLU A 195 12.97 41.53 -7.07
C GLU A 195 13.91 40.66 -7.88
N ALA A 196 15.15 40.55 -7.40
CA ALA A 196 16.11 39.63 -8.00
C ALA A 196 16.08 38.25 -7.33
N LEU A 197 16.63 37.28 -8.03
CA LEU A 197 16.88 35.96 -7.50
C LEU A 197 18.10 36.04 -6.60
N PHE A 198 18.15 35.17 -5.61
CA PHE A 198 19.39 35.00 -4.89
C PHE A 198 19.63 33.55 -4.52
N ILE A 199 20.89 33.18 -4.47
CA ILE A 199 21.28 31.83 -4.16
C ILE A 199 22.12 31.82 -2.88
N LYS A 200 21.90 30.80 -2.05
CA LYS A 200 22.66 30.63 -0.81
C LYS A 200 23.77 29.60 -0.96
N THR A 201 24.99 29.98 -0.59
CA THR A 201 26.12 29.05 -0.52
C THR A 201 26.63 29.00 0.91
N PRO A 202 27.47 27.99 1.25
CA PRO A 202 28.18 28.05 2.53
C PRO A 202 29.12 29.25 2.70
N SER A 203 29.41 29.98 1.61
CA SER A 203 30.27 31.16 1.69
C SER A 203 29.42 32.44 1.63
N GLY A 204 28.11 32.30 1.89
CA GLY A 204 27.17 33.42 1.81
C GLY A 204 26.42 33.53 0.49
N ASP A 205 25.48 34.47 0.45
CA ASP A 205 24.52 34.60 -0.64
C ASP A 205 24.98 35.49 -1.79
N VAL A 206 24.33 35.30 -2.95
CA VAL A 206 24.63 36.01 -4.19
C VAL A 206 23.31 36.35 -4.89
N TRP A 207 23.22 37.56 -5.45
CA TRP A 207 22.04 37.98 -6.21
C TRP A 207 22.26 37.76 -7.71
N ALA A 208 21.19 37.43 -8.43
CA ALA A 208 21.28 37.19 -9.89
C ALA A 208 20.03 37.59 -10.64
N ASN A 209 20.22 38.10 -11.87
CA ASN A 209 19.09 38.36 -12.78
C ASN A 209 18.55 37.07 -13.41
N HIS A 210 19.42 36.07 -13.54
CA HIS A 210 19.03 34.77 -14.11
C HIS A 210 19.74 33.62 -13.41
N VAL A 211 19.05 32.51 -13.25
CA VAL A 211 19.64 31.32 -12.65
C VAL A 211 19.43 30.11 -13.52
N VAL A 212 20.53 29.42 -13.83
CA VAL A 212 20.44 28.20 -14.61
C VAL A 212 20.77 27.03 -13.71
N VAL A 213 19.85 26.08 -13.67
CA VAL A 213 20.10 24.86 -12.94
C VAL A 213 20.70 23.84 -13.91
N ALA A 214 21.96 23.47 -13.67
CA ALA A 214 22.59 22.44 -14.49
C ALA A 214 23.32 21.47 -13.57
N SER A 215 22.57 20.76 -12.75
CA SER A 215 23.16 19.93 -11.70
C SER A 215 22.99 18.46 -11.97
N GLY A 216 22.79 18.12 -13.25
CA GLY A 216 22.65 16.74 -13.68
C GLY A 216 21.63 15.99 -12.83
N VAL A 217 22.02 14.81 -12.37
CA VAL A 217 21.08 13.91 -11.71
C VAL A 217 20.60 14.45 -10.34
N TRP A 218 21.34 15.39 -9.76
CA TRP A 218 20.98 16.05 -8.49
C TRP A 218 20.05 17.26 -8.63
N SER A 219 19.54 17.53 -9.83
CA SER A 219 18.74 18.73 -10.09
C SER A 219 17.34 18.76 -9.45
N GLY A 220 16.86 17.62 -8.98
CA GLY A 220 15.50 17.53 -8.42
C GLY A 220 15.31 18.48 -7.25
N MET A 221 16.34 18.63 -6.44
CA MET A 221 16.33 19.53 -5.29
C MET A 221 15.81 20.92 -5.66
N PHE A 222 16.31 21.44 -6.78
CA PHE A 222 16.02 22.80 -7.19
C PHE A 222 14.63 22.89 -7.80
N PHE A 223 14.29 21.91 -8.62
CA PHE A 223 12.95 21.81 -9.14
C PHE A 223 11.97 21.89 -7.96
N LYS A 224 12.19 21.09 -6.92
CA LYS A 224 11.25 21.12 -5.80
C LYS A 224 11.28 22.42 -4.99
N GLN A 225 12.47 22.98 -4.79
CA GLN A 225 12.55 24.25 -4.06
C GLN A 225 11.74 25.29 -4.77
N LEU A 226 11.56 25.11 -6.08
CA LEU A 226 10.97 26.10 -6.96
C LEU A 226 9.54 25.77 -7.39
N GLY A 227 8.87 24.93 -6.61
CA GLY A 227 7.48 24.54 -6.87
C GLY A 227 7.26 23.61 -8.06
N LEU A 228 8.21 22.73 -8.34
CA LEU A 228 8.11 21.83 -9.48
C LEU A 228 8.40 20.40 -9.09
N ASN A 229 7.72 19.46 -9.73
CA ASN A 229 7.82 18.07 -9.36
C ASN A 229 8.68 17.21 -10.29
N ASN A 230 9.42 17.84 -11.18
CA ASN A 230 10.34 17.09 -12.05
C ASN A 230 11.34 16.29 -11.24
N ALA A 231 11.30 14.99 -11.45
CA ALA A 231 12.15 14.05 -10.75
C ALA A 231 13.31 13.56 -11.66
N PHE A 232 14.41 13.14 -11.05
CA PHE A 232 15.47 12.46 -11.81
C PHE A 232 15.78 11.09 -11.23
N LEU A 233 15.93 10.12 -12.13
CA LEU A 233 16.29 8.77 -11.74
C LEU A 233 17.69 8.48 -12.25
N PRO A 234 18.63 8.16 -11.33
CA PRO A 234 19.98 7.78 -11.77
C PRO A 234 19.94 6.43 -12.46
N VAL A 235 20.66 6.33 -13.57
CA VAL A 235 20.95 5.03 -14.16
C VAL A 235 22.47 4.97 -14.17
N LYS A 236 23.00 4.15 -13.27
CA LYS A 236 24.45 3.98 -13.14
C LYS A 236 25.03 3.20 -14.31
N GLY A 237 26.20 3.65 -14.74
CA GLY A 237 26.91 3.02 -15.84
C GLY A 237 28.32 2.75 -15.40
N GLU A 238 28.72 1.49 -15.55
CA GLU A 238 30.06 1.05 -15.21
C GLU A 238 30.88 0.78 -16.46
N CYS A 239 32.09 1.33 -16.47
CA CYS A 239 33.02 1.20 -17.58
C CYS A 239 34.38 0.82 -17.10
N LEU A 240 35.19 0.38 -18.07
CA LEU A 240 36.58 0.09 -17.88
C LEU A 240 37.37 0.49 -19.13
N SER A 241 38.69 0.60 -19.00
CA SER A 241 39.59 0.82 -20.15
C SER A 241 40.71 -0.21 -20.20
N VAL A 242 41.15 -0.52 -21.41
CA VAL A 242 42.33 -1.38 -21.61
C VAL A 242 43.41 -0.62 -22.38
N TRP A 243 44.58 -1.24 -22.51
CA TRP A 243 45.58 -0.80 -23.51
C TRP A 243 45.54 -1.71 -24.72
N ASN A 244 45.30 -1.12 -25.89
CA ASN A 244 45.40 -1.81 -27.17
C ASN A 244 46.77 -1.53 -27.75
N ASP A 245 47.75 -2.37 -27.40
CA ASP A 245 49.11 -2.26 -27.93
C ASP A 245 49.36 -3.16 -29.14
N ASP A 246 48.37 -3.97 -29.53
CA ASP A 246 48.60 -5.09 -30.45
C ASP A 246 47.79 -5.08 -31.75
N ILE A 247 46.61 -4.46 -31.70
CA ILE A 247 45.62 -4.58 -32.74
C ILE A 247 45.35 -3.20 -33.37
N PRO A 248 45.19 -3.15 -34.71
CA PRO A 248 44.63 -1.92 -35.29
C PRO A 248 43.13 -1.82 -35.00
N LEU A 249 42.69 -0.66 -34.55
CA LEU A 249 41.27 -0.38 -34.37
C LEU A 249 41.02 1.12 -34.46
N THR A 250 40.33 1.51 -35.52
CA THR A 250 40.08 2.93 -35.82
C THR A 250 38.61 3.27 -35.55
N LYS A 251 37.73 2.36 -35.91
CA LYS A 251 36.30 2.57 -35.78
C LYS A 251 35.76 2.16 -34.40
N THR A 252 34.85 2.95 -33.88
CA THR A 252 34.13 2.57 -32.70
C THR A 252 33.20 1.40 -33.03
N LEU A 253 33.23 0.37 -32.20
CA LEU A 253 32.34 -0.75 -32.34
C LEU A 253 31.16 -0.60 -31.37
N TYR A 254 29.96 -0.83 -31.89
CA TYR A 254 28.74 -0.60 -31.13
C TYR A 254 27.78 -1.75 -31.31
N HIS A 255 27.18 -2.17 -30.19
CA HIS A 255 26.11 -3.15 -30.23
C HIS A 255 25.27 -3.08 -28.98
N ASP A 256 23.97 -2.94 -29.19
CA ASP A 256 22.98 -3.04 -28.14
C ASP A 256 23.36 -2.18 -26.93
N ALA A 257 23.61 -0.90 -27.19
CA ALA A 257 23.98 0.07 -26.14
C ALA A 257 25.37 -0.11 -25.48
N CYS A 258 26.10 -1.14 -25.91
CA CYS A 258 27.47 -1.35 -25.47
C CYS A 258 28.50 -0.96 -26.54
N TYR A 259 29.72 -0.66 -26.11
CA TYR A 259 30.69 0.00 -26.98
C TYR A 259 32.15 -0.22 -26.60
N ILE A 260 32.98 -0.20 -27.62
CA ILE A 260 34.42 -0.22 -27.50
C ILE A 260 34.90 0.98 -28.30
N VAL A 261 35.47 1.96 -27.62
CA VAL A 261 35.82 3.23 -28.23
C VAL A 261 37.36 3.42 -28.21
N PRO A 262 37.99 3.48 -29.41
CA PRO A 262 39.45 3.64 -29.46
C PRO A 262 39.90 5.08 -29.23
N ARG A 263 40.70 5.31 -28.20
CA ARG A 263 41.21 6.66 -27.95
C ARG A 263 42.56 6.94 -28.63
N LYS A 264 42.93 8.22 -28.70
CA LYS A 264 44.15 8.65 -29.40
C LYS A 264 45.42 8.29 -28.61
N SER A 265 45.21 7.70 -27.44
CA SER A 265 46.29 7.31 -26.54
C SER A 265 46.62 5.82 -26.66
N GLY A 266 45.83 5.07 -27.43
CA GLY A 266 45.95 3.62 -27.50
C GLY A 266 45.11 2.88 -26.46
N ARG A 267 44.44 3.63 -25.60
CA ARG A 267 43.43 3.03 -24.72
C ARG A 267 42.17 2.70 -25.50
N LEU A 268 41.44 1.68 -25.06
CA LEU A 268 40.07 1.49 -25.51
C LEU A 268 39.17 1.75 -24.32
N VAL A 269 38.10 2.52 -24.53
CA VAL A 269 37.10 2.75 -23.50
C VAL A 269 35.93 1.78 -23.74
N VAL A 270 35.58 1.03 -22.69
CA VAL A 270 34.63 -0.08 -22.85
C VAL A 270 33.43 0.06 -21.91
N GLY A 271 32.23 -0.03 -22.45
CA GLY A 271 31.02 0.08 -21.62
C GLY A 271 29.75 -0.41 -22.33
N ALA A 272 28.61 -0.42 -21.64
CA ALA A 272 28.47 -0.10 -20.19
C ALA A 272 27.21 -0.74 -19.60
N THR A 273 27.19 -0.93 -18.30
CA THR A 273 25.98 -1.38 -17.62
C THR A 273 24.91 -0.29 -17.55
N MET A 274 23.68 -0.75 -17.29
CA MET A 274 22.53 0.12 -17.06
C MET A 274 21.93 -0.32 -15.73
N LYS A 275 22.02 0.53 -14.73
CA LYS A 275 21.55 0.17 -13.38
C LYS A 275 20.66 1.27 -12.79
N PRO A 276 19.35 1.15 -13.02
CA PRO A 276 18.42 2.21 -12.64
C PRO A 276 18.19 2.21 -11.13
N GLY A 277 18.21 3.40 -10.55
CA GLY A 277 17.94 3.56 -9.12
C GLY A 277 19.19 3.41 -8.28
N ASP A 278 20.31 3.10 -8.92
CA ASP A 278 21.55 2.94 -8.21
C ASP A 278 22.35 4.24 -8.25
N TRP A 279 22.55 4.81 -7.08
CA TRP A 279 23.20 6.11 -6.92
C TRP A 279 24.68 5.98 -6.63
N SER A 280 25.20 4.76 -6.54
CA SER A 280 26.63 4.58 -6.20
C SER A 280 27.52 4.93 -7.38
N GLU A 281 28.68 5.50 -7.09
CA GLU A 281 29.58 5.96 -8.15
C GLU A 281 30.89 5.19 -8.34
N THR A 282 31.00 4.00 -7.78
CA THR A 282 32.10 3.08 -8.10
C THR A 282 31.54 1.74 -8.60
N PRO A 283 32.23 1.10 -9.55
CA PRO A 283 31.77 -0.19 -10.08
C PRO A 283 31.72 -1.29 -9.02
N ASP A 284 30.70 -2.15 -9.09
CA ASP A 284 30.79 -3.41 -8.36
C ASP A 284 31.26 -4.54 -9.25
N LEU A 285 31.58 -5.66 -8.62
CA LEU A 285 32.22 -6.77 -9.28
C LEU A 285 31.37 -7.32 -10.45
N GLY A 286 30.06 -7.48 -10.22
CA GLY A 286 29.13 -8.04 -11.22
C GLY A 286 29.02 -7.16 -12.45
N GLY A 287 28.94 -5.86 -12.20
CA GLY A 287 28.93 -4.85 -13.25
C GLY A 287 30.10 -5.02 -14.21
N LEU A 288 31.32 -4.88 -13.69
CA LEU A 288 32.53 -5.05 -14.50
C LEU A 288 32.59 -6.42 -15.21
N GLU A 289 32.21 -7.49 -14.52
CA GLU A 289 32.17 -8.81 -15.13
C GLU A 289 31.32 -8.81 -16.39
N SER A 290 30.17 -8.15 -16.34
CA SER A 290 29.21 -8.25 -17.44
C SER A 290 29.66 -7.38 -18.60
N VAL A 291 30.36 -6.30 -18.27
CA VAL A 291 31.00 -5.41 -19.26
C VAL A 291 32.11 -6.16 -20.01
N MET A 292 32.90 -6.94 -19.27
CA MET A 292 33.98 -7.73 -19.86
C MET A 292 33.45 -8.85 -20.76
N LYS A 293 32.41 -9.52 -20.30
CA LYS A 293 31.76 -10.59 -21.05
C LYS A 293 31.19 -10.07 -22.40
N LYS A 294 30.44 -8.97 -22.34
CA LYS A 294 29.92 -8.30 -23.53
C LYS A 294 31.00 -7.84 -24.52
N ALA A 295 32.08 -7.24 -24.03
CA ALA A 295 33.16 -6.74 -24.90
C ALA A 295 33.83 -7.83 -25.74
N LYS A 296 34.02 -9.01 -25.16
CA LYS A 296 34.66 -10.15 -25.86
C LYS A 296 33.83 -10.67 -27.05
N THR A 297 32.51 -10.64 -26.93
CA THR A 297 31.63 -11.02 -28.04
C THR A 297 31.78 -10.05 -29.22
N MET A 298 32.20 -8.82 -28.93
CA MET A 298 32.34 -7.77 -29.96
C MET A 298 33.74 -7.75 -30.56
N LEU A 299 34.74 -7.95 -29.72
CA LEU A 299 36.15 -7.93 -30.14
C LEU A 299 36.93 -8.98 -29.36
N PRO A 300 36.92 -10.25 -29.84
CA PRO A 300 37.54 -11.36 -29.08
C PRO A 300 38.96 -11.08 -28.53
N ALA A 301 39.82 -10.48 -29.35
CA ALA A 301 41.19 -10.11 -28.94
C ALA A 301 41.32 -9.24 -27.68
N ILE A 302 40.21 -8.62 -27.26
CA ILE A 302 40.24 -7.70 -26.11
C ILE A 302 40.49 -8.47 -24.80
N GLN A 303 40.24 -9.78 -24.82
CA GLN A 303 40.50 -10.63 -23.65
C GLN A 303 41.99 -10.74 -23.28
N ASN A 304 42.90 -10.51 -24.23
CA ASN A 304 44.36 -10.53 -23.97
C ASN A 304 44.91 -9.15 -23.67
N MET A 305 44.04 -8.14 -23.65
CA MET A 305 44.49 -6.77 -23.44
C MET A 305 44.59 -6.42 -21.96
N LYS A 306 45.60 -5.66 -21.61
CA LYS A 306 45.86 -5.32 -20.21
C LYS A 306 44.85 -4.30 -19.71
N VAL A 307 44.25 -4.57 -18.55
CA VAL A 307 43.34 -3.62 -17.92
C VAL A 307 44.08 -2.37 -17.42
N ASP A 308 43.40 -1.23 -17.54
CA ASP A 308 43.94 0.04 -17.13
C ASP A 308 43.12 0.61 -15.97
N ARG A 309 41.95 1.19 -16.24
CA ARG A 309 41.08 1.71 -15.19
C ARG A 309 39.67 1.14 -15.27
N PHE A 310 38.93 1.31 -14.19
CA PHE A 310 37.52 0.95 -14.08
C PHE A 310 36.83 2.14 -13.39
N TRP A 311 35.60 2.44 -13.78
CA TRP A 311 34.87 3.56 -13.16
C TRP A 311 33.36 3.50 -13.43
N ALA A 312 32.62 4.36 -12.77
CA ALA A 312 31.18 4.40 -12.94
C ALA A 312 30.68 5.85 -12.91
N GLY A 313 29.44 6.04 -13.35
CA GLY A 313 28.81 7.36 -13.37
C GLY A 313 27.29 7.26 -13.39
N LEU A 314 26.62 8.31 -12.96
CA LEU A 314 25.16 8.31 -12.93
C LEU A 314 24.58 9.07 -14.12
N ARG A 315 23.98 8.34 -15.06
CA ARG A 315 23.21 8.99 -16.11
C ARG A 315 22.00 9.64 -15.45
N PRO A 316 21.72 10.91 -15.79
CA PRO A 316 20.55 11.62 -15.26
C PRO A 316 19.23 11.31 -16.00
N GLY A 317 18.50 10.28 -15.57
CA GLY A 317 17.24 9.86 -16.22
C GLY A 317 16.01 10.73 -15.96
N THR A 318 15.09 10.78 -16.93
CA THR A 318 13.83 11.53 -16.78
C THR A 318 12.64 10.64 -17.08
N LYS A 319 11.44 11.08 -16.72
CA LYS A 319 10.25 10.25 -16.90
C LYS A 319 10.05 9.80 -18.36
N ASP A 320 10.32 10.69 -19.31
CA ASP A 320 10.16 10.34 -20.74
C ASP A 320 11.47 10.08 -21.48
N GLY A 321 12.60 10.19 -20.79
CA GLY A 321 13.90 9.99 -21.43
C GLY A 321 14.53 11.17 -22.18
N LYS A 322 13.90 12.34 -22.16
CA LYS A 322 14.49 13.54 -22.77
C LYS A 322 14.88 14.52 -21.67
N PRO A 323 15.86 15.42 -21.94
CA PRO A 323 16.23 16.44 -20.94
C PRO A 323 15.18 17.54 -20.76
N TYR A 324 15.40 18.39 -19.76
CA TYR A 324 14.66 19.61 -19.59
C TYR A 324 15.59 20.77 -19.84
N ILE A 325 15.33 21.51 -20.92
CA ILE A 325 16.16 22.64 -21.31
C ILE A 325 15.27 23.85 -21.58
N GLY A 326 15.10 24.72 -20.61
CA GLY A 326 14.22 25.86 -20.80
C GLY A 326 13.82 26.57 -19.53
N ARG A 327 12.93 27.54 -19.68
CA ARG A 327 12.49 28.40 -18.59
C ARG A 327 11.54 27.68 -17.63
N HIS A 328 11.57 28.13 -16.37
CA HIS A 328 10.53 27.82 -15.39
C HIS A 328 9.21 28.36 -15.96
N PRO A 329 8.17 27.50 -16.06
CA PRO A 329 6.91 27.94 -16.68
C PRO A 329 6.25 29.17 -16.01
N GLU A 330 6.69 29.52 -14.81
CA GLU A 330 6.14 30.67 -14.11
C GLU A 330 7.14 31.78 -13.83
N ASP A 331 8.35 31.67 -14.37
CA ASP A 331 9.41 32.64 -14.09
C ASP A 331 10.54 32.58 -15.12
N SER A 332 10.56 33.58 -15.98
CA SER A 332 11.53 33.68 -17.07
C SER A 332 12.99 33.82 -16.63
N ARG A 333 13.19 34.14 -15.35
CA ARG A 333 14.53 34.36 -14.85
C ARG A 333 15.22 33.05 -14.49
N ILE A 334 14.43 31.98 -14.35
CA ILE A 334 14.95 30.68 -13.91
C ILE A 334 14.90 29.65 -15.04
N LEU A 335 16.06 29.08 -15.34
CA LEU A 335 16.15 28.08 -16.41
C LEU A 335 16.73 26.78 -15.92
N PHE A 336 16.44 25.70 -16.63
CA PHE A 336 16.95 24.37 -16.31
C PHE A 336 17.52 23.75 -17.57
N ALA A 337 18.57 22.95 -17.39
CA ALA A 337 19.25 22.27 -18.47
C ALA A 337 19.85 21.01 -17.85
N ALA A 338 19.03 19.96 -17.80
CA ALA A 338 19.37 18.76 -17.06
C ALA A 338 18.54 17.59 -17.55
N GLY A 339 19.10 16.38 -17.48
CA GLY A 339 18.37 15.19 -17.86
C GLY A 339 18.81 14.65 -19.19
N HIS A 340 20.07 14.91 -19.55
CA HIS A 340 20.68 14.33 -20.74
C HIS A 340 21.12 12.91 -20.38
N PHE A 341 20.26 11.94 -20.67
CA PHE A 341 20.44 10.57 -20.27
C PHE A 341 21.79 9.99 -20.72
N ARG A 342 21.81 9.46 -21.94
CA ARG A 342 22.97 8.83 -22.54
C ARG A 342 23.69 9.76 -23.50
N ASN A 343 23.32 11.04 -23.53
CA ASN A 343 23.81 11.91 -24.60
C ASN A 343 24.16 13.36 -24.25
N GLY A 344 24.54 13.58 -23.00
CA GLY A 344 24.90 14.91 -22.55
C GLY A 344 26.13 15.48 -23.22
N ILE A 345 27.01 14.62 -23.73
CA ILE A 345 28.25 15.10 -24.33
C ILE A 345 27.98 15.61 -25.75
N LEU A 346 27.31 14.76 -26.52
CA LEU A 346 26.72 15.19 -27.79
C LEU A 346 25.98 16.52 -27.69
N LEU A 347 25.12 16.66 -26.70
CA LEU A 347 24.17 17.78 -26.68
C LEU A 347 24.65 19.01 -25.97
N ALA A 348 25.88 18.97 -25.45
CA ALA A 348 26.38 20.04 -24.59
C ALA A 348 26.40 21.39 -25.31
N PRO A 349 26.98 21.44 -26.51
CA PRO A 349 27.00 22.73 -27.21
C PRO A 349 25.61 23.26 -27.55
N ALA A 350 24.73 22.41 -28.06
CA ALA A 350 23.37 22.84 -28.41
C ALA A 350 22.62 23.30 -27.16
N THR A 351 22.83 22.60 -26.03
CA THR A 351 22.17 22.99 -24.79
C THR A 351 22.70 24.35 -24.35
N GLY A 352 24.01 24.51 -24.40
CA GLY A 352 24.63 25.76 -24.02
C GLY A 352 24.16 26.93 -24.86
N ALA A 353 24.07 26.72 -26.18
CA ALA A 353 23.63 27.76 -27.11
C ALA A 353 22.18 28.12 -26.84
N LEU A 354 21.34 27.10 -26.64
CA LEU A 354 19.92 27.32 -26.41
C LEU A 354 19.62 28.14 -25.14
N ILE A 355 20.22 27.72 -24.01
CA ILE A 355 20.08 28.40 -22.74
C ILE A 355 20.50 29.85 -22.87
N SER A 356 21.67 30.09 -23.45
CA SER A 356 22.19 31.44 -23.65
C SER A 356 21.26 32.33 -24.48
N ASP A 357 20.77 31.79 -25.60
CA ASP A 357 19.87 32.53 -26.47
C ASP A 357 18.58 32.87 -25.74
N LEU A 358 18.04 31.93 -24.96
CA LEU A 358 16.84 32.19 -24.15
C LEU A 358 17.05 33.30 -23.15
N ILE A 359 18.24 33.39 -22.59
CA ILE A 359 18.51 34.38 -21.58
C ILE A 359 18.68 35.75 -22.21
N MET A 360 19.20 35.76 -23.44
CA MET A 360 19.40 36.99 -24.18
C MET A 360 18.11 37.41 -24.90
N ASN A 361 17.04 36.64 -24.71
CA ASN A 361 15.74 36.86 -25.40
C ASN A 361 15.87 36.87 -26.91
N LYS A 362 16.80 36.08 -27.42
CA LYS A 362 16.90 35.83 -28.84
C LYS A 362 15.80 34.87 -29.25
N GLU A 363 15.60 34.73 -30.56
CA GLU A 363 14.59 33.85 -31.08
C GLU A 363 15.25 32.50 -31.29
N VAL A 364 14.60 31.44 -30.82
CA VAL A 364 15.14 30.09 -30.89
C VAL A 364 14.23 29.19 -31.66
N ASN A 365 14.80 28.11 -32.19
CA ASN A 365 14.01 27.05 -32.81
C ASN A 365 12.90 26.62 -31.86
N GLN A 366 11.67 26.63 -32.36
CA GLN A 366 10.50 26.48 -31.52
C GLN A 366 10.16 25.02 -31.26
N ASP A 367 10.56 24.13 -32.18
CA ASP A 367 10.34 22.70 -31.99
C ASP A 367 11.19 22.20 -30.82
N TRP A 368 12.40 22.73 -30.73
CA TRP A 368 13.34 22.43 -29.66
C TRP A 368 12.85 22.98 -28.30
N LEU A 369 12.42 24.24 -28.29
CA LEU A 369 11.82 24.82 -27.09
C LEU A 369 10.69 23.91 -26.57
N HIS A 370 9.80 23.49 -27.46
CA HIS A 370 8.69 22.66 -27.04
C HIS A 370 9.13 21.27 -26.54
N ALA A 371 10.01 20.60 -27.28
CA ALA A 371 10.45 19.25 -26.95
C ALA A 371 11.07 19.09 -25.53
N PHE A 372 11.77 20.13 -25.08
CA PHE A 372 12.53 20.08 -23.85
C PHE A 372 11.98 21.04 -22.82
N ARG A 373 10.72 21.42 -22.99
CA ARG A 373 10.06 22.30 -22.03
C ARG A 373 9.83 21.56 -20.71
N ILE A 374 9.77 22.35 -19.63
CA ILE A 374 9.69 21.82 -18.27
C ILE A 374 8.33 21.18 -17.96
N ASP A 375 7.26 21.84 -18.41
CA ASP A 375 5.90 21.40 -18.13
C ASP A 375 5.45 20.42 -19.24
N ARG A 376 5.76 19.14 -19.08
CA ARG A 376 5.37 18.14 -20.06
C ARG A 376 4.31 17.21 -19.47
N LYS A 377 3.04 17.54 -19.72
CA LYS A 377 1.89 16.83 -19.12
C LYS A 377 1.52 15.58 -19.91
N MET B 14 15.15 0.95 2.31
CA MET B 14 14.95 2.21 3.11
C MET B 14 13.53 2.39 3.64
N LYS B 15 13.39 2.40 4.95
CA LYS B 15 12.10 2.42 5.65
C LYS B 15 11.39 3.78 5.63
N ARG B 16 10.16 3.80 6.13
CA ARG B 16 9.38 5.04 6.20
C ARG B 16 9.75 5.85 7.43
N HIS B 17 10.17 5.14 8.47
CA HIS B 17 10.41 5.72 9.78
C HIS B 17 11.60 5.08 10.47
N TYR B 18 12.38 5.91 11.16
CA TYR B 18 13.43 5.43 12.05
C TYR B 18 13.27 6.16 13.36
N GLU B 19 13.73 5.55 14.45
CA GLU B 19 13.72 6.21 15.74
C GLU B 19 14.75 7.33 15.73
N ALA B 20 15.87 7.07 15.07
CA ALA B 20 16.93 8.05 14.99
C ALA B 20 17.59 8.09 13.61
N VAL B 21 17.80 9.30 13.13
CA VAL B 21 18.48 9.49 11.86
C VAL B 21 19.79 10.27 12.08
N VAL B 22 20.90 9.75 11.57
CA VAL B 22 22.18 10.46 11.68
C VAL B 22 22.51 11.01 10.31
N ILE B 23 22.75 12.32 10.22
CA ILE B 23 23.10 12.96 8.96
C ILE B 23 24.60 13.25 8.89
N GLY B 24 25.29 12.42 8.12
CA GLY B 24 26.74 12.55 7.91
C GLY B 24 27.48 11.31 8.38
N GLY B 25 28.35 10.78 7.54
CA GLY B 25 29.11 9.59 7.87
C GLY B 25 30.62 9.78 7.92
N GLY B 26 31.07 10.88 8.52
CA GLY B 26 32.47 10.99 8.93
C GLY B 26 32.65 10.20 10.23
N ILE B 27 33.78 10.37 10.90
CA ILE B 27 34.01 9.61 12.13
C ILE B 27 32.93 9.86 13.18
N ILE B 28 32.47 11.11 13.30
CA ILE B 28 31.48 11.50 14.28
C ILE B 28 30.14 10.81 14.07
N GLY B 29 29.59 10.94 12.86
CA GLY B 29 28.29 10.36 12.56
C GLY B 29 28.31 8.86 12.75
N SER B 30 29.43 8.23 12.36
CA SER B 30 29.61 6.79 12.47
C SER B 30 29.58 6.36 13.92
N ALA B 31 30.30 7.11 14.76
CA ALA B 31 30.33 6.86 16.20
C ALA B 31 28.91 6.93 16.79
N ILE B 32 28.23 8.05 16.55
CA ILE B 32 26.87 8.25 17.04
C ILE B 32 25.98 7.05 16.71
N ALA B 33 26.07 6.59 15.46
CA ALA B 33 25.23 5.51 14.94
C ALA B 33 25.49 4.21 15.67
N TYR B 34 26.76 3.94 15.96
CA TYR B 34 27.12 2.77 16.75
C TYR B 34 26.54 2.87 18.16
N TYR B 35 26.74 4.00 18.83
CA TYR B 35 26.26 4.10 20.22
C TYR B 35 24.73 3.96 20.27
N LEU B 36 24.03 4.61 19.32
CA LEU B 36 22.58 4.44 19.15
C LEU B 36 22.18 3.01 18.90
N ALA B 37 22.85 2.33 17.97
CA ALA B 37 22.52 0.94 17.66
C ALA B 37 22.77 0.03 18.87
N LYS B 38 23.88 0.27 19.57
CA LYS B 38 24.21 -0.43 20.83
C LYS B 38 23.10 -0.31 21.90
N GLU B 39 22.37 0.81 21.89
CA GLU B 39 21.21 1.03 22.74
C GLU B 39 19.89 0.46 22.18
N ASN B 40 19.97 -0.29 21.08
CA ASN B 40 18.77 -0.87 20.44
C ASN B 40 17.80 0.13 19.80
N LYS B 41 18.28 1.34 19.56
CA LYS B 41 17.54 2.31 18.79
C LYS B 41 17.62 1.96 17.30
N ASN B 42 16.45 1.79 16.67
CA ASN B 42 16.37 1.54 15.24
C ASN B 42 16.89 2.74 14.46
N THR B 43 18.12 2.61 13.97
CA THR B 43 18.91 3.77 13.52
C THR B 43 19.30 3.74 12.04
N ALA B 44 19.18 4.91 11.39
CA ALA B 44 19.65 5.11 10.01
C ALA B 44 20.71 6.21 9.95
N LEU B 45 21.64 6.04 9.01
CA LEU B 45 22.68 7.05 8.74
C LEU B 45 22.70 7.36 7.26
N PHE B 46 22.73 8.64 6.94
CA PHE B 46 22.78 9.09 5.55
C PHE B 46 24.06 9.88 5.30
N GLU B 47 24.76 9.51 4.23
CA GLU B 47 26.05 10.12 3.85
C GLU B 47 26.02 10.49 2.36
N SER B 48 26.33 11.75 2.05
CA SER B 48 26.40 12.21 0.65
C SER B 48 27.27 11.37 -0.27
N GLY B 49 28.47 11.05 0.21
CA GLY B 49 29.42 10.29 -0.58
C GLY B 49 29.59 8.92 0.02
N THR B 50 30.83 8.62 0.39
CA THR B 50 31.20 7.34 1.02
C THR B 50 31.58 7.59 2.49
N MET B 51 31.35 6.59 3.34
CA MET B 51 31.72 6.68 4.78
C MET B 51 33.19 7.08 4.94
N GLY B 52 33.41 8.10 5.77
CA GLY B 52 34.74 8.62 6.05
C GLY B 52 35.46 9.29 4.88
N GLY B 53 34.74 9.57 3.79
CA GLY B 53 35.35 10.05 2.57
C GLY B 53 35.84 11.49 2.56
N ARG B 54 35.66 12.21 3.67
CA ARG B 54 36.03 13.63 3.70
C ARG B 54 37.09 13.96 4.75
N THR B 55 36.83 14.94 5.60
CA THR B 55 37.85 15.33 6.54
C THR B 55 38.42 14.13 7.33
N THR B 56 37.55 13.22 7.75
CA THR B 56 37.99 12.03 8.47
C THR B 56 39.17 11.36 7.74
N SER B 57 39.10 11.27 6.41
CA SER B 57 40.16 10.65 5.60
C SER B 57 41.47 11.39 5.63
N ALA B 58 41.42 12.70 5.86
CA ALA B 58 42.61 13.52 5.80
C ALA B 58 43.36 13.64 7.15
N ALA B 59 42.79 13.07 8.20
CA ALA B 59 43.29 13.28 9.56
C ALA B 59 44.48 12.37 9.88
N ALA B 60 45.42 12.88 10.66
CA ALA B 60 46.60 12.13 11.06
C ALA B 60 46.24 11.05 12.07
N GLY B 61 45.29 11.35 12.95
CA GLY B 61 44.80 10.35 13.88
C GLY B 61 45.48 10.28 15.24
N MET B 62 46.22 11.33 15.61
CA MET B 62 46.77 11.48 16.96
C MET B 62 45.67 11.66 18.01
N LEU B 63 45.84 11.03 19.15
CA LEU B 63 44.89 11.23 20.23
C LEU B 63 45.49 12.21 21.22
N SER B 64 45.74 13.44 20.77
CA SER B 64 46.44 14.40 21.61
C SER B 64 45.52 15.39 22.32
N ALA B 65 45.32 15.14 23.62
CA ALA B 65 44.56 16.04 24.49
C ALA B 65 45.49 17.10 25.09
N HIS B 66 46.71 16.68 25.44
CA HIS B 66 47.70 17.58 26.02
C HIS B 66 48.23 18.51 24.93
N ARG B 67 47.52 19.62 24.70
N ARG B 67 47.46 19.53 24.61
CA ARG B 67 47.82 20.54 23.60
CA ARG B 67 47.91 20.53 23.67
C ARG B 67 48.09 22.00 24.04
C ARG B 67 47.70 21.91 24.29
N GLU B 68 48.54 22.17 25.28
CA GLU B 68 48.57 23.48 25.95
C GLU B 68 49.47 24.51 25.27
N GLU B 70 45.32 26.07 25.89
CA GLU B 70 46.32 26.06 26.95
C GLU B 70 45.70 25.71 28.31
N GLU B 71 44.71 26.50 28.73
CA GLU B 71 44.04 26.36 30.04
C GLU B 71 43.24 25.06 30.16
N ARG B 72 43.32 24.42 31.33
CA ARG B 72 42.68 23.13 31.59
C ARG B 72 41.22 23.27 32.05
N ASP B 73 40.32 23.34 31.07
CA ASP B 73 38.91 23.60 31.32
C ASP B 73 38.04 22.36 31.08
N ALA B 74 36.77 22.62 30.78
CA ALA B 74 35.80 21.57 30.46
C ALA B 74 36.23 20.78 29.23
N PHE B 75 36.70 21.53 28.23
CA PHE B 75 37.18 20.97 26.98
C PHE B 75 38.29 19.93 27.21
N PHE B 76 39.23 20.28 28.08
CA PHE B 76 40.31 19.38 28.46
C PHE B 76 39.82 18.07 29.10
N ASP B 77 38.89 18.17 30.05
CA ASP B 77 38.34 16.99 30.73
C ASP B 77 37.68 16.05 29.72
N PHE B 78 36.85 16.62 28.86
CA PHE B 78 36.15 15.88 27.82
C PHE B 78 37.13 15.14 26.93
N ALA B 79 38.23 15.82 26.56
CA ALA B 79 39.25 15.24 25.70
C ALA B 79 39.94 14.07 26.39
N MET B 80 40.23 14.26 27.68
CA MET B 80 40.80 13.21 28.51
C MET B 80 39.84 12.06 28.68
N HIS B 81 38.56 12.37 28.82
CA HIS B 81 37.52 11.36 28.94
C HIS B 81 37.41 10.52 27.66
N SER B 82 37.42 11.20 26.51
CA SER B 82 37.43 10.52 25.23
C SER B 82 38.70 9.69 25.02
N GLN B 83 39.84 10.20 25.46
CA GLN B 83 41.09 9.45 25.36
C GLN B 83 40.99 8.16 26.19
N ARG B 84 40.33 8.22 27.34
CA ARG B 84 40.08 7.01 28.11
C ARG B 84 39.20 6.02 27.35
N LEU B 85 38.18 6.53 26.65
CA LEU B 85 37.25 5.68 25.91
C LEU B 85 37.89 4.87 24.77
N TYR B 86 38.97 5.39 24.21
CA TYR B 86 39.75 4.63 23.24
C TYR B 86 40.44 3.39 23.82
N LYS B 87 40.35 3.19 25.14
CA LYS B 87 41.14 2.10 25.76
C LYS B 87 40.81 0.68 25.27
N GLY B 88 39.55 0.27 25.32
CA GLY B 88 39.21 -1.05 24.77
C GLY B 88 38.54 -1.02 23.41
N LEU B 89 38.47 0.18 22.82
CA LEU B 89 37.65 0.43 21.64
C LEU B 89 38.04 -0.47 20.49
N GLY B 90 39.34 -0.51 20.19
CA GLY B 90 39.89 -1.34 19.13
C GLY B 90 39.46 -2.78 19.21
N GLU B 91 39.56 -3.38 20.40
CA GLU B 91 39.11 -4.76 20.58
C GLU B 91 37.60 -4.86 20.48
N GLU B 92 36.92 -3.88 21.07
CA GLU B 92 35.46 -3.85 21.07
C GLU B 92 34.92 -3.83 19.65
N LEU B 93 35.43 -2.92 18.83
CA LEU B 93 34.94 -2.75 17.46
C LEU B 93 35.42 -3.89 16.57
N TYR B 94 36.63 -4.38 16.80
CA TYR B 94 37.14 -5.49 16.00
C TYR B 94 36.25 -6.71 16.09
N ALA B 95 35.77 -7.01 17.30
CA ALA B 95 34.88 -8.12 17.56
C ALA B 95 33.63 -8.06 16.68
N LEU B 96 33.07 -6.86 16.53
CA LEU B 96 31.82 -6.72 15.78
C LEU B 96 32.00 -6.54 14.29
N SER B 97 33.12 -5.92 13.91
CA SER B 97 33.32 -5.43 12.54
C SER B 97 34.36 -6.15 11.66
N GLY B 98 35.33 -6.81 12.28
CA GLY B 98 36.48 -7.38 11.56
C GLY B 98 37.49 -6.32 11.10
N VAL B 99 37.31 -5.09 11.60
CA VAL B 99 38.12 -3.94 11.19
C VAL B 99 39.05 -3.48 12.31
N ASP B 100 40.34 -3.40 11.98
CA ASP B 100 41.39 -2.93 12.88
C ASP B 100 41.52 -1.43 12.74
N ILE B 101 41.52 -0.73 13.87
CA ILE B 101 41.64 0.73 13.87
C ILE B 101 43.09 1.20 13.80
N ARG B 102 44.00 0.22 13.77
CA ARG B 102 45.45 0.45 13.64
C ARG B 102 46.03 1.35 14.72
N GLN B 103 45.88 0.93 15.97
CA GLN B 103 46.37 1.68 17.12
C GLN B 103 47.89 1.53 17.32
N HIS B 104 48.53 2.63 17.69
CA HIS B 104 49.98 2.70 17.82
C HIS B 104 50.35 3.38 19.15
N ASN B 105 50.97 2.63 20.05
CA ASN B 105 51.18 3.12 21.40
C ASN B 105 52.48 3.85 21.68
N GLY B 106 53.24 4.15 20.64
CA GLY B 106 54.56 4.79 20.77
C GLY B 106 54.65 6.04 21.64
N GLY B 107 53.71 6.96 21.49
CA GLY B 107 53.74 8.19 22.27
C GLY B 107 54.33 9.36 21.51
N MET B 108 54.39 10.51 22.19
CA MET B 108 54.69 11.77 21.53
C MET B 108 55.76 12.58 22.27
N PHE B 109 56.68 13.15 21.49
CA PHE B 109 57.59 14.16 21.97
C PHE B 109 57.12 15.49 21.41
N LYS B 110 56.82 16.43 22.30
CA LYS B 110 56.52 17.78 21.87
C LYS B 110 57.80 18.56 21.99
N LEU B 111 58.50 18.73 20.87
CA LEU B 111 59.84 19.30 20.85
C LEU B 111 59.90 20.77 21.29
N ALA B 112 61.09 21.19 21.72
CA ALA B 112 61.39 22.60 22.02
C ALA B 112 62.54 23.11 21.13
N PHE B 113 62.38 24.29 20.57
CA PHE B 113 63.43 24.87 19.74
C PHE B 113 63.98 26.19 20.32
N SER B 114 63.37 26.66 21.40
CA SER B 114 63.80 27.87 22.08
C SER B 114 63.52 27.73 23.56
N GLU B 115 63.90 28.75 24.34
CA GLU B 115 63.66 28.77 25.78
C GLU B 115 62.18 29.03 26.07
N GLU B 116 61.61 29.96 25.29
CA GLU B 116 60.18 30.23 25.30
C GLU B 116 59.43 28.91 25.16
N ASP B 117 59.88 28.09 24.20
CA ASP B 117 59.37 26.74 23.99
C ASP B 117 59.44 25.92 25.26
N VAL B 118 60.62 25.89 25.89
CA VAL B 118 60.84 25.11 27.11
C VAL B 118 59.86 25.51 28.20
N LEU B 119 59.75 26.81 28.43
CA LEU B 119 58.90 27.37 29.48
C LEU B 119 57.44 26.98 29.32
N GLN B 120 56.92 27.14 28.11
CA GLN B 120 55.51 26.86 27.85
C GLN B 120 55.19 25.38 28.05
N LEU B 121 56.11 24.52 27.62
CA LEU B 121 55.92 23.07 27.71
C LEU B 121 56.02 22.57 29.15
N ARG B 122 56.84 23.24 29.96
CA ARG B 122 57.07 22.83 31.36
C ARG B 122 55.88 23.11 32.30
N GLN B 123 54.87 23.81 31.79
CA GLN B 123 53.66 24.09 32.57
C GLN B 123 52.72 22.89 32.64
N MET B 124 52.95 21.91 31.77
CA MET B 124 52.20 20.66 31.80
C MET B 124 52.86 19.64 32.74
N ASP B 125 54.03 20.00 33.28
CA ASP B 125 54.85 19.07 34.08
C ASP B 125 54.12 18.39 35.23
N ASP B 126 53.34 19.17 35.96
CA ASP B 126 52.54 18.67 37.10
C ASP B 126 51.68 17.45 36.76
N LEU B 127 51.23 17.36 35.50
CA LEU B 127 50.50 16.19 35.02
C LEU B 127 51.31 14.88 35.15
N ASP B 128 50.59 13.81 35.47
CA ASP B 128 51.19 12.50 35.69
C ASP B 128 51.58 11.80 34.40
N SER B 129 50.87 12.11 33.33
CA SER B 129 51.08 11.48 32.03
C SER B 129 52.18 12.14 31.19
N VAL B 130 52.80 13.18 31.76
CA VAL B 130 53.75 14.07 31.09
C VAL B 130 55.09 14.13 31.85
N SER B 131 56.19 14.21 31.11
CA SER B 131 57.53 14.43 31.68
C SER B 131 58.30 15.37 30.77
N TRP B 132 59.27 16.09 31.35
CA TRP B 132 60.25 16.79 30.53
C TRP B 132 61.48 15.92 30.26
N TYR B 133 61.95 15.96 29.02
CA TYR B 133 63.20 15.34 28.62
C TYR B 133 64.14 16.46 28.18
N SER B 134 65.42 16.31 28.48
CA SER B 134 66.45 17.22 27.96
C SER B 134 66.85 16.81 26.54
N LYS B 135 67.56 17.70 25.85
CA LYS B 135 68.11 17.44 24.52
C LYS B 135 68.73 16.05 24.43
N GLU B 136 69.52 15.73 25.45
CA GLU B 136 70.33 14.52 25.46
C GLU B 136 69.46 13.29 25.69
N GLU B 137 68.42 13.45 26.51
CA GLU B 137 67.45 12.38 26.79
C GLU B 137 66.50 12.08 25.62
N VAL B 138 66.08 13.12 24.90
CA VAL B 138 65.31 12.94 23.65
C VAL B 138 66.15 12.22 22.60
N LEU B 139 67.40 12.65 22.43
CA LEU B 139 68.27 12.07 21.41
C LEU B 139 68.71 10.64 21.70
N GLU B 140 68.62 10.19 22.95
CA GLU B 140 68.80 8.76 23.27
C GLU B 140 67.65 7.97 22.67
N LYS B 141 66.43 8.47 22.86
CA LYS B 141 65.22 7.76 22.45
C LYS B 141 64.96 7.84 20.95
N GLU B 142 65.14 9.03 20.39
CA GLU B 142 64.95 9.29 18.95
C GLU B 142 66.19 10.00 18.39
N PRO B 143 67.24 9.23 18.08
CA PRO B 143 68.55 9.78 17.73
C PRO B 143 68.55 10.64 16.48
N TYR B 144 67.45 10.61 15.73
CA TYR B 144 67.36 11.35 14.47
C TYR B 144 66.54 12.62 14.54
N ALA B 145 65.90 12.87 15.68
CA ALA B 145 65.28 14.15 15.94
C ALA B 145 66.32 15.26 15.76
N SER B 146 65.88 16.44 15.34
CA SER B 146 66.76 17.57 15.06
C SER B 146 67.71 17.87 16.23
N GLY B 147 68.99 18.01 15.90
CA GLY B 147 70.00 18.40 16.87
C GLY B 147 69.87 19.83 17.41
N ASP B 148 68.92 20.59 16.87
CA ASP B 148 68.65 21.95 17.36
C ASP B 148 67.64 22.00 18.52
N ILE B 149 67.13 20.85 18.94
CA ILE B 149 66.11 20.85 20.01
C ILE B 149 66.72 21.18 21.37
N PHE B 150 65.91 21.82 22.22
CA PHE B 150 66.29 22.13 23.59
C PHE B 150 65.68 21.11 24.56
N GLY B 151 65.26 19.97 24.03
CA GLY B 151 64.52 18.97 24.80
C GLY B 151 63.08 18.85 24.33
N ALA B 152 62.31 18.00 24.99
CA ALA B 152 60.92 17.77 24.61
C ALA B 152 60.03 17.33 25.78
N SER B 153 58.79 17.75 25.75
CA SER B 153 57.77 17.21 26.63
C SER B 153 57.35 15.81 26.12
N PHE B 154 57.60 14.77 26.91
CA PHE B 154 57.18 13.43 26.55
C PHE B 154 55.80 13.15 27.11
N ILE B 155 54.90 12.64 26.28
CA ILE B 155 53.54 12.31 26.70
C ILE B 155 53.19 10.90 26.30
N GLN B 156 53.37 9.96 27.22
CA GLN B 156 53.31 8.53 26.88
C GLN B 156 51.96 8.06 26.29
N ASP B 157 50.87 8.70 26.68
CA ASP B 157 49.54 8.19 26.31
C ASP B 157 48.84 8.94 25.16
N ASP B 158 49.51 9.97 24.61
CA ASP B 158 48.99 10.64 23.41
C ASP B 158 49.30 9.85 22.12
N VAL B 159 48.58 8.73 21.97
CA VAL B 159 48.79 7.73 20.91
C VAL B 159 48.20 8.13 19.55
N HIS B 160 48.25 7.24 18.56
CA HIS B 160 47.56 7.47 17.29
C HIS B 160 46.86 6.24 16.69
N VAL B 161 45.87 6.54 15.85
CA VAL B 161 45.06 5.55 15.15
C VAL B 161 44.97 5.94 13.69
N GLU B 162 44.42 5.06 12.87
CA GLU B 162 44.11 5.40 11.50
C GLU B 162 42.62 5.76 11.33
N PRO B 163 42.34 7.05 11.16
CA PRO B 163 41.01 7.63 11.34
C PRO B 163 39.98 6.99 10.42
N TYR B 164 40.38 6.74 9.18
CA TYR B 164 39.50 6.11 8.23
C TYR B 164 38.99 4.76 8.75
N PHE B 165 39.88 4.02 9.42
CA PHE B 165 39.53 2.67 9.83
C PHE B 165 38.75 2.63 11.14
N VAL B 166 38.90 3.68 11.94
CA VAL B 166 38.08 3.86 13.14
C VAL B 166 36.66 4.09 12.67
N CYS B 167 36.54 4.90 11.62
CA CYS B 167 35.28 5.24 11.01
C CYS B 167 34.62 4.00 10.43
N LYS B 168 35.36 3.25 9.62
CA LYS B 168 34.85 2.01 9.03
C LYS B 168 34.56 0.95 10.08
N ALA B 169 35.36 0.91 11.15
CA ALA B 169 35.10 -0.04 12.22
C ALA B 169 33.75 0.23 12.87
N TYR B 170 33.49 1.49 13.21
CA TYR B 170 32.27 1.89 13.89
C TYR B 170 31.05 1.58 13.04
N VAL B 171 31.10 1.96 11.76
CA VAL B 171 29.92 1.87 10.91
C VAL B 171 29.56 0.42 10.65
N LYS B 172 30.59 -0.41 10.44
CA LYS B 172 30.38 -1.83 10.21
C LYS B 172 29.84 -2.48 11.49
N ALA B 173 30.29 -2.01 12.66
CA ALA B 173 29.78 -2.49 13.92
C ALA B 173 28.29 -2.14 14.11
N ALA B 174 27.96 -0.86 13.90
CA ALA B 174 26.57 -0.42 13.99
C ALA B 174 25.68 -1.27 13.08
N LYS B 175 26.16 -1.49 11.86
CA LYS B 175 25.48 -2.30 10.84
C LYS B 175 25.16 -3.71 11.36
N MET B 176 26.15 -4.33 11.99
CA MET B 176 25.99 -5.63 12.61
C MET B 176 25.01 -5.56 13.79
N LEU B 177 24.87 -4.38 14.38
CA LEU B 177 23.91 -4.18 15.46
C LEU B 177 22.53 -3.73 14.98
N GLY B 178 22.35 -3.57 13.67
CA GLY B 178 21.03 -3.25 13.11
C GLY B 178 20.89 -1.91 12.40
N ALA B 179 21.83 -1.00 12.61
CA ALA B 179 21.81 0.30 11.95
C ALA B 179 21.80 0.17 10.44
N GLU B 180 21.00 0.98 9.77
CA GLU B 180 20.94 0.94 8.32
C GLU B 180 21.69 2.14 7.73
N ILE B 181 22.59 1.86 6.81
CA ILE B 181 23.50 2.88 6.29
C ILE B 181 23.17 3.18 4.85
N PHE B 182 23.09 4.47 4.54
CA PHE B 182 22.81 4.88 3.18
C PHE B 182 23.86 5.86 2.67
N GLU B 183 24.84 5.32 1.96
CA GLU B 183 25.79 6.14 1.25
C GLU B 183 25.15 6.72 -0.01
N HIS B 184 25.81 7.69 -0.63
CA HIS B 184 25.31 8.35 -1.86
C HIS B 184 23.88 8.87 -1.69
N THR B 185 23.56 9.34 -0.49
CA THR B 185 22.21 9.78 -0.17
C THR B 185 22.29 11.09 0.61
N PRO B 186 22.36 12.23 -0.09
CA PRO B 186 22.42 13.50 0.62
C PRO B 186 21.09 13.82 1.27
N VAL B 187 21.12 14.42 2.45
CA VAL B 187 19.90 14.88 3.07
C VAL B 187 19.80 16.34 2.67
N LEU B 188 18.61 16.74 2.20
CA LEU B 188 18.46 18.05 1.56
C LEU B 188 17.79 19.03 2.48
N HIS B 189 16.94 18.50 3.35
CA HIS B 189 16.16 19.32 4.24
C HIS B 189 15.74 18.52 5.46
N VAL B 190 15.79 19.17 6.62
CA VAL B 190 15.15 18.63 7.82
C VAL B 190 13.94 19.53 8.09
N GLU B 191 12.78 18.90 8.27
CA GLU B 191 11.54 19.64 8.51
C GLU B 191 11.02 19.43 9.93
N ARG B 192 10.77 20.53 10.63
CA ARG B 192 10.52 20.51 12.07
C ARG B 192 9.04 20.56 12.51
N ASP B 193 8.13 20.89 11.59
CA ASP B 193 6.76 21.34 11.94
C ASP B 193 5.83 20.39 12.71
N GLY B 194 5.74 19.13 12.31
CA GLY B 194 4.74 18.22 12.87
C GLY B 194 5.07 17.41 14.11
N GLU B 195 4.09 16.62 14.56
CA GLU B 195 4.25 15.73 15.72
C GLU B 195 5.52 14.88 15.63
N ALA B 196 5.96 14.60 14.40
CA ALA B 196 7.25 13.95 14.18
C ALA B 196 8.09 14.68 13.11
N LEU B 197 9.40 14.50 13.24
CA LEU B 197 10.38 15.04 12.30
C LEU B 197 10.36 14.24 10.99
N PHE B 198 10.80 14.89 9.92
CA PHE B 198 11.17 14.17 8.72
C PHE B 198 12.33 14.84 7.98
N ILE B 199 13.04 14.07 7.18
CA ILE B 199 14.07 14.64 6.33
C ILE B 199 13.75 14.34 4.86
N LYS B 200 14.31 15.12 3.96
CA LYS B 200 14.09 14.95 2.52
C LYS B 200 15.38 14.46 1.87
N THR B 201 15.29 13.40 1.06
CA THR B 201 16.42 12.96 0.27
C THR B 201 16.00 12.82 -1.19
N PRO B 202 16.97 12.76 -2.11
CA PRO B 202 16.59 12.52 -3.51
C PRO B 202 15.86 11.18 -3.71
N SER B 203 16.05 10.21 -2.81
CA SER B 203 15.41 8.90 -2.98
C SER B 203 14.10 8.83 -2.21
N GLY B 204 13.62 9.96 -1.73
CA GLY B 204 12.41 9.97 -0.91
C GLY B 204 12.60 10.55 0.47
N ASP B 205 11.53 10.56 1.24
CA ASP B 205 11.49 11.27 2.52
C ASP B 205 11.23 10.32 3.66
N VAL B 206 11.86 10.59 4.79
CA VAL B 206 11.90 9.63 5.88
C VAL B 206 11.49 10.31 7.20
N TRP B 207 10.60 9.66 7.95
CA TRP B 207 10.24 10.19 9.28
C TRP B 207 11.25 9.76 10.32
N ALA B 208 11.35 10.54 11.39
CA ALA B 208 12.27 10.20 12.48
C ALA B 208 11.84 10.78 13.83
N ASN B 209 12.17 10.09 14.92
CA ASN B 209 11.93 10.66 16.25
C ASN B 209 13.04 11.62 16.67
N HIS B 210 14.29 11.25 16.40
CA HIS B 210 15.43 12.15 16.57
C HIS B 210 16.27 12.25 15.29
N VAL B 211 16.73 13.45 15.00
CA VAL B 211 17.67 13.69 13.92
C VAL B 211 18.95 14.25 14.52
N VAL B 212 20.07 13.68 14.09
CA VAL B 212 21.39 14.15 14.50
C VAL B 212 22.15 14.71 13.30
N VAL B 213 22.53 15.97 13.38
CA VAL B 213 23.35 16.61 12.35
C VAL B 213 24.84 16.41 12.62
N ALA B 214 25.48 15.59 11.79
CA ALA B 214 26.90 15.30 11.89
C ALA B 214 27.60 15.45 10.55
N SER B 215 27.51 16.64 9.98
CA SER B 215 27.92 16.86 8.60
C SER B 215 29.23 17.67 8.49
N GLY B 216 29.98 17.69 9.59
CA GLY B 216 31.28 18.36 9.65
C GLY B 216 31.11 19.80 9.18
N VAL B 217 32.04 20.26 8.35
CA VAL B 217 32.09 21.67 7.99
C VAL B 217 30.89 22.14 7.14
N TRP B 218 30.09 21.17 6.69
CA TRP B 218 28.94 21.46 5.84
C TRP B 218 27.67 21.57 6.66
N SER B 219 27.79 21.44 7.97
CA SER B 219 26.63 21.44 8.86
C SER B 219 25.79 22.73 8.88
N GLY B 220 26.40 23.86 8.49
CA GLY B 220 25.74 25.17 8.50
C GLY B 220 24.40 25.15 7.80
N MET B 221 24.33 24.45 6.67
CA MET B 221 23.09 24.26 5.95
C MET B 221 21.93 24.00 6.92
N PHE B 222 22.10 23.00 7.79
CA PHE B 222 21.00 22.55 8.65
C PHE B 222 20.66 23.49 9.80
N PHE B 223 21.68 24.09 10.41
CA PHE B 223 21.49 25.09 11.43
C PHE B 223 20.58 26.20 10.91
N LYS B 224 20.90 26.70 9.72
CA LYS B 224 20.12 27.76 9.09
C LYS B 224 18.68 27.36 8.84
N GLN B 225 18.49 26.21 8.17
CA GLN B 225 17.17 25.62 7.96
C GLN B 225 16.35 25.61 9.26
N LEU B 226 17.02 25.40 10.38
CA LEU B 226 16.31 25.20 11.64
C LEU B 226 16.38 26.43 12.55
N GLY B 227 16.52 27.60 11.93
CA GLY B 227 16.39 28.86 12.65
C GLY B 227 17.56 29.22 13.56
N LEU B 228 18.73 28.65 13.29
CA LEU B 228 19.95 28.92 14.07
C LEU B 228 21.05 29.45 13.16
N ASN B 229 21.83 30.39 13.66
CA ASN B 229 22.79 31.08 12.80
C ASN B 229 24.25 30.61 12.94
N ASN B 230 24.41 29.44 13.55
CA ASN B 230 25.73 28.84 13.74
C ASN B 230 26.44 28.68 12.40
N ALA B 231 27.71 29.11 12.39
CA ALA B 231 28.51 29.18 11.18
C ALA B 231 29.75 28.31 11.30
N PHE B 232 30.19 27.76 10.17
CA PHE B 232 31.41 27.00 10.11
C PHE B 232 32.36 27.62 9.11
N LEU B 233 33.65 27.66 9.49
CA LEU B 233 34.72 28.16 8.64
C LEU B 233 35.65 26.98 8.41
N PRO B 234 35.96 26.65 7.14
CA PRO B 234 36.91 25.57 6.99
C PRO B 234 38.32 26.08 7.21
N VAL B 235 39.15 25.28 7.86
CA VAL B 235 40.58 25.57 7.94
C VAL B 235 41.26 24.39 7.25
N LYS B 236 41.53 24.56 5.96
CA LYS B 236 42.15 23.51 5.14
C LYS B 236 43.52 23.12 5.68
N GLY B 237 43.80 21.82 5.67
CA GLY B 237 45.08 21.33 6.10
C GLY B 237 45.63 20.38 5.08
N GLU B 238 46.86 20.67 4.63
CA GLU B 238 47.53 19.85 3.63
C GLU B 238 48.58 18.96 4.26
N CYS B 239 48.74 17.77 3.70
CA CYS B 239 49.59 16.73 4.28
C CYS B 239 50.31 15.91 3.25
N LEU B 240 51.31 15.18 3.70
CA LEU B 240 52.05 14.25 2.85
C LEU B 240 52.52 13.05 3.66
N SER B 241 52.90 12.00 2.97
CA SER B 241 53.48 10.84 3.59
C SER B 241 54.76 10.45 2.86
N VAL B 242 55.71 9.92 3.63
CA VAL B 242 56.95 9.40 3.08
C VAL B 242 57.14 8.01 3.61
N TRP B 243 57.95 7.22 2.91
CA TRP B 243 58.34 5.92 3.42
C TRP B 243 59.60 6.09 4.27
N ASN B 244 59.57 5.62 5.51
CA ASN B 244 60.75 5.56 6.36
C ASN B 244 61.36 4.18 6.30
N ASP B 245 62.15 3.91 5.27
CA ASP B 245 62.75 2.60 5.13
C ASP B 245 64.10 2.46 5.83
N ASP B 246 64.65 3.56 6.35
CA ASP B 246 66.06 3.58 6.77
C ASP B 246 66.33 3.83 8.25
N ILE B 247 65.44 4.57 8.93
CA ILE B 247 65.72 4.96 10.31
C ILE B 247 64.69 4.46 11.34
N PRO B 248 65.15 4.24 12.60
CA PRO B 248 64.22 3.99 13.71
C PRO B 248 63.50 5.28 14.11
N LEU B 249 62.19 5.17 14.30
CA LEU B 249 61.40 6.27 14.83
C LEU B 249 60.11 5.70 15.39
N THR B 250 60.03 5.71 16.72
CA THR B 250 58.89 5.13 17.42
C THR B 250 57.87 6.19 17.82
N LYS B 251 58.35 7.36 18.21
CA LYS B 251 57.50 8.38 18.78
C LYS B 251 57.09 9.41 17.74
N THR B 252 55.92 10.02 17.96
CA THR B 252 55.46 11.13 17.14
C THR B 252 56.29 12.34 17.52
N LEU B 253 56.68 13.13 16.52
CA LEU B 253 57.32 14.42 16.77
C LEU B 253 56.33 15.54 16.50
N TYR B 254 56.30 16.52 17.40
CA TYR B 254 55.31 17.58 17.38
C TYR B 254 55.99 18.90 17.66
N HIS B 255 55.53 19.95 16.99
CA HIS B 255 55.98 21.30 17.28
C HIS B 255 55.15 22.33 16.54
N ASP B 256 54.73 23.36 17.27
CA ASP B 256 53.98 24.46 16.69
C ASP B 256 52.90 23.95 15.72
N ALA B 257 52.09 23.01 16.20
CA ALA B 257 50.96 22.46 15.43
C ALA B 257 51.35 21.64 14.18
N CYS B 258 52.64 21.39 13.99
CA CYS B 258 53.08 20.48 12.94
C CYS B 258 53.63 19.20 13.56
N TYR B 259 53.67 18.12 12.77
CA TYR B 259 53.89 16.81 13.35
C TYR B 259 54.42 15.85 12.31
N ILE B 260 55.03 14.78 12.80
CA ILE B 260 55.51 13.69 12.00
C ILE B 260 55.11 12.45 12.77
N VAL B 261 54.31 11.60 12.14
CA VAL B 261 53.68 10.50 12.85
C VAL B 261 54.05 9.18 12.16
N PRO B 262 54.70 8.26 12.91
CA PRO B 262 55.10 6.96 12.37
C PRO B 262 54.03 5.89 12.44
N ARG B 263 53.64 5.38 11.27
CA ARG B 263 52.54 4.44 11.14
C ARG B 263 53.09 3.02 11.15
N LYS B 264 52.29 2.03 11.57
CA LYS B 264 52.81 0.65 11.67
C LYS B 264 52.99 -0.06 10.32
N SER B 265 52.97 0.73 9.24
CA SER B 265 53.23 0.28 7.89
C SER B 265 54.65 0.61 7.47
N GLY B 266 55.27 1.57 8.16
CA GLY B 266 56.61 2.02 7.79
C GLY B 266 56.56 3.39 7.12
N ARG B 267 55.33 3.87 6.90
CA ARG B 267 55.07 5.24 6.41
C ARG B 267 55.18 6.27 7.52
N LEU B 268 55.51 7.50 7.14
CA LEU B 268 55.43 8.64 8.06
C LEU B 268 54.37 9.58 7.51
N VAL B 269 53.52 10.11 8.39
CA VAL B 269 52.47 11.04 8.00
C VAL B 269 52.90 12.41 8.49
N VAL B 270 52.89 13.39 7.59
CA VAL B 270 53.49 14.68 7.88
C VAL B 270 52.56 15.81 7.51
N GLY B 271 52.35 16.72 8.46
CA GLY B 271 51.48 17.85 8.24
C GLY B 271 51.67 18.90 9.31
N ALA B 272 50.95 20.01 9.23
CA ALA B 272 49.98 20.30 8.18
C ALA B 272 49.84 21.80 8.03
N THR B 273 49.28 22.24 6.91
CA THR B 273 49.05 23.66 6.73
C THR B 273 47.78 24.07 7.47
N MET B 274 47.54 25.37 7.54
CA MET B 274 46.32 25.90 8.13
C MET B 274 45.82 27.06 7.29
N LYS B 275 44.86 26.77 6.41
CA LYS B 275 44.39 27.78 5.47
C LYS B 275 42.91 28.02 5.72
N PRO B 276 42.58 29.06 6.50
CA PRO B 276 41.18 29.33 6.83
C PRO B 276 40.47 29.96 5.65
N GLY B 277 39.26 29.52 5.36
CA GLY B 277 38.42 30.16 4.34
C GLY B 277 38.57 29.55 2.96
N ASP B 278 39.51 28.61 2.85
CA ASP B 278 39.73 27.79 1.66
C ASP B 278 38.87 26.51 1.76
N TRP B 279 38.02 26.30 0.76
CA TRP B 279 37.18 25.10 0.69
C TRP B 279 37.74 24.01 -0.24
N SER B 280 38.90 24.25 -0.86
CA SER B 280 39.46 23.24 -1.78
C SER B 280 40.02 22.04 -0.99
N GLU B 281 39.87 20.83 -1.53
CA GLU B 281 40.26 19.60 -0.82
C GLU B 281 41.46 18.84 -1.40
N THR B 282 42.21 19.50 -2.27
CA THR B 282 43.44 18.93 -2.79
C THR B 282 44.53 19.97 -2.54
N PRO B 283 45.74 19.53 -2.23
CA PRO B 283 46.84 20.43 -1.87
C PRO B 283 47.37 21.33 -2.99
N ASP B 284 47.64 22.59 -2.64
CA ASP B 284 48.35 23.53 -3.51
C ASP B 284 49.85 23.26 -3.42
N LEU B 285 50.61 23.84 -4.33
CA LEU B 285 52.06 23.64 -4.36
C LEU B 285 52.74 24.34 -3.19
N GLY B 286 52.44 25.63 -3.01
CA GLY B 286 52.94 26.41 -1.88
C GLY B 286 52.74 25.76 -0.52
N GLY B 287 51.59 25.14 -0.33
CA GLY B 287 51.27 24.47 0.93
C GLY B 287 52.14 23.26 1.16
N LEU B 288 52.24 22.42 0.13
CA LEU B 288 53.13 21.27 0.21
C LEU B 288 54.58 21.68 0.37
N GLU B 289 55.01 22.75 -0.29
CA GLU B 289 56.37 23.24 -0.04
C GLU B 289 56.63 23.57 1.44
N SER B 290 55.66 24.19 2.13
CA SER B 290 55.91 24.61 3.50
C SER B 290 55.85 23.45 4.49
N VAL B 291 55.08 22.43 4.16
CA VAL B 291 55.02 21.22 5.00
C VAL B 291 56.37 20.50 4.98
N MET B 292 57.00 20.46 3.80
CA MET B 292 58.34 19.88 3.63
C MET B 292 59.43 20.68 4.36
N LYS B 293 59.37 22.01 4.26
CA LYS B 293 60.31 22.88 4.95
C LYS B 293 60.29 22.59 6.46
N LYS B 294 59.08 22.61 7.02
CA LYS B 294 58.87 22.42 8.44
C LYS B 294 59.32 21.05 8.93
N ALA B 295 58.92 19.99 8.22
CA ALA B 295 59.31 18.62 8.57
C ALA B 295 60.82 18.46 8.72
N LYS B 296 61.59 19.05 7.80
CA LYS B 296 63.05 18.96 7.79
C LYS B 296 63.68 19.62 9.00
N THR B 297 63.03 20.64 9.56
CA THR B 297 63.53 21.30 10.76
C THR B 297 63.35 20.39 11.98
N MET B 298 62.36 19.51 11.94
CA MET B 298 62.11 18.55 13.05
C MET B 298 62.89 17.26 12.91
N LEU B 299 63.02 16.76 11.67
CA LEU B 299 63.68 15.48 11.39
C LEU B 299 64.51 15.53 10.09
N PRO B 300 65.73 16.11 10.14
CA PRO B 300 66.54 16.38 8.94
C PRO B 300 66.59 15.28 7.86
N ALA B 301 66.71 14.03 8.30
CA ALA B 301 66.83 12.87 7.41
C ALA B 301 65.62 12.70 6.48
N ILE B 302 64.52 13.39 6.81
CA ILE B 302 63.31 13.29 6.02
C ILE B 302 63.50 13.75 4.56
N GLN B 303 64.48 14.64 4.33
CA GLN B 303 64.95 15.02 2.98
C GLN B 303 65.10 13.85 2.01
N ASN B 304 65.65 12.73 2.49
CA ASN B 304 66.06 11.61 1.64
C ASN B 304 65.06 10.47 1.58
N MET B 305 63.86 10.72 2.08
CA MET B 305 62.82 9.73 2.08
C MET B 305 61.92 9.92 0.87
N LYS B 306 61.64 8.82 0.19
CA LYS B 306 60.76 8.85 -0.96
C LYS B 306 59.33 9.19 -0.60
N VAL B 307 58.79 10.20 -1.27
CA VAL B 307 57.41 10.64 -1.11
C VAL B 307 56.42 9.56 -1.57
N ASP B 308 55.33 9.43 -0.82
CA ASP B 308 54.29 8.45 -1.06
C ASP B 308 53.03 9.10 -1.60
N ARG B 309 52.38 9.94 -0.79
CA ARG B 309 51.12 10.58 -1.15
C ARG B 309 51.05 11.96 -0.54
N PHE B 310 50.20 12.79 -1.14
CA PHE B 310 49.90 14.12 -0.67
C PHE B 310 48.37 14.23 -0.68
N TRP B 311 47.80 14.92 0.32
CA TRP B 311 46.35 15.06 0.42
C TRP B 311 45.98 16.24 1.30
N ALA B 312 44.69 16.52 1.34
CA ALA B 312 44.17 17.63 2.12
C ALA B 312 42.77 17.32 2.62
N GLY B 313 42.33 18.08 3.61
CA GLY B 313 40.95 18.03 4.08
C GLY B 313 40.62 19.32 4.79
N LEU B 314 39.33 19.51 5.10
CA LEU B 314 38.81 20.72 5.77
C LEU B 314 38.46 20.52 7.26
N ARG B 315 39.29 21.07 8.13
CA ARG B 315 38.93 21.13 9.55
C ARG B 315 37.69 22.00 9.70
N PRO B 316 36.68 21.49 10.42
CA PRO B 316 35.47 22.27 10.68
C PRO B 316 35.62 23.29 11.80
N GLY B 317 36.00 24.52 11.47
CA GLY B 317 36.17 25.57 12.48
C GLY B 317 34.90 26.29 12.86
N THR B 318 34.87 26.82 14.09
CA THR B 318 33.73 27.57 14.64
C THR B 318 34.23 28.91 15.20
N LYS B 319 33.30 29.83 15.47
CA LYS B 319 33.63 31.14 16.05
C LYS B 319 34.64 31.04 17.19
N ASP B 320 34.39 30.14 18.13
CA ASP B 320 35.18 30.07 19.36
C ASP B 320 36.12 28.86 19.48
N GLY B 321 36.30 28.12 18.40
CA GLY B 321 37.20 26.95 18.40
C GLY B 321 36.62 25.64 18.93
N LYS B 322 35.47 25.70 19.60
CA LYS B 322 34.88 24.52 20.24
C LYS B 322 33.78 23.93 19.37
N PRO B 323 33.54 22.62 19.45
CA PRO B 323 32.41 22.07 18.70
C PRO B 323 31.04 22.44 19.28
N TYR B 324 30.00 22.17 18.49
CA TYR B 324 28.64 22.15 18.99
C TYR B 324 28.28 20.70 19.12
N ILE B 325 28.08 20.25 20.37
CA ILE B 325 27.59 18.90 20.63
C ILE B 325 26.41 18.98 21.59
N GLY B 326 25.21 18.71 21.11
CA GLY B 326 24.02 18.84 21.94
C GLY B 326 22.71 19.11 21.23
N ARG B 327 21.71 19.52 21.99
CA ARG B 327 20.35 19.68 21.49
C ARG B 327 20.07 21.03 20.87
N HIS B 328 19.17 21.05 19.89
CA HIS B 328 18.55 22.29 19.44
C HIS B 328 17.88 22.92 20.67
N PRO B 329 18.18 24.20 20.96
CA PRO B 329 17.69 24.79 22.23
C PRO B 329 16.16 24.87 22.28
N GLU B 330 15.53 24.89 21.11
CA GLU B 330 14.05 24.91 21.01
C GLU B 330 13.42 23.54 20.79
N ASP B 331 14.20 22.51 20.48
CA ASP B 331 13.60 21.22 20.05
C ASP B 331 14.48 20.02 20.39
N SER B 332 14.07 19.25 21.39
CA SER B 332 14.95 18.19 21.90
C SER B 332 15.01 16.99 20.97
N ARG B 333 14.16 16.98 19.94
CA ARG B 333 14.25 15.95 18.93
C ARG B 333 15.47 16.13 18.01
N ILE B 334 16.05 17.34 17.99
CA ILE B 334 17.17 17.66 17.09
C ILE B 334 18.52 17.88 17.78
N LEU B 335 19.54 17.13 17.35
CA LEU B 335 20.85 17.26 17.96
C LEU B 335 21.93 17.57 16.92
N PHE B 336 22.99 18.24 17.37
CA PHE B 336 24.14 18.59 16.52
C PHE B 336 25.42 18.00 17.11
N ALA B 337 26.35 17.66 16.22
CA ALA B 337 27.65 17.13 16.60
C ALA B 337 28.67 17.52 15.51
N ALA B 338 29.02 18.81 15.49
CA ALA B 338 29.88 19.33 14.44
C ALA B 338 30.83 20.41 14.94
N GLY B 339 31.99 20.50 14.31
CA GLY B 339 32.93 21.58 14.60
C GLY B 339 34.11 21.17 15.44
N HIS B 340 34.45 19.88 15.43
CA HIS B 340 35.65 19.37 16.09
C HIS B 340 36.88 19.79 15.28
N PHE B 341 37.52 20.85 15.71
CA PHE B 341 38.47 21.56 14.89
C PHE B 341 39.68 20.66 14.55
N ARG B 342 40.66 20.64 15.46
CA ARG B 342 41.88 19.84 15.24
C ARG B 342 41.82 18.52 15.97
N ASN B 343 40.65 18.16 16.50
CA ASN B 343 40.56 17.03 17.43
C ASN B 343 39.33 16.14 17.33
N GLY B 344 38.76 16.11 16.13
CA GLY B 344 37.61 15.26 15.82
C GLY B 344 37.80 13.76 16.01
N ILE B 345 39.00 13.27 15.72
CA ILE B 345 39.28 11.84 15.91
C ILE B 345 39.32 11.53 17.39
N LEU B 346 40.11 12.29 18.14
CA LEU B 346 40.17 12.10 19.59
C LEU B 346 38.76 12.15 20.18
N LEU B 347 37.97 13.16 19.80
CA LEU B 347 36.70 13.40 20.46
C LEU B 347 35.52 12.52 20.03
N ALA B 348 35.69 11.71 19.01
CA ALA B 348 34.57 10.90 18.46
C ALA B 348 33.91 9.91 19.43
N PRO B 349 34.70 9.11 20.18
CA PRO B 349 34.01 8.24 21.13
C PRO B 349 33.19 8.99 22.19
N ALA B 350 33.76 10.01 22.81
CA ALA B 350 32.99 10.75 23.81
C ALA B 350 31.80 11.50 23.17
N THR B 351 32.00 12.01 21.95
CA THR B 351 30.94 12.67 21.20
C THR B 351 29.80 11.69 20.94
N GLY B 352 30.15 10.50 20.44
CA GLY B 352 29.15 9.47 20.18
C GLY B 352 28.34 9.12 21.42
N ALA B 353 29.04 8.85 22.54
CA ALA B 353 28.39 8.51 23.80
C ALA B 353 27.53 9.64 24.35
N LEU B 354 27.97 10.88 24.22
CA LEU B 354 27.19 12.04 24.67
C LEU B 354 25.85 12.22 23.93
N ILE B 355 25.92 12.19 22.60
CA ILE B 355 24.76 12.34 21.73
C ILE B 355 23.76 11.21 22.01
N SER B 356 24.28 9.99 22.12
CA SER B 356 23.47 8.81 22.37
C SER B 356 22.77 8.92 23.72
N ASP B 357 23.54 9.26 24.76
CA ASP B 357 23.02 9.43 26.11
C ASP B 357 21.92 10.49 26.16
N LEU B 358 22.14 11.63 25.50
CA LEU B 358 21.14 12.69 25.45
C LEU B 358 19.84 12.20 24.84
N ILE B 359 19.94 11.46 23.72
CA ILE B 359 18.76 10.92 23.04
C ILE B 359 18.02 9.98 23.98
N MET B 360 18.78 9.15 24.69
CA MET B 360 18.23 8.14 25.61
C MET B 360 17.71 8.76 26.91
N ASN B 361 17.87 10.08 27.05
CA ASN B 361 17.46 10.82 28.26
C ASN B 361 18.20 10.44 29.54
N LYS B 362 19.41 9.92 29.38
CA LYS B 362 20.25 9.61 30.54
C LYS B 362 20.81 10.91 31.06
N GLU B 363 21.36 10.86 32.27
CA GLU B 363 22.04 12.01 32.86
C GLU B 363 23.43 12.08 32.26
N VAL B 364 23.94 13.29 32.05
CA VAL B 364 25.24 13.49 31.43
C VAL B 364 25.98 14.61 32.18
N ASN B 365 27.30 14.61 32.06
CA ASN B 365 28.11 15.70 32.58
C ASN B 365 27.56 17.05 32.11
N GLN B 366 27.19 17.90 33.06
CA GLN B 366 26.50 19.15 32.73
C GLN B 366 27.49 20.27 32.41
N ASP B 367 28.75 20.09 32.78
CA ASP B 367 29.80 21.02 32.36
C ASP B 367 30.09 20.85 30.88
N TRP B 368 30.20 19.58 30.45
CA TRP B 368 30.44 19.22 29.06
C TRP B 368 29.24 19.65 28.23
N LEU B 369 28.06 19.39 28.76
CA LEU B 369 26.81 19.81 28.11
C LEU B 369 26.81 21.32 27.87
N HIS B 370 27.21 22.07 28.88
CA HIS B 370 27.27 23.51 28.77
C HIS B 370 28.36 24.03 27.84
N ALA B 371 29.55 23.42 27.87
CA ALA B 371 30.67 23.91 27.04
C ALA B 371 30.43 23.72 25.55
N PHE B 372 29.69 22.67 25.18
CA PHE B 372 29.47 22.36 23.77
C PHE B 372 28.06 22.69 23.26
N ARG B 373 27.36 23.58 23.98
CA ARG B 373 25.97 23.86 23.66
C ARG B 373 25.84 24.73 22.41
N ILE B 374 24.65 24.78 21.83
CA ILE B 374 24.46 25.36 20.52
C ILE B 374 24.38 26.90 20.55
N ASP B 375 23.64 27.43 21.51
CA ASP B 375 23.49 28.87 21.68
C ASP B 375 24.62 29.43 22.56
N ARG B 376 25.67 29.96 21.93
CA ARG B 376 26.82 30.52 22.64
C ARG B 376 27.04 31.98 22.21
N LYS B 377 27.51 32.81 23.14
CA LYS B 377 27.77 34.27 22.91
C LYS B 377 28.43 34.97 24.13
N MET C 14 3.27 -1.16 -1.67
CA MET C 14 2.77 0.19 -1.24
C MET C 14 3.90 1.19 -1.14
N LYS C 15 3.85 2.18 -2.01
CA LYS C 15 4.93 3.13 -2.16
C LYS C 15 4.99 4.13 -1.04
N ARG C 16 5.95 5.03 -1.14
CA ARG C 16 6.25 5.98 -0.08
C ARG C 16 5.57 7.34 -0.35
N HIS C 17 5.26 7.60 -1.62
CA HIS C 17 4.60 8.83 -2.06
C HIS C 17 3.64 8.50 -3.20
N TYR C 18 2.56 9.27 -3.32
CA TYR C 18 1.73 9.25 -4.52
C TYR C 18 1.34 10.66 -4.81
N GLU C 19 1.00 10.92 -6.07
CA GLU C 19 0.54 12.23 -6.45
C GLU C 19 -0.88 12.47 -5.93
N ALA C 20 -1.70 11.44 -5.96
CA ALA C 20 -3.08 11.56 -5.50
C ALA C 20 -3.43 10.32 -4.69
N VAL C 21 -4.13 10.54 -3.57
CA VAL C 21 -4.56 9.46 -2.68
C VAL C 21 -6.06 9.54 -2.46
N VAL C 22 -6.77 8.46 -2.74
CA VAL C 22 -8.23 8.39 -2.56
C VAL C 22 -8.62 7.52 -1.34
N ILE C 23 -9.32 8.13 -0.39
CA ILE C 23 -9.72 7.42 0.81
C ILE C 23 -11.17 6.96 0.67
N GLY C 24 -11.35 5.67 0.47
CA GLY C 24 -12.67 5.12 0.31
C GLY C 24 -12.78 4.45 -1.02
N GLY C 25 -13.28 3.22 -1.00
CA GLY C 25 -13.41 2.39 -2.19
C GLY C 25 -14.81 1.90 -2.46
N GLY C 26 -15.80 2.72 -2.20
CA GLY C 26 -17.13 2.49 -2.76
C GLY C 26 -17.10 2.96 -4.21
N ILE C 27 -18.27 3.23 -4.79
CA ILE C 27 -18.36 3.60 -6.18
C ILE C 27 -17.76 4.98 -6.42
N ILE C 28 -17.88 5.85 -5.42
CA ILE C 28 -17.39 7.20 -5.54
C ILE C 28 -15.86 7.20 -5.68
N GLY C 29 -15.16 6.63 -4.69
CA GLY C 29 -13.71 6.52 -4.76
C GLY C 29 -13.19 5.74 -5.96
N SER C 30 -13.87 4.65 -6.31
CA SER C 30 -13.47 3.84 -7.47
C SER C 30 -13.46 4.72 -8.70
N ALA C 31 -14.55 5.46 -8.92
CA ALA C 31 -14.65 6.36 -10.03
C ALA C 31 -13.54 7.40 -9.99
N ILE C 32 -13.27 7.94 -8.81
CA ILE C 32 -12.30 9.00 -8.71
C ILE C 32 -10.94 8.46 -9.11
N ALA C 33 -10.57 7.31 -8.54
CA ALA C 33 -9.30 6.67 -8.87
C ALA C 33 -9.14 6.53 -10.38
N TYR C 34 -10.23 6.13 -11.04
CA TYR C 34 -10.23 5.84 -12.46
C TYR C 34 -9.85 7.07 -13.28
N TYR C 35 -10.56 8.17 -13.05
CA TYR C 35 -10.35 9.36 -13.85
C TYR C 35 -8.98 9.94 -13.59
N LEU C 36 -8.51 9.84 -12.35
CA LEU C 36 -7.22 10.34 -12.00
C LEU C 36 -6.16 9.54 -12.74
N ALA C 37 -6.31 8.22 -12.78
CA ALA C 37 -5.33 7.36 -13.45
C ALA C 37 -5.29 7.65 -14.94
N LYS C 38 -6.47 7.76 -15.55
CA LYS C 38 -6.63 8.22 -16.92
C LYS C 38 -5.89 9.53 -17.20
N GLU C 39 -5.75 10.39 -16.20
CA GLU C 39 -5.03 11.65 -16.36
C GLU C 39 -3.54 11.51 -16.10
N ASN C 40 -3.09 10.28 -15.82
CA ASN C 40 -1.66 10.02 -15.53
C ASN C 40 -1.18 10.52 -14.16
N LYS C 41 -2.11 10.96 -13.30
CA LYS C 41 -1.77 11.15 -11.89
C LYS C 41 -1.43 9.78 -11.29
N ASN C 42 -0.21 9.67 -10.77
CA ASN C 42 0.24 8.46 -10.08
C ASN C 42 -0.58 8.28 -8.78
N THR C 43 -1.53 7.34 -8.82
CA THR C 43 -2.70 7.33 -7.93
C THR C 43 -2.80 6.11 -7.05
N ALA C 44 -3.18 6.33 -5.78
CA ALA C 44 -3.51 5.22 -4.90
C ALA C 44 -4.87 5.36 -4.22
N LEU C 45 -5.56 4.23 -4.06
CA LEU C 45 -6.84 4.18 -3.35
C LEU C 45 -6.75 3.29 -2.11
N PHE C 46 -7.19 3.81 -0.97
CA PHE C 46 -7.22 3.04 0.27
C PHE C 46 -8.63 2.67 0.72
N GLU C 47 -8.89 1.38 0.84
CA GLU C 47 -10.18 0.89 1.27
C GLU C 47 -10.04 -0.02 2.48
N SER C 48 -10.85 0.29 3.48
CA SER C 48 -10.78 -0.33 4.79
C SER C 48 -11.18 -1.81 4.80
N GLY C 49 -12.23 -2.16 4.06
CA GLY C 49 -12.64 -3.56 3.85
C GLY C 49 -12.36 -3.95 2.41
N THR C 50 -13.39 -4.31 1.66
CA THR C 50 -13.23 -4.65 0.24
C THR C 50 -13.89 -3.60 -0.67
N MET C 51 -13.45 -3.50 -1.91
CA MET C 51 -14.07 -2.58 -2.89
C MET C 51 -15.58 -2.83 -3.01
N GLY C 52 -16.37 -1.78 -2.87
CA GLY C 52 -17.83 -1.85 -3.00
C GLY C 52 -18.63 -2.54 -1.89
N GLY C 53 -17.98 -2.83 -0.76
CA GLY C 53 -18.57 -3.72 0.24
C GLY C 53 -19.56 -3.13 1.25
N ARG C 54 -19.82 -1.83 1.14
CA ARG C 54 -20.74 -1.16 2.04
C ARG C 54 -21.95 -0.67 1.26
N THR C 55 -22.26 0.62 1.36
CA THR C 55 -23.48 1.15 0.76
C THR C 55 -23.64 0.88 -0.74
N THR C 56 -22.53 0.99 -1.48
CA THR C 56 -22.53 0.67 -2.90
C THR C 56 -23.11 -0.72 -3.17
N SER C 57 -22.78 -1.68 -2.30
CA SER C 57 -23.30 -3.03 -2.46
C SER C 57 -24.80 -3.13 -2.28
N ALA C 58 -25.37 -2.17 -1.55
CA ALA C 58 -26.74 -2.27 -1.12
C ALA C 58 -27.68 -1.53 -2.07
N ALA C 59 -27.11 -0.72 -2.96
CA ALA C 59 -27.90 0.13 -3.84
C ALA C 59 -28.63 -0.66 -4.91
N ALA C 60 -29.77 -0.12 -5.34
CA ALA C 60 -30.60 -0.76 -6.34
C ALA C 60 -30.02 -0.54 -7.74
N GLY C 61 -29.44 0.62 -7.99
CA GLY C 61 -28.79 0.87 -9.27
C GLY C 61 -29.55 1.74 -10.27
N MET C 62 -30.61 2.41 -9.80
CA MET C 62 -31.41 3.27 -10.68
C MET C 62 -30.63 4.52 -11.02
N LEU C 63 -30.61 4.87 -12.29
CA LEU C 63 -29.97 6.07 -12.74
C LEU C 63 -31.06 7.11 -12.98
N SER C 64 -31.87 7.34 -11.96
CA SER C 64 -33.05 8.17 -12.13
C SER C 64 -32.80 9.64 -11.73
N ALA C 65 -32.70 10.48 -12.75
CA ALA C 65 -32.44 11.91 -12.55
C ALA C 65 -33.71 12.67 -12.14
N HIS C 66 -34.76 11.93 -11.78
CA HIS C 66 -36.00 12.53 -11.32
C HIS C 66 -36.38 11.93 -9.97
N ARG C 67 -36.34 12.78 -8.94
CA ARG C 67 -36.69 12.39 -7.57
C ARG C 67 -36.61 13.59 -6.62
N GLU C 71 -37.49 20.28 -8.22
CA GLU C 71 -36.96 21.58 -8.57
C GLU C 71 -35.87 21.49 -9.65
N ARG C 72 -35.92 22.37 -10.65
CA ARG C 72 -34.96 22.34 -11.78
C ARG C 72 -33.72 23.23 -11.60
N ASP C 73 -32.98 22.92 -10.53
CA ASP C 73 -31.78 23.63 -10.13
C ASP C 73 -30.49 23.00 -10.70
N ALA C 74 -29.36 23.36 -10.10
CA ALA C 74 -28.03 22.90 -10.52
C ALA C 74 -27.85 21.40 -10.26
N PHE C 75 -28.47 20.92 -9.19
CA PHE C 75 -28.38 19.53 -8.78
C PHE C 75 -29.05 18.62 -9.81
N PHE C 76 -30.11 19.11 -10.43
CA PHE C 76 -30.79 18.38 -11.48
C PHE C 76 -29.95 18.33 -12.76
N ASP C 77 -29.37 19.47 -13.14
CA ASP C 77 -28.47 19.51 -14.30
C ASP C 77 -27.28 18.58 -14.11
N PHE C 78 -26.75 18.57 -12.88
CA PHE C 78 -25.65 17.68 -12.54
C PHE C 78 -26.04 16.22 -12.74
N ALA C 79 -27.26 15.87 -12.31
CA ALA C 79 -27.76 14.52 -12.46
C ALA C 79 -27.85 14.13 -13.92
N MET C 80 -28.44 14.99 -14.75
CA MET C 80 -28.57 14.74 -16.20
C MET C 80 -27.22 14.57 -16.86
N HIS C 81 -26.28 15.44 -16.52
CA HIS C 81 -24.94 15.35 -17.04
C HIS C 81 -24.33 14.00 -16.67
N SER C 82 -24.56 13.55 -15.44
CA SER C 82 -24.09 12.23 -15.02
C SER C 82 -24.79 11.10 -15.79
N GLN C 83 -26.06 11.31 -16.12
CA GLN C 83 -26.83 10.37 -16.92
C GLN C 83 -26.26 10.23 -18.33
N ARG C 84 -25.79 11.34 -18.92
CA ARG C 84 -25.20 11.29 -20.28
C ARG C 84 -23.85 10.61 -20.23
N LEU C 85 -23.14 10.78 -19.12
CA LEU C 85 -21.83 10.16 -18.94
C LEU C 85 -21.88 8.64 -18.89
N TYR C 86 -22.99 8.11 -18.41
CA TYR C 86 -23.22 6.68 -18.44
C TYR C 86 -23.41 6.10 -19.85
N LYS C 87 -23.60 6.95 -20.86
CA LYS C 87 -23.96 6.42 -22.18
C LYS C 87 -22.95 5.50 -22.83
N GLY C 88 -21.68 5.87 -22.85
CA GLY C 88 -20.69 4.89 -23.30
C GLY C 88 -20.04 4.07 -22.18
N LEU C 89 -20.31 4.42 -20.93
CA LEU C 89 -19.48 3.98 -19.81
C LEU C 89 -19.22 2.48 -19.75
N GLY C 90 -20.25 1.68 -20.02
CA GLY C 90 -20.12 0.23 -20.00
C GLY C 90 -19.01 -0.30 -20.88
N GLU C 91 -19.00 0.15 -22.13
CA GLU C 91 -18.03 -0.35 -23.10
C GLU C 91 -16.60 0.12 -22.82
N GLU C 92 -16.47 1.39 -22.44
CA GLU C 92 -15.19 1.99 -22.04
C GLU C 92 -14.56 1.25 -20.85
N LEU C 93 -15.38 0.80 -19.91
CA LEU C 93 -14.92 0.08 -18.75
C LEU C 93 -14.79 -1.40 -18.99
N TYR C 94 -15.70 -1.98 -19.78
CA TYR C 94 -15.57 -3.38 -20.14
C TYR C 94 -14.26 -3.64 -20.89
N ALA C 95 -13.96 -2.78 -21.87
CA ALA C 95 -12.74 -2.88 -22.68
C ALA C 95 -11.46 -2.98 -21.86
N LEU C 96 -11.45 -2.32 -20.70
CA LEU C 96 -10.27 -2.22 -19.84
C LEU C 96 -10.22 -3.19 -18.68
N SER C 97 -11.41 -3.63 -18.23
CA SER C 97 -11.51 -4.35 -16.95
C SER C 97 -12.08 -5.77 -17.09
N GLY C 98 -12.72 -6.03 -18.22
CA GLY C 98 -13.51 -7.24 -18.40
C GLY C 98 -14.76 -7.35 -17.55
N VAL C 99 -15.14 -6.29 -16.84
CA VAL C 99 -16.33 -6.34 -16.00
C VAL C 99 -17.51 -5.71 -16.71
N ASP C 100 -18.64 -6.40 -16.70
CA ASP C 100 -19.89 -5.90 -17.26
C ASP C 100 -20.68 -5.16 -16.19
N ILE C 101 -21.05 -3.92 -16.48
CA ILE C 101 -21.84 -3.14 -15.53
C ILE C 101 -23.32 -3.61 -15.49
N ARG C 102 -23.68 -4.48 -16.43
CA ARG C 102 -25.04 -5.03 -16.53
C ARG C 102 -26.13 -3.95 -16.67
N GLN C 103 -26.03 -3.17 -17.74
CA GLN C 103 -26.95 -2.08 -18.02
C GLN C 103 -28.31 -2.59 -18.51
N HIS C 104 -29.38 -2.00 -18.01
CA HIS C 104 -30.74 -2.38 -18.38
C HIS C 104 -31.52 -1.15 -18.83
N ASN C 105 -32.05 -1.19 -20.05
CA ASN C 105 -32.75 -0.04 -20.64
C ASN C 105 -34.26 -0.21 -20.74
N GLY C 106 -34.90 -0.45 -19.59
CA GLY C 106 -36.34 -0.72 -19.57
C GLY C 106 -37.20 0.51 -19.31
N GLY C 107 -36.61 1.57 -18.78
CA GLY C 107 -37.39 2.74 -18.41
C GLY C 107 -38.27 2.47 -17.19
N MET C 108 -38.97 3.52 -16.74
CA MET C 108 -39.62 3.52 -15.43
C MET C 108 -41.04 4.08 -15.45
N PHE C 109 -41.92 3.42 -14.70
CA PHE C 109 -43.26 3.95 -14.45
C PHE C 109 -43.38 4.51 -13.04
N LYS C 110 -43.62 5.81 -12.93
CA LYS C 110 -43.88 6.43 -11.63
C LYS C 110 -45.37 6.44 -11.35
N LEU C 111 -45.82 5.42 -10.63
CA LEU C 111 -47.23 5.21 -10.35
C LEU C 111 -47.88 6.32 -9.52
N ALA C 112 -49.15 6.57 -9.81
CA ALA C 112 -50.00 7.42 -9.00
C ALA C 112 -51.11 6.54 -8.39
N PHE C 113 -51.38 6.75 -7.11
CA PHE C 113 -52.42 6.01 -6.40
C PHE C 113 -53.56 6.88 -5.90
N SER C 114 -53.41 8.18 -6.06
CA SER C 114 -54.45 9.11 -5.66
C SER C 114 -54.47 10.29 -6.62
N GLU C 115 -55.50 11.11 -6.52
CA GLU C 115 -55.60 12.37 -7.27
C GLU C 115 -54.39 13.31 -7.02
N GLU C 116 -53.98 13.43 -5.75
CA GLU C 116 -52.84 14.25 -5.36
C GLU C 116 -51.57 13.84 -6.11
N ASP C 117 -51.38 12.53 -6.29
CA ASP C 117 -50.23 11.97 -7.00
C ASP C 117 -50.21 12.38 -8.48
N VAL C 118 -51.38 12.40 -9.10
CA VAL C 118 -51.54 12.79 -10.50
C VAL C 118 -51.12 14.25 -10.70
N LEU C 119 -51.57 15.14 -9.82
CA LEU C 119 -51.19 16.55 -9.87
C LEU C 119 -49.67 16.71 -9.86
N GLN C 120 -49.04 16.10 -8.86
CA GLN C 120 -47.59 16.13 -8.70
C GLN C 120 -46.87 15.66 -9.97
N LEU C 121 -47.20 14.47 -10.43
CA LEU C 121 -46.48 13.82 -11.53
C LEU C 121 -46.63 14.51 -12.88
N ARG C 122 -47.74 15.21 -13.09
CA ARG C 122 -47.99 15.91 -14.36
C ARG C 122 -47.25 17.24 -14.47
N GLN C 123 -46.77 17.74 -13.34
CA GLN C 123 -45.87 18.90 -13.29
C GLN C 123 -44.65 18.71 -14.18
N MET C 124 -44.24 17.45 -14.34
CA MET C 124 -43.06 17.09 -15.11
C MET C 124 -43.40 16.63 -16.53
N ASP C 125 -44.66 16.78 -16.95
CA ASP C 125 -45.08 16.41 -18.30
C ASP C 125 -44.39 17.26 -19.37
N ASP C 126 -44.17 18.53 -19.04
CA ASP C 126 -43.47 19.48 -19.92
C ASP C 126 -41.99 19.15 -20.14
N LEU C 127 -41.45 18.23 -19.35
CA LEU C 127 -40.11 17.69 -19.62
C LEU C 127 -40.13 16.78 -20.85
N ASP C 128 -39.03 16.81 -21.58
CA ASP C 128 -38.91 16.12 -22.85
C ASP C 128 -38.88 14.59 -22.71
N SER C 129 -38.20 14.11 -21.65
CA SER C 129 -38.02 12.69 -21.38
C SER C 129 -39.19 12.03 -20.64
N VAL C 130 -40.19 12.85 -20.25
CA VAL C 130 -41.35 12.37 -19.50
C VAL C 130 -42.63 12.40 -20.35
N SER C 131 -43.55 11.49 -20.01
CA SER C 131 -44.83 11.33 -20.69
C SER C 131 -45.88 11.09 -19.61
N TRP C 132 -47.16 11.11 -19.97
CA TRP C 132 -48.20 10.65 -19.05
C TRP C 132 -49.04 9.54 -19.66
N TYR C 133 -49.09 8.42 -18.95
CA TYR C 133 -49.93 7.29 -19.32
C TYR C 133 -51.14 7.26 -18.41
N SER C 134 -52.30 6.97 -18.97
CA SER C 134 -53.50 6.77 -18.17
C SER C 134 -53.45 5.38 -17.55
N LYS C 135 -54.30 5.15 -16.56
CA LYS C 135 -54.44 3.84 -15.95
C LYS C 135 -54.45 2.71 -17.00
N GLU C 136 -55.15 2.92 -18.10
CA GLU C 136 -55.35 1.90 -19.13
C GLU C 136 -54.09 1.64 -19.94
N GLU C 137 -53.37 2.70 -20.27
CA GLU C 137 -52.16 2.63 -21.10
C GLU C 137 -50.98 2.00 -20.35
N VAL C 138 -50.95 2.18 -19.03
CA VAL C 138 -49.95 1.53 -18.17
C VAL C 138 -50.19 0.02 -18.18
N LEU C 139 -51.45 -0.37 -18.05
CA LEU C 139 -51.85 -1.77 -17.94
C LEU C 139 -51.64 -2.58 -19.22
N GLU C 140 -51.55 -1.90 -20.36
CA GLU C 140 -51.19 -2.56 -21.62
C GLU C 140 -49.74 -3.02 -21.59
N LYS C 141 -48.85 -2.12 -21.17
CA LYS C 141 -47.41 -2.41 -21.15
C LYS C 141 -46.99 -3.34 -20.00
N GLU C 142 -47.58 -3.12 -18.83
CA GLU C 142 -47.37 -4.02 -17.68
C GLU C 142 -48.72 -4.42 -17.09
N PRO C 143 -49.20 -5.62 -17.48
CA PRO C 143 -50.51 -6.14 -17.11
C PRO C 143 -50.69 -6.34 -15.60
N TYR C 144 -49.60 -6.60 -14.90
CA TYR C 144 -49.65 -6.98 -13.48
C TYR C 144 -49.47 -5.85 -12.47
N ALA C 145 -49.20 -4.64 -12.95
CA ALA C 145 -49.22 -3.45 -12.11
C ALA C 145 -50.57 -3.37 -11.40
N SER C 146 -50.60 -2.82 -10.19
CA SER C 146 -51.79 -2.78 -9.35
C SER C 146 -53.00 -2.18 -10.05
N GLY C 147 -54.17 -2.73 -9.77
CA GLY C 147 -55.43 -2.23 -10.31
C GLY C 147 -55.76 -0.84 -9.78
N ASP C 148 -55.28 -0.53 -8.57
CA ASP C 148 -55.57 0.74 -7.90
C ASP C 148 -54.80 1.94 -8.45
N ILE C 149 -54.01 1.74 -9.51
CA ILE C 149 -53.29 2.88 -10.11
C ILE C 149 -54.24 3.87 -10.77
N PHE C 150 -53.75 5.09 -10.92
CA PHE C 150 -54.46 6.14 -11.61
C PHE C 150 -53.70 6.51 -12.87
N GLY C 151 -52.64 5.76 -13.12
CA GLY C 151 -51.69 6.02 -14.21
C GLY C 151 -50.28 6.17 -13.71
N ALA C 152 -49.36 6.52 -14.61
CA ALA C 152 -47.94 6.68 -14.29
C ALA C 152 -47.21 7.65 -15.23
N SER C 153 -46.10 8.21 -14.75
CA SER C 153 -45.19 8.97 -15.60
C SER C 153 -44.15 8.02 -16.16
N PHE C 154 -44.18 7.81 -17.48
CA PHE C 154 -43.18 6.97 -18.10
C PHE C 154 -41.93 7.80 -18.30
N ILE C 155 -40.78 7.18 -18.04
CA ILE C 155 -39.49 7.84 -18.20
C ILE C 155 -38.54 6.85 -18.89
N GLN C 156 -38.52 6.89 -20.22
CA GLN C 156 -37.71 5.98 -21.02
C GLN C 156 -36.26 5.93 -20.58
N ASP C 157 -35.76 7.04 -20.05
CA ASP C 157 -34.32 7.21 -19.81
C ASP C 157 -33.86 6.87 -18.39
N ASP C 158 -34.77 6.86 -17.43
CA ASP C 158 -34.42 6.41 -16.08
C ASP C 158 -34.25 4.88 -16.08
N VAL C 159 -33.00 4.47 -16.23
CA VAL C 159 -32.62 3.08 -16.40
C VAL C 159 -31.75 2.61 -15.22
N HIS C 160 -31.23 1.39 -15.27
CA HIS C 160 -30.46 0.88 -14.12
C HIS C 160 -29.28 -0.02 -14.42
N VAL C 161 -28.35 -0.05 -13.46
CA VAL C 161 -27.10 -0.78 -13.55
C VAL C 161 -26.95 -1.63 -12.27
N GLU C 162 -25.98 -2.55 -12.25
CA GLU C 162 -25.69 -3.25 -11.01
C GLU C 162 -24.54 -2.53 -10.30
N PRO C 163 -24.83 -1.88 -9.16
CA PRO C 163 -23.92 -0.91 -8.55
C PRO C 163 -22.57 -1.49 -8.19
N TYR C 164 -22.58 -2.71 -7.64
CA TYR C 164 -21.35 -3.39 -7.25
C TYR C 164 -20.41 -3.55 -8.45
N PHE C 165 -20.99 -3.97 -9.57
CA PHE C 165 -20.19 -4.26 -10.74
C PHE C 165 -19.69 -3.01 -11.45
N VAL C 166 -20.46 -1.93 -11.39
CA VAL C 166 -19.96 -0.62 -11.85
C VAL C 166 -18.70 -0.27 -11.05
N CYS C 167 -18.80 -0.48 -9.73
CA CYS C 167 -17.70 -0.20 -8.82
C CYS C 167 -16.47 -1.03 -9.20
N LYS C 168 -16.69 -2.32 -9.44
CA LYS C 168 -15.63 -3.23 -9.82
C LYS C 168 -15.02 -2.88 -11.16
N ALA C 169 -15.86 -2.46 -12.12
CA ALA C 169 -15.36 -2.09 -13.44
C ALA C 169 -14.41 -0.89 -13.38
N TYR C 170 -14.85 0.18 -12.71
CA TYR C 170 -14.00 1.34 -12.50
C TYR C 170 -12.65 0.97 -11.85
N VAL C 171 -12.69 0.24 -10.74
CA VAL C 171 -11.47 -0.07 -9.99
C VAL C 171 -10.49 -0.92 -10.79
N LYS C 172 -11.00 -1.96 -11.44
CA LYS C 172 -10.15 -2.80 -12.31
C LYS C 172 -9.59 -1.97 -13.47
N ALA C 173 -10.40 -1.12 -14.07
CA ALA C 173 -9.92 -0.22 -15.13
C ALA C 173 -8.84 0.75 -14.61
N ALA C 174 -9.05 1.29 -13.41
CA ALA C 174 -8.03 2.11 -12.75
C ALA C 174 -6.70 1.35 -12.56
N LYS C 175 -6.80 0.05 -12.23
CA LYS C 175 -5.62 -0.77 -12.01
C LYS C 175 -4.79 -0.89 -13.29
N MET C 176 -5.48 -1.17 -14.38
CA MET C 176 -4.88 -1.26 -15.69
C MET C 176 -4.28 0.08 -16.13
N LEU C 177 -4.88 1.19 -15.71
CA LEU C 177 -4.30 2.49 -16.04
C LEU C 177 -3.19 2.92 -15.06
N GLY C 178 -2.92 2.08 -14.06
CA GLY C 178 -1.77 2.24 -13.20
C GLY C 178 -2.04 2.61 -11.76
N ALA C 179 -3.31 2.76 -11.40
CA ALA C 179 -3.64 3.05 -10.00
C ALA C 179 -3.32 1.85 -9.12
N GLU C 180 -2.93 2.11 -7.88
CA GLU C 180 -2.62 1.03 -6.94
C GLU C 180 -3.68 0.96 -5.84
N ILE C 181 -4.30 -0.20 -5.71
CA ILE C 181 -5.47 -0.36 -4.87
C ILE C 181 -5.13 -1.15 -3.61
N PHE C 182 -5.38 -0.54 -2.44
CA PHE C 182 -5.11 -1.20 -1.16
C PHE C 182 -6.36 -1.48 -0.35
N GLU C 183 -6.87 -2.70 -0.51
CA GLU C 183 -7.95 -3.22 0.30
C GLU C 183 -7.45 -3.45 1.74
N HIS C 184 -8.38 -3.68 2.67
CA HIS C 184 -8.05 -3.98 4.08
C HIS C 184 -7.07 -2.98 4.68
N THR C 185 -7.00 -1.79 4.09
CA THR C 185 -6.10 -0.73 4.56
C THR C 185 -6.92 0.52 4.97
N PRO C 186 -7.36 0.58 6.22
CA PRO C 186 -8.10 1.79 6.62
C PRO C 186 -7.16 2.99 6.79
N VAL C 187 -7.62 4.17 6.39
CA VAL C 187 -6.87 5.39 6.64
C VAL C 187 -7.34 5.98 7.98
N LEU C 188 -6.38 6.16 8.89
CA LEU C 188 -6.68 6.53 10.28
C LEU C 188 -6.63 8.03 10.48
N HIS C 189 -5.99 8.74 9.54
CA HIS C 189 -5.65 10.14 9.76
C HIS C 189 -5.07 10.82 8.53
N VAL C 190 -5.49 12.06 8.32
CA VAL C 190 -4.92 12.94 7.30
C VAL C 190 -4.22 14.09 8.03
N GLU C 191 -2.95 14.29 7.76
CA GLU C 191 -2.18 15.31 8.45
C GLU C 191 -1.48 16.27 7.48
N ARG C 192 -1.48 17.54 7.86
CA ARG C 192 -0.61 18.55 7.25
C ARG C 192 0.50 19.02 8.21
N ASP C 193 1.74 18.60 7.93
CA ASP C 193 2.95 19.04 8.67
C ASP C 193 3.92 19.74 7.70
N GLY C 194 4.16 21.04 7.94
CA GLY C 194 5.03 21.82 7.07
C GLY C 194 4.32 22.05 5.74
N GLU C 195 5.05 21.83 4.66
CA GLU C 195 4.51 21.93 3.30
C GLU C 195 4.02 20.60 2.77
N ALA C 196 4.13 19.56 3.61
CA ALA C 196 3.84 18.19 3.20
C ALA C 196 2.45 17.72 3.66
N LEU C 197 1.86 16.79 2.92
CA LEU C 197 0.57 16.20 3.23
C LEU C 197 0.74 14.69 3.34
N PHE C 198 0.12 14.05 4.31
CA PHE C 198 0.22 12.60 4.38
C PHE C 198 -0.95 11.94 5.05
N ILE C 199 -1.13 10.65 4.76
CA ILE C 199 -2.13 9.83 5.46
C ILE C 199 -1.45 8.77 6.28
N LYS C 200 -2.14 8.34 7.34
CA LYS C 200 -1.65 7.30 8.23
C LYS C 200 -2.50 6.04 8.08
N THR C 201 -1.81 4.92 7.90
CA THR C 201 -2.45 3.62 7.82
C THR C 201 -1.77 2.66 8.81
N PRO C 202 -2.43 1.53 9.15
CA PRO C 202 -1.80 0.55 10.06
C PRO C 202 -0.52 -0.06 9.49
N SER C 203 -0.29 0.11 8.20
CA SER C 203 0.92 -0.39 7.57
C SER C 203 1.89 0.76 7.34
N GLY C 204 1.71 1.87 8.04
CA GLY C 204 2.60 3.01 7.88
C GLY C 204 2.02 4.19 7.11
N ASP C 205 2.81 5.25 7.01
CA ASP C 205 2.35 6.52 6.51
C ASP C 205 2.82 6.80 5.08
N VAL C 206 1.98 7.50 4.32
CA VAL C 206 2.13 7.67 2.88
C VAL C 206 1.99 9.16 2.52
N TRP C 207 3.02 9.71 1.87
CA TRP C 207 3.01 11.08 1.37
C TRP C 207 2.06 11.22 0.18
N ALA C 208 1.36 12.34 0.08
CA ALA C 208 0.48 12.59 -1.06
C ALA C 208 0.52 14.05 -1.44
N ASN C 209 0.35 14.33 -2.73
CA ASN C 209 0.20 15.72 -3.17
C ASN C 209 -1.24 16.18 -3.08
N HIS C 210 -2.16 15.23 -3.25
CA HIS C 210 -3.59 15.49 -3.13
C HIS C 210 -4.23 14.35 -2.37
N VAL C 211 -5.20 14.70 -1.52
CA VAL C 211 -5.95 13.69 -0.77
C VAL C 211 -7.43 13.88 -1.02
N VAL C 212 -8.09 12.79 -1.43
CA VAL C 212 -9.52 12.81 -1.66
C VAL C 212 -10.23 11.89 -0.68
N VAL C 213 -11.14 12.49 0.09
CA VAL C 213 -11.98 11.79 1.05
C VAL C 213 -13.29 11.34 0.40
N ALA C 214 -13.44 10.02 0.27
CA ALA C 214 -14.56 9.43 -0.43
C ALA C 214 -15.05 8.25 0.39
N SER C 215 -15.23 8.52 1.69
CA SER C 215 -15.49 7.46 2.68
C SER C 215 -16.97 7.31 3.04
N GLY C 216 -17.85 7.78 2.17
CA GLY C 216 -19.28 7.69 2.39
C GLY C 216 -19.66 8.31 3.73
N VAL C 217 -20.49 7.59 4.47
CA VAL C 217 -21.10 8.08 5.70
C VAL C 217 -20.09 8.20 6.84
N TRP C 218 -18.93 7.58 6.65
CA TRP C 218 -17.86 7.60 7.63
C TRP C 218 -16.93 8.79 7.45
N SER C 219 -17.21 9.62 6.47
CA SER C 219 -16.28 10.71 6.10
C SER C 219 -16.12 11.80 7.15
N GLY C 220 -17.09 11.92 8.06
CA GLY C 220 -17.05 12.89 9.16
C GLY C 220 -15.72 12.96 9.89
N MET C 221 -15.20 11.79 10.27
CA MET C 221 -13.89 11.63 10.89
C MET C 221 -12.88 12.59 10.25
N PHE C 222 -12.80 12.57 8.94
CA PHE C 222 -11.82 13.37 8.20
C PHE C 222 -12.11 14.85 8.20
N PHE C 223 -13.37 15.25 8.03
CA PHE C 223 -13.71 16.66 8.14
C PHE C 223 -13.21 17.20 9.49
N LYS C 224 -13.53 16.49 10.57
CA LYS C 224 -13.11 16.89 11.91
C LYS C 224 -11.62 17.03 12.03
N GLN C 225 -10.86 16.03 11.60
CA GLN C 225 -9.39 16.09 11.69
C GLN C 225 -8.84 17.30 10.95
N LEU C 226 -9.65 17.87 10.07
CA LEU C 226 -9.19 18.92 9.18
C LEU C 226 -9.78 20.31 9.46
N GLY C 227 -10.39 20.47 10.64
CA GLY C 227 -10.95 21.76 11.05
C GLY C 227 -12.35 22.06 10.54
N LEU C 228 -13.02 21.06 9.95
CA LEU C 228 -14.35 21.27 9.42
C LEU C 228 -15.43 20.56 10.24
N ASN C 229 -16.62 21.15 10.30
CA ASN C 229 -17.71 20.64 11.15
C ASN C 229 -18.74 19.77 10.40
N ASN C 230 -18.49 19.49 9.12
CA ASN C 230 -19.43 18.75 8.28
C ASN C 230 -19.74 17.39 8.87
N ALA C 231 -21.04 17.12 8.99
CA ALA C 231 -21.57 15.97 9.70
C ALA C 231 -22.35 15.05 8.75
N PHE C 232 -22.37 13.76 9.07
CA PHE C 232 -23.09 12.79 8.29
C PHE C 232 -24.03 12.02 9.15
N LEU C 233 -25.24 11.86 8.66
CA LEU C 233 -26.24 11.08 9.35
C LEU C 233 -26.59 9.94 8.45
N PRO C 234 -26.45 8.69 8.93
CA PRO C 234 -26.87 7.56 8.12
C PRO C 234 -28.38 7.45 8.06
N VAL C 235 -28.91 7.15 6.88
CA VAL C 235 -30.31 6.75 6.78
C VAL C 235 -30.32 5.33 6.27
N LYS C 236 -30.55 4.39 7.18
CA LYS C 236 -30.55 2.98 6.83
C LYS C 236 -31.68 2.65 5.86
N GLY C 237 -31.35 1.90 4.81
CA GLY C 237 -32.34 1.40 3.88
C GLY C 237 -32.26 -0.11 3.78
N GLU C 238 -33.39 -0.77 4.01
CA GLU C 238 -33.50 -2.22 3.91
C GLU C 238 -34.24 -2.60 2.65
N CYS C 239 -33.80 -3.70 2.03
CA CYS C 239 -34.30 -4.17 0.73
C CYS C 239 -34.43 -5.68 0.70
N LEU C 240 -35.16 -6.20 -0.28
CA LEU C 240 -35.17 -7.62 -0.52
C LEU C 240 -35.22 -7.90 -2.02
N SER C 241 -34.94 -9.14 -2.40
CA SER C 241 -35.04 -9.58 -3.79
C SER C 241 -35.92 -10.82 -3.86
N VAL C 242 -36.76 -10.91 -4.89
CA VAL C 242 -37.52 -12.13 -5.19
C VAL C 242 -37.20 -12.63 -6.60
N TRP C 243 -37.45 -13.91 -6.85
CA TRP C 243 -37.32 -14.47 -8.18
C TRP C 243 -38.65 -14.33 -8.92
N ASN C 244 -38.61 -13.65 -10.06
CA ASN C 244 -39.78 -13.58 -10.95
C ASN C 244 -39.72 -14.59 -12.08
N ASP C 245 -40.21 -15.79 -11.81
CA ASP C 245 -40.18 -16.86 -12.81
C ASP C 245 -41.50 -16.95 -13.59
N ASP C 246 -42.54 -16.26 -13.12
CA ASP C 246 -43.90 -16.45 -13.62
C ASP C 246 -44.45 -15.37 -14.56
N ILE C 247 -44.24 -14.10 -14.24
CA ILE C 247 -44.86 -13.02 -15.03
C ILE C 247 -43.83 -12.14 -15.75
N PRO C 248 -44.28 -11.39 -16.79
CA PRO C 248 -43.38 -10.42 -17.42
C PRO C 248 -43.42 -9.04 -16.75
N LEU C 249 -42.25 -8.42 -16.60
CA LEU C 249 -42.14 -7.04 -16.12
C LEU C 249 -40.83 -6.44 -16.63
N THR C 250 -40.94 -5.43 -17.49
CA THR C 250 -39.80 -4.82 -18.15
C THR C 250 -39.47 -3.51 -17.45
N LYS C 251 -40.51 -2.77 -17.10
CA LYS C 251 -40.36 -1.41 -16.58
C LYS C 251 -40.21 -1.37 -15.08
N THR C 252 -39.31 -0.53 -14.58
CA THR C 252 -39.19 -0.29 -13.15
C THR C 252 -40.50 0.32 -12.65
N LEU C 253 -40.96 -0.13 -11.49
CA LEU C 253 -42.11 0.51 -10.83
C LEU C 253 -41.65 1.36 -9.65
N TYR C 254 -42.30 2.50 -9.47
CA TYR C 254 -41.88 3.48 -8.48
C TYR C 254 -43.07 4.20 -7.90
N HIS C 255 -43.10 4.33 -6.57
CA HIS C 255 -44.08 5.16 -5.89
C HIS C 255 -43.67 5.50 -4.47
N ASP C 256 -43.76 6.78 -4.16
CA ASP C 256 -43.43 7.29 -2.83
C ASP C 256 -42.11 6.71 -2.29
N ALA C 257 -41.04 6.96 -3.06
CA ALA C 257 -39.67 6.58 -2.70
C ALA C 257 -39.39 5.07 -2.61
N CYS C 258 -40.39 4.24 -2.85
CA CYS C 258 -40.19 2.79 -2.94
C CYS C 258 -40.21 2.32 -4.39
N TYR C 259 -39.77 1.08 -4.63
CA TYR C 259 -39.54 0.62 -5.99
C TYR C 259 -39.47 -0.89 -6.09
N ILE C 260 -39.80 -1.36 -7.29
CA ILE C 260 -39.58 -2.73 -7.73
C ILE C 260 -38.79 -2.67 -9.03
N VAL C 261 -37.59 -3.23 -9.02
CA VAL C 261 -36.68 -3.12 -10.15
C VAL C 261 -36.43 -4.52 -10.76
N PRO C 262 -36.83 -4.72 -12.03
CA PRO C 262 -36.69 -6.02 -12.71
C PRO C 262 -35.34 -6.20 -13.40
N ARG C 263 -34.52 -7.11 -12.86
CA ARG C 263 -33.17 -7.29 -13.38
C ARG C 263 -33.01 -8.37 -14.43
N LYS C 264 -31.85 -8.33 -15.11
CA LYS C 264 -31.50 -9.25 -16.20
C LYS C 264 -31.25 -10.70 -15.74
N SER C 265 -31.24 -10.91 -14.43
CA SER C 265 -31.13 -12.25 -13.87
C SER C 265 -32.51 -12.89 -13.68
N GLY C 266 -33.56 -12.06 -13.74
CA GLY C 266 -34.91 -12.53 -13.41
C GLY C 266 -35.35 -12.12 -12.02
N ARG C 267 -34.40 -11.66 -11.21
CA ARG C 267 -34.71 -11.18 -9.88
C ARG C 267 -35.45 -9.89 -9.99
N LEU C 268 -36.29 -9.60 -8.99
CA LEU C 268 -36.72 -8.24 -8.73
C LEU C 268 -35.95 -7.69 -7.52
N VAL C 269 -35.57 -6.42 -7.57
CA VAL C 269 -34.97 -5.77 -6.40
C VAL C 269 -36.05 -4.88 -5.81
N VAL C 270 -36.20 -4.92 -4.49
CA VAL C 270 -37.36 -4.31 -3.83
C VAL C 270 -36.97 -3.54 -2.57
N GLY C 271 -37.47 -2.31 -2.46
CA GLY C 271 -37.24 -1.51 -1.27
C GLY C 271 -37.92 -0.16 -1.37
N ALA C 272 -37.71 0.73 -0.40
CA ALA C 272 -36.81 0.52 0.73
C ALA C 272 -37.19 1.37 1.92
N THR C 273 -36.84 0.94 3.13
CA THR C 273 -37.06 1.76 4.32
C THR C 273 -36.14 3.00 4.36
N MET C 274 -36.53 4.02 5.14
CA MET C 274 -35.67 5.17 5.45
C MET C 274 -35.54 5.29 6.96
N LYS C 275 -34.41 4.87 7.55
CA LYS C 275 -34.28 4.94 9.02
C LYS C 275 -33.15 5.86 9.51
N PRO C 276 -33.48 7.13 9.80
CA PRO C 276 -32.44 8.11 10.11
C PRO C 276 -31.79 7.77 11.42
N GLY C 277 -30.47 7.89 11.48
CA GLY C 277 -29.74 7.72 12.73
C GLY C 277 -29.35 6.29 13.07
N ASP C 278 -29.73 5.35 12.21
CA ASP C 278 -29.47 3.92 12.42
C ASP C 278 -28.21 3.45 11.67
N TRP C 279 -27.18 3.07 12.41
CA TRP C 279 -25.89 2.66 11.85
C TRP C 279 -25.73 1.16 11.52
N SER C 280 -26.79 0.37 11.72
CA SER C 280 -26.70 -1.09 11.56
C SER C 280 -26.92 -1.49 10.13
N GLU C 281 -26.18 -2.48 9.66
CA GLU C 281 -26.18 -2.82 8.24
C GLU C 281 -26.85 -4.14 7.89
N THR C 282 -27.69 -4.66 8.77
CA THR C 282 -28.50 -5.84 8.47
C THR C 282 -29.97 -5.57 8.83
N PRO C 283 -30.90 -5.97 7.95
CA PRO C 283 -32.29 -5.57 8.13
C PRO C 283 -32.94 -6.16 9.36
N ASP C 284 -33.82 -5.41 9.99
CA ASP C 284 -34.55 -6.02 11.07
C ASP C 284 -35.94 -6.48 10.62
N LEU C 285 -36.66 -7.19 11.49
CA LEU C 285 -37.87 -7.87 11.05
C LEU C 285 -38.95 -6.88 10.64
N GLY C 286 -39.09 -5.81 11.41
CA GLY C 286 -40.09 -4.79 11.13
C GLY C 286 -39.86 -4.10 9.80
N GLY C 287 -38.59 -3.86 9.48
CA GLY C 287 -38.24 -3.16 8.26
C GLY C 287 -38.67 -3.94 7.04
N LEU C 288 -38.33 -5.23 7.05
CA LEU C 288 -38.60 -6.11 5.92
C LEU C 288 -40.09 -6.32 5.68
N GLU C 289 -40.85 -6.44 6.76
CA GLU C 289 -42.29 -6.60 6.64
C GLU C 289 -42.93 -5.40 5.93
N SER C 290 -42.50 -4.20 6.31
CA SER C 290 -43.09 -3.00 5.75
C SER C 290 -42.64 -2.80 4.30
N VAL C 291 -41.53 -3.40 3.92
CA VAL C 291 -41.10 -3.36 2.52
C VAL C 291 -41.95 -4.34 1.73
N MET C 292 -42.27 -5.49 2.32
CA MET C 292 -43.18 -6.46 1.68
C MET C 292 -44.57 -5.88 1.52
N LYS C 293 -45.12 -5.37 2.62
CA LYS C 293 -46.43 -4.76 2.61
C LYS C 293 -46.53 -3.76 1.46
N LYS C 294 -45.56 -2.85 1.38
CA LYS C 294 -45.53 -1.77 0.40
C LYS C 294 -45.37 -2.27 -1.04
N ALA C 295 -44.50 -3.26 -1.25
CA ALA C 295 -44.32 -3.87 -2.56
C ALA C 295 -45.60 -4.45 -3.15
N LYS C 296 -46.39 -5.12 -2.31
CA LYS C 296 -47.62 -5.79 -2.75
C LYS C 296 -48.65 -4.80 -3.30
N THR C 297 -48.68 -3.61 -2.71
CA THR C 297 -49.64 -2.59 -3.10
C THR C 297 -49.31 -2.01 -4.48
N MET C 298 -48.12 -2.33 -4.97
CA MET C 298 -47.62 -1.90 -6.27
C MET C 298 -47.67 -3.02 -7.32
N LEU C 299 -47.40 -4.26 -6.91
CA LEU C 299 -47.43 -5.41 -7.81
C LEU C 299 -47.96 -6.68 -7.11
N PRO C 300 -49.29 -6.77 -6.88
CA PRO C 300 -49.93 -7.89 -6.16
C PRO C 300 -49.31 -9.28 -6.38
N ALA C 301 -49.03 -9.62 -7.63
CA ALA C 301 -48.40 -10.91 -7.97
C ALA C 301 -47.12 -11.21 -7.18
N ILE C 302 -46.44 -10.16 -6.71
CA ILE C 302 -45.18 -10.33 -5.99
C ILE C 302 -45.33 -11.19 -4.73
N GLN C 303 -46.50 -11.14 -4.09
CA GLN C 303 -46.75 -11.93 -2.88
C GLN C 303 -46.53 -13.44 -3.07
N ASN C 304 -46.70 -13.95 -4.28
CA ASN C 304 -46.51 -15.35 -4.58
C ASN C 304 -45.13 -15.69 -5.14
N MET C 305 -44.22 -14.72 -5.08
CA MET C 305 -42.85 -14.91 -5.58
C MET C 305 -41.92 -15.36 -4.48
N LYS C 306 -40.94 -16.17 -4.84
CA LYS C 306 -39.98 -16.71 -3.88
C LYS C 306 -38.93 -15.68 -3.47
N VAL C 307 -38.73 -15.52 -2.16
CA VAL C 307 -37.75 -14.59 -1.64
C VAL C 307 -36.36 -15.11 -1.94
N ASP C 308 -35.47 -14.18 -2.28
CA ASP C 308 -34.10 -14.55 -2.59
C ASP C 308 -33.14 -14.03 -1.51
N ARG C 309 -32.99 -12.71 -1.40
CA ARG C 309 -32.01 -12.12 -0.48
C ARG C 309 -32.64 -10.96 0.26
N PHE C 310 -32.12 -10.69 1.45
CA PHE C 310 -32.47 -9.49 2.20
C PHE C 310 -31.17 -8.79 2.56
N TRP C 311 -31.11 -7.48 2.46
CA TRP C 311 -29.88 -6.75 2.82
C TRP C 311 -30.22 -5.32 3.21
N ALA C 312 -29.24 -4.59 3.72
CA ALA C 312 -29.43 -3.20 4.12
C ALA C 312 -28.18 -2.36 3.86
N GLY C 313 -28.35 -1.04 3.76
CA GLY C 313 -27.21 -0.15 3.52
C GLY C 313 -27.42 1.20 4.15
N LEU C 314 -26.32 1.92 4.38
CA LEU C 314 -26.38 3.25 5.01
C LEU C 314 -26.21 4.39 3.99
N ARG C 315 -27.30 5.10 3.69
CA ARG C 315 -27.21 6.28 2.83
C ARG C 315 -26.50 7.38 3.62
N PRO C 316 -25.51 8.04 3.00
CA PRO C 316 -24.80 9.13 3.63
C PRO C 316 -25.57 10.43 3.52
N GLY C 317 -26.30 10.79 4.57
CA GLY C 317 -27.18 11.96 4.58
C GLY C 317 -26.50 13.20 5.13
N THR C 318 -26.83 14.36 4.57
CA THR C 318 -26.18 15.60 4.98
C THR C 318 -27.20 16.60 5.46
N LYS C 319 -26.71 17.66 6.09
CA LYS C 319 -27.55 18.73 6.66
C LYS C 319 -28.65 19.17 5.70
N ASP C 320 -28.31 19.39 4.44
CA ASP C 320 -29.27 19.84 3.42
C ASP C 320 -29.55 18.81 2.33
N GLY C 321 -29.10 17.57 2.54
CA GLY C 321 -29.40 16.48 1.60
C GLY C 321 -28.65 16.46 0.29
N LYS C 322 -27.61 17.30 0.16
CA LYS C 322 -26.76 17.35 -1.02
C LYS C 322 -25.31 16.99 -0.67
N PRO C 323 -24.60 16.32 -1.60
CA PRO C 323 -23.22 15.92 -1.33
C PRO C 323 -22.25 17.08 -1.25
N TYR C 324 -21.17 16.86 -0.53
CA TYR C 324 -20.02 17.74 -0.54
C TYR C 324 -19.08 17.20 -1.60
N ILE C 325 -18.85 17.99 -2.64
CA ILE C 325 -17.96 17.62 -3.74
C ILE C 325 -17.08 18.81 -4.06
N GLY C 326 -15.83 18.77 -3.66
CA GLY C 326 -14.97 19.91 -3.89
C GLY C 326 -13.82 20.08 -2.92
N ARG C 327 -13.16 21.21 -3.06
CA ARG C 327 -11.95 21.51 -2.31
C ARG C 327 -12.22 21.90 -0.87
N HIS C 328 -11.27 21.51 -0.01
CA HIS C 328 -11.19 22.08 1.32
C HIS C 328 -11.03 23.60 1.17
N PRO C 329 -11.92 24.37 1.81
CA PRO C 329 -11.85 25.82 1.61
C PRO C 329 -10.53 26.44 2.03
N GLU C 330 -9.76 25.78 2.89
CA GLU C 330 -8.49 26.33 3.38
C GLU C 330 -7.23 25.67 2.81
N ASP C 331 -7.41 24.68 1.93
CA ASP C 331 -6.31 23.88 1.37
C ASP C 331 -6.78 23.09 0.14
N SER C 332 -6.35 23.51 -1.04
CA SER C 332 -6.90 22.95 -2.26
C SER C 332 -6.26 21.62 -2.65
N ARG C 333 -5.28 21.17 -1.86
CA ARG C 333 -4.71 19.83 -2.02
C ARG C 333 -5.65 18.77 -1.42
N ILE C 334 -6.64 19.20 -0.65
CA ILE C 334 -7.56 18.29 0.02
C ILE C 334 -8.97 18.42 -0.55
N LEU C 335 -9.53 17.30 -0.97
CA LEU C 335 -10.86 17.30 -1.57
C LEU C 335 -11.79 16.29 -0.92
N PHE C 336 -13.09 16.54 -1.05
CA PHE C 336 -14.12 15.66 -0.49
C PHE C 336 -15.13 15.27 -1.56
N ALA C 337 -15.57 14.03 -1.51
CA ALA C 337 -16.61 13.60 -2.40
C ALA C 337 -17.49 12.65 -1.63
N ALA C 338 -18.44 13.23 -0.90
CA ALA C 338 -19.22 12.45 0.05
C ALA C 338 -20.57 13.05 0.39
N GLY C 339 -21.57 12.18 0.59
CA GLY C 339 -22.91 12.57 1.02
C GLY C 339 -23.93 12.47 -0.08
N HIS C 340 -23.79 11.46 -0.92
CA HIS C 340 -24.67 11.23 -2.05
C HIS C 340 -25.97 10.50 -1.67
N PHE C 341 -26.75 11.05 -0.75
CA PHE C 341 -27.99 10.41 -0.25
C PHE C 341 -28.56 9.23 -1.04
N ARG C 342 -29.36 9.50 -2.07
CA ARG C 342 -30.11 8.44 -2.74
C ARG C 342 -29.61 8.20 -4.15
N ASN C 343 -28.57 8.92 -4.56
CA ASN C 343 -28.20 8.92 -5.97
C ASN C 343 -26.70 8.89 -6.24
N GLY C 344 -25.95 8.28 -5.32
CA GLY C 344 -24.51 8.10 -5.47
C GLY C 344 -24.12 7.29 -6.70
N ILE C 345 -24.98 6.34 -7.09
CA ILE C 345 -24.72 5.55 -8.30
C ILE C 345 -24.96 6.38 -9.55
N LEU C 346 -26.05 7.12 -9.58
CA LEU C 346 -26.31 8.01 -10.70
C LEU C 346 -25.16 9.00 -10.85
N LEU C 347 -24.70 9.53 -9.72
CA LEU C 347 -23.79 10.66 -9.74
C LEU C 347 -22.29 10.32 -9.78
N ALA C 348 -21.95 9.03 -9.75
CA ALA C 348 -20.55 8.63 -9.65
C ALA C 348 -19.65 9.08 -10.83
N PRO C 349 -20.09 8.85 -12.09
CA PRO C 349 -19.22 9.34 -13.17
C PRO C 349 -19.01 10.85 -13.11
N ALA C 350 -20.10 11.59 -12.88
CA ALA C 350 -19.98 13.05 -12.86
C ALA C 350 -19.17 13.53 -11.66
N THR C 351 -19.36 12.88 -10.51
CA THR C 351 -18.57 13.21 -9.32
C THR C 351 -17.08 12.99 -9.57
N GLY C 352 -16.74 11.84 -10.15
CA GLY C 352 -15.35 11.47 -10.42
C GLY C 352 -14.69 12.43 -11.39
N ALA C 353 -15.41 12.77 -12.45
CA ALA C 353 -14.91 13.73 -13.45
C ALA C 353 -14.69 15.09 -12.81
N LEU C 354 -15.64 15.50 -11.96
CA LEU C 354 -15.54 16.79 -11.31
C LEU C 354 -14.29 16.91 -10.41
N ILE C 355 -14.11 15.96 -9.47
CA ILE C 355 -12.92 15.92 -8.60
C ILE C 355 -11.64 15.88 -9.42
N SER C 356 -11.61 14.99 -10.40
CA SER C 356 -10.47 14.91 -11.30
C SER C 356 -10.15 16.26 -11.95
N ASP C 357 -11.16 16.91 -12.50
CA ASP C 357 -10.96 18.17 -13.20
C ASP C 357 -10.46 19.22 -12.22
N LEU C 358 -10.91 19.13 -10.97
CA LEU C 358 -10.43 20.02 -9.91
C LEU C 358 -8.96 19.79 -9.55
N ILE C 359 -8.55 18.53 -9.40
CA ILE C 359 -7.18 18.21 -9.08
C ILE C 359 -6.23 18.66 -10.20
N MET C 360 -6.71 18.52 -11.44
CA MET C 360 -5.93 18.91 -12.63
C MET C 360 -6.00 20.40 -12.97
N ASN C 361 -6.64 21.20 -12.11
CA ASN C 361 -6.83 22.65 -12.30
C ASN C 361 -7.59 23.11 -13.56
N LYS C 362 -8.42 22.23 -14.11
CA LYS C 362 -9.27 22.60 -15.22
C LYS C 362 -10.43 23.47 -14.72
N GLU C 363 -10.93 24.36 -15.56
CA GLU C 363 -12.11 25.14 -15.21
C GLU C 363 -13.33 24.22 -15.28
N VAL C 364 -14.22 24.36 -14.31
CA VAL C 364 -15.38 23.51 -14.22
C VAL C 364 -16.60 24.40 -14.16
N ASN C 365 -17.75 23.78 -14.41
CA ASN C 365 -19.06 24.40 -14.26
C ASN C 365 -19.19 25.04 -12.88
N GLN C 366 -19.37 26.36 -12.85
CA GLN C 366 -19.36 27.10 -11.58
C GLN C 366 -20.57 26.81 -10.69
N ASP C 367 -21.73 26.54 -11.30
CA ASP C 367 -22.96 26.16 -10.59
C ASP C 367 -22.78 24.88 -9.78
N TRP C 368 -22.21 23.85 -10.41
CA TRP C 368 -21.93 22.61 -9.72
C TRP C 368 -20.88 22.85 -8.63
N LEU C 369 -19.79 23.52 -8.99
CA LEU C 369 -18.79 23.86 -8.01
C LEU C 369 -19.46 24.51 -6.81
N HIS C 370 -20.40 25.41 -7.05
CA HIS C 370 -21.04 26.12 -5.95
C HIS C 370 -22.02 25.26 -5.15
N ALA C 371 -22.86 24.51 -5.85
CA ALA C 371 -23.91 23.68 -5.22
C ALA C 371 -23.36 22.64 -4.24
N PHE C 372 -22.13 22.21 -4.44
CA PHE C 372 -21.55 21.14 -3.65
C PHE C 372 -20.35 21.55 -2.83
N ARG C 373 -20.18 22.86 -2.66
CA ARG C 373 -19.04 23.38 -1.89
C ARG C 373 -19.08 22.88 -0.45
N ILE C 374 -17.91 22.83 0.19
CA ILE C 374 -17.79 22.33 1.55
C ILE C 374 -18.41 23.28 2.59
N ASP C 375 -18.21 24.57 2.38
CA ASP C 375 -18.67 25.60 3.31
C ASP C 375 -20.06 26.13 2.98
N ARG C 376 -21.10 25.43 3.40
CA ARG C 376 -22.49 25.88 3.23
C ARG C 376 -23.09 26.35 4.57
N LYS C 377 -23.05 27.66 4.83
CA LYS C 377 -23.55 28.25 6.10
C LYS C 377 -25.07 28.22 6.23
N MET D 14 -21.63 -51.64 -0.80
CA MET D 14 -23.03 -52.15 -0.65
C MET D 14 -23.11 -53.67 -0.66
N LYS D 15 -23.85 -54.24 0.28
CA LYS D 15 -24.06 -55.70 0.34
C LYS D 15 -25.22 -56.18 -0.55
N ARG D 16 -25.52 -57.47 -0.44
CA ARG D 16 -26.51 -58.12 -1.31
C ARG D 16 -27.87 -58.39 -0.65
N HIS D 17 -27.86 -58.80 0.61
CA HIS D 17 -29.12 -58.99 1.35
C HIS D 17 -29.10 -58.41 2.77
N TYR D 18 -30.09 -57.58 3.07
CA TYR D 18 -30.28 -57.03 4.41
C TYR D 18 -31.54 -57.58 5.05
N GLU D 19 -31.45 -57.91 6.33
CA GLU D 19 -32.62 -58.28 7.12
C GLU D 19 -33.68 -57.18 7.01
N ALA D 20 -33.28 -55.94 7.31
CA ALA D 20 -34.18 -54.78 7.25
C ALA D 20 -33.71 -53.70 6.26
N VAL D 21 -34.67 -53.07 5.58
CA VAL D 21 -34.42 -51.99 4.63
C VAL D 21 -35.42 -50.85 4.81
N VAL D 22 -34.91 -49.65 5.12
CA VAL D 22 -35.72 -48.43 5.32
C VAL D 22 -35.58 -47.45 4.16
N ILE D 23 -36.70 -47.12 3.54
CA ILE D 23 -36.73 -46.14 2.45
C ILE D 23 -37.13 -44.77 2.99
N GLY D 24 -36.14 -43.93 3.23
CA GLY D 24 -36.40 -42.55 3.62
C GLY D 24 -35.40 -42.16 4.68
N GLY D 25 -34.78 -41.00 4.50
CA GLY D 25 -33.72 -40.56 5.39
C GLY D 25 -34.04 -39.33 6.20
N GLY D 26 -35.33 -39.06 6.41
CA GLY D 26 -35.74 -38.03 7.35
C GLY D 26 -35.47 -38.45 8.80
N ILE D 27 -36.13 -37.77 9.74
CA ILE D 27 -35.97 -38.09 11.15
C ILE D 27 -36.63 -39.44 11.46
N ILE D 28 -37.74 -39.70 10.80
CA ILE D 28 -38.50 -40.92 11.03
C ILE D 28 -37.65 -42.11 10.61
N GLY D 29 -37.31 -42.20 9.33
CA GLY D 29 -36.45 -43.24 8.81
C GLY D 29 -35.18 -43.49 9.61
N SER D 30 -34.55 -42.42 10.07
CA SER D 30 -33.29 -42.50 10.82
C SER D 30 -33.49 -43.18 12.15
N ALA D 31 -34.52 -42.74 12.88
CA ALA D 31 -34.94 -43.35 14.13
C ALA D 31 -35.17 -44.84 13.93
N ILE D 32 -36.03 -45.17 12.96
CA ILE D 32 -36.34 -46.56 12.66
C ILE D 32 -35.04 -47.34 12.45
N ALA D 33 -34.25 -46.89 11.47
CA ALA D 33 -33.00 -47.53 11.11
C ALA D 33 -32.13 -47.71 12.33
N TYR D 34 -32.09 -46.68 13.18
CA TYR D 34 -31.37 -46.77 14.43
C TYR D 34 -31.87 -47.90 15.33
N TYR D 35 -33.17 -47.90 15.64
CA TYR D 35 -33.73 -48.90 16.57
C TYR D 35 -33.57 -50.34 16.05
N LEU D 36 -33.63 -50.50 14.74
CA LEU D 36 -33.43 -51.80 14.11
C LEU D 36 -32.01 -52.32 14.29
N ALA D 37 -31.02 -51.46 14.02
CA ALA D 37 -29.62 -51.83 14.16
C ALA D 37 -29.26 -52.11 15.62
N LYS D 38 -29.91 -51.37 16.53
CA LYS D 38 -29.78 -51.60 17.96
C LYS D 38 -30.21 -53.03 18.29
N GLU D 39 -31.37 -53.43 17.75
CA GLU D 39 -31.91 -54.78 17.90
C GLU D 39 -31.15 -55.78 17.05
N ASN D 40 -29.97 -55.38 16.58
CA ASN D 40 -29.08 -56.21 15.75
C ASN D 40 -29.54 -56.65 14.36
N LYS D 41 -30.77 -56.33 13.99
CA LYS D 41 -31.21 -56.53 12.62
C LYS D 41 -30.24 -55.78 11.70
N ASN D 42 -29.57 -56.54 10.85
CA ASN D 42 -28.59 -56.02 9.91
C ASN D 42 -29.32 -55.23 8.82
N THR D 43 -29.02 -53.94 8.72
CA THR D 43 -29.94 -52.95 8.12
C THR D 43 -29.36 -51.96 7.09
N ALA D 44 -30.21 -51.48 6.19
CA ALA D 44 -29.86 -50.47 5.19
C ALA D 44 -30.93 -49.38 5.11
N LEU D 45 -30.49 -48.16 4.79
CA LEU D 45 -31.39 -47.04 4.58
C LEU D 45 -31.08 -46.33 3.27
N PHE D 46 -32.12 -45.88 2.58
CA PHE D 46 -31.99 -45.33 1.23
C PHE D 46 -32.64 -43.95 1.09
N GLU D 47 -31.81 -42.94 0.84
CA GLU D 47 -32.21 -41.54 0.85
C GLU D 47 -31.91 -40.87 -0.49
N SER D 48 -32.92 -40.21 -1.05
CA SER D 48 -32.82 -39.51 -2.33
C SER D 48 -31.70 -38.48 -2.38
N GLY D 49 -31.73 -37.52 -1.46
CA GLY D 49 -30.68 -36.52 -1.31
C GLY D 49 -29.85 -36.80 -0.08
N THR D 50 -29.79 -35.82 0.81
CA THR D 50 -29.00 -35.93 2.05
C THR D 50 -29.88 -36.21 3.28
N MET D 51 -29.29 -36.85 4.28
CA MET D 51 -29.96 -37.13 5.54
C MET D 51 -30.64 -35.87 6.11
N GLY D 52 -31.89 -36.04 6.55
CA GLY D 52 -32.65 -34.96 7.14
C GLY D 52 -32.80 -33.73 6.26
N GLY D 53 -32.44 -33.89 4.99
CA GLY D 53 -32.37 -32.75 4.07
C GLY D 53 -33.66 -32.08 3.68
N ARG D 54 -34.81 -32.71 3.95
CA ARG D 54 -36.09 -32.13 3.51
C ARG D 54 -36.90 -31.49 4.66
N THR D 55 -38.15 -31.94 4.85
CA THR D 55 -39.02 -31.43 5.92
C THR D 55 -38.42 -31.46 7.32
N THR D 56 -37.65 -32.51 7.62
CA THR D 56 -36.98 -32.60 8.92
C THR D 56 -36.17 -31.34 9.26
N SER D 57 -35.45 -30.81 8.28
CA SER D 57 -34.60 -29.63 8.47
C SER D 57 -35.36 -28.32 8.57
N ALA D 58 -36.62 -28.31 8.17
CA ALA D 58 -37.43 -27.11 8.27
C ALA D 58 -38.14 -27.01 9.61
N ALA D 59 -38.13 -28.09 10.37
CA ALA D 59 -38.91 -28.18 11.60
C ALA D 59 -38.34 -27.32 12.72
N ALA D 60 -39.24 -26.72 13.52
CA ALA D 60 -38.86 -25.95 14.71
C ALA D 60 -38.22 -26.79 15.82
N GLY D 61 -38.78 -27.98 16.09
CA GLY D 61 -38.22 -28.87 17.09
C GLY D 61 -38.92 -28.93 18.44
N MET D 62 -40.12 -28.34 18.52
CA MET D 62 -40.93 -28.40 19.74
C MET D 62 -41.37 -29.84 20.04
N LEU D 63 -41.26 -30.22 21.31
CA LEU D 63 -41.75 -31.52 21.77
C LEU D 63 -43.09 -31.30 22.48
N SER D 64 -44.02 -30.77 21.71
CA SER D 64 -45.25 -30.23 22.25
C SER D 64 -46.40 -31.21 22.04
N ALA D 65 -46.55 -32.12 23.00
CA ALA D 65 -47.65 -33.09 23.02
C ALA D 65 -48.98 -32.35 23.24
N HIS D 66 -49.05 -31.64 24.36
CA HIS D 66 -50.28 -30.98 24.84
C HIS D 66 -50.90 -30.02 23.82
N GLU D 70 -56.88 -30.56 21.20
CA GLU D 70 -57.30 -31.92 20.86
C GLU D 70 -57.37 -32.88 22.06
N GLU D 71 -58.11 -33.97 21.87
CA GLU D 71 -58.64 -34.81 22.96
C GLU D 71 -57.64 -35.58 23.81
N ARG D 72 -58.17 -36.33 24.79
CA ARG D 72 -57.39 -37.24 25.63
C ARG D 72 -57.46 -38.64 25.03
N ASP D 73 -56.87 -38.79 23.84
CA ASP D 73 -57.05 -39.98 23.02
C ASP D 73 -55.78 -40.83 22.92
N ALA D 74 -55.80 -41.76 21.97
CA ALA D 74 -54.66 -42.63 21.69
C ALA D 74 -53.45 -41.82 21.15
N PHE D 75 -53.75 -40.87 20.27
CA PHE D 75 -52.75 -39.95 19.69
C PHE D 75 -52.03 -39.21 20.80
N PHE D 76 -52.79 -38.65 21.73
CA PHE D 76 -52.22 -37.94 22.88
C PHE D 76 -51.32 -38.84 23.73
N ASP D 77 -51.73 -40.10 23.88
CA ASP D 77 -51.00 -41.06 24.71
C ASP D 77 -49.69 -41.43 24.07
N PHE D 78 -49.75 -41.72 22.78
CA PHE D 78 -48.58 -41.96 21.94
C PHE D 78 -47.60 -40.79 21.99
N ALA D 79 -48.15 -39.58 21.87
CA ALA D 79 -47.34 -38.36 21.98
C ALA D 79 -46.68 -38.16 23.34
N MET D 80 -47.35 -38.60 24.42
CA MET D 80 -46.78 -38.51 25.77
C MET D 80 -45.69 -39.54 25.99
N HIS D 81 -45.90 -40.73 25.46
CA HIS D 81 -44.91 -41.80 25.54
C HIS D 81 -43.62 -41.42 24.77
N SER D 82 -43.81 -40.77 23.62
CA SER D 82 -42.69 -40.33 22.81
C SER D 82 -41.92 -39.24 23.55
N GLN D 83 -42.67 -38.35 24.19
CA GLN D 83 -42.12 -37.24 24.97
C GLN D 83 -41.24 -37.72 26.14
N ARG D 84 -41.63 -38.83 26.76
CA ARG D 84 -40.82 -39.41 27.83
C ARG D 84 -39.62 -40.20 27.28
N LEU D 85 -39.77 -40.75 26.08
CA LEU D 85 -38.67 -41.46 25.42
C LEU D 85 -37.51 -40.53 25.09
N TYR D 86 -37.82 -39.25 24.90
CA TYR D 86 -36.80 -38.23 24.67
C TYR D 86 -35.88 -38.01 25.87
N LYS D 87 -36.34 -38.38 27.07
CA LYS D 87 -35.62 -38.16 28.33
C LYS D 87 -34.10 -38.42 28.26
N GLY D 88 -33.71 -39.69 28.16
CA GLY D 88 -32.30 -40.04 28.08
C GLY D 88 -31.71 -39.99 26.67
N LEU D 89 -32.59 -39.93 25.68
CA LEU D 89 -32.22 -40.04 24.27
C LEU D 89 -30.98 -39.23 23.88
N GLY D 90 -30.90 -37.98 24.33
CA GLY D 90 -29.76 -37.09 24.04
C GLY D 90 -28.41 -37.64 24.47
N GLU D 91 -28.33 -38.14 25.70
CA GLU D 91 -27.10 -38.71 26.23
C GLU D 91 -26.73 -39.97 25.46
N GLU D 92 -27.73 -40.82 25.25
CA GLU D 92 -27.58 -42.11 24.55
C GLU D 92 -26.95 -41.96 23.16
N LEU D 93 -27.49 -41.05 22.36
CA LEU D 93 -27.02 -40.86 20.98
C LEU D 93 -25.66 -40.17 20.87
N TYR D 94 -25.37 -39.24 21.78
CA TYR D 94 -24.06 -38.58 21.78
C TYR D 94 -22.95 -39.57 22.09
N ALA D 95 -23.25 -40.55 22.93
CA ALA D 95 -22.30 -41.59 23.33
C ALA D 95 -21.92 -42.54 22.19
N LEU D 96 -22.55 -42.36 21.03
CA LEU D 96 -22.27 -43.21 19.88
C LEU D 96 -22.06 -42.43 18.60
N SER D 97 -22.48 -41.16 18.57
CA SER D 97 -22.43 -40.38 17.33
C SER D 97 -21.48 -39.19 17.39
N GLY D 98 -21.27 -38.65 18.60
CA GLY D 98 -20.60 -37.37 18.77
C GLY D 98 -21.44 -36.16 18.37
N VAL D 99 -22.73 -36.38 18.11
CA VAL D 99 -23.65 -35.30 17.72
C VAL D 99 -24.58 -34.88 18.88
N ASP D 100 -24.55 -33.59 19.22
CA ASP D 100 -25.46 -33.03 20.20
C ASP D 100 -26.80 -32.66 19.55
N ILE D 101 -27.90 -33.02 20.21
CA ILE D 101 -29.23 -32.75 19.68
C ILE D 101 -29.77 -31.37 20.08
N ARG D 102 -28.96 -30.66 20.88
CA ARG D 102 -29.25 -29.29 21.32
C ARG D 102 -30.62 -29.17 21.98
N GLN D 103 -30.72 -29.71 23.17
CA GLN D 103 -31.97 -29.75 23.91
C GLN D 103 -32.09 -28.56 24.86
N HIS D 104 -33.26 -27.91 24.82
CA HIS D 104 -33.52 -26.72 25.60
C HIS D 104 -34.72 -26.94 26.51
N ASN D 105 -34.53 -26.72 27.81
CA ASN D 105 -35.52 -27.05 28.82
C ASN D 105 -36.28 -25.87 29.44
N GLY D 106 -36.45 -24.79 28.67
CA GLY D 106 -37.13 -23.60 29.17
C GLY D 106 -38.61 -23.81 29.46
N GLY D 107 -39.25 -24.72 28.74
CA GLY D 107 -40.69 -24.89 28.86
C GLY D 107 -41.46 -23.97 27.93
N MET D 108 -42.79 -24.16 27.87
CA MET D 108 -43.63 -23.41 26.93
C MET D 108 -44.73 -22.58 27.60
N PHE D 109 -44.98 -21.40 27.04
CA PHE D 109 -46.15 -20.59 27.36
C PHE D 109 -47.11 -20.60 26.17
N LYS D 110 -48.24 -21.29 26.32
CA LYS D 110 -49.31 -21.20 25.34
C LYS D 110 -50.14 -19.96 25.68
N LEU D 111 -49.89 -18.88 24.95
CA LEU D 111 -50.48 -17.59 25.29
C LEU D 111 -52.00 -17.55 25.07
N ALA D 112 -52.68 -16.79 25.92
CA ALA D 112 -54.09 -16.48 25.73
C ALA D 112 -54.28 -15.00 25.39
N PHE D 113 -55.16 -14.74 24.44
CA PHE D 113 -55.42 -13.37 23.99
C PHE D 113 -56.86 -12.92 24.18
N SER D 114 -57.80 -13.87 24.15
CA SER D 114 -59.21 -13.57 24.39
C SER D 114 -59.64 -14.23 25.68
N GLU D 115 -60.87 -13.98 26.10
CA GLU D 115 -61.44 -14.76 27.20
C GLU D 115 -61.77 -16.19 26.72
N GLU D 116 -62.11 -16.32 25.43
CA GLU D 116 -62.26 -17.64 24.79
C GLU D 116 -60.97 -18.48 24.87
N ASP D 117 -59.82 -17.82 24.66
CA ASP D 117 -58.52 -18.47 24.73
C ASP D 117 -58.26 -19.10 26.09
N VAL D 118 -58.59 -18.36 27.14
CA VAL D 118 -58.44 -18.82 28.52
C VAL D 118 -59.20 -20.14 28.75
N LEU D 119 -60.49 -20.15 28.39
CA LEU D 119 -61.35 -21.33 28.59
C LEU D 119 -60.70 -22.58 28.01
N GLN D 120 -60.29 -22.47 26.75
CA GLN D 120 -59.64 -23.58 26.06
C GLN D 120 -58.41 -24.12 26.79
N LEU D 121 -57.52 -23.23 27.22
CA LEU D 121 -56.23 -23.64 27.79
C LEU D 121 -56.34 -24.17 29.21
N ARG D 122 -57.37 -23.73 29.93
CA ARG D 122 -57.57 -24.13 31.32
C ARG D 122 -58.16 -25.54 31.47
N GLN D 123 -58.72 -26.10 30.38
CA GLN D 123 -59.17 -27.49 30.38
C GLN D 123 -58.00 -28.46 30.47
N MET D 124 -56.78 -27.94 30.35
CA MET D 124 -55.57 -28.74 30.51
C MET D 124 -55.05 -28.72 31.94
N ASP D 125 -55.55 -27.79 32.76
CA ASP D 125 -55.09 -27.60 34.14
C ASP D 125 -54.94 -28.89 34.95
N ASP D 126 -55.89 -29.81 34.79
CA ASP D 126 -55.96 -31.07 35.53
C ASP D 126 -54.73 -31.98 35.35
N LEU D 127 -54.02 -31.80 34.24
CA LEU D 127 -52.77 -32.52 34.00
C LEU D 127 -51.69 -32.05 34.97
N ASP D 128 -50.77 -32.96 35.29
CA ASP D 128 -49.76 -32.75 36.34
C ASP D 128 -48.74 -31.63 36.04
N SER D 129 -48.10 -31.72 34.87
CA SER D 129 -47.04 -30.78 34.50
C SER D 129 -47.57 -29.41 34.10
N VAL D 130 -48.89 -29.34 33.90
CA VAL D 130 -49.57 -28.11 33.47
C VAL D 130 -50.13 -27.34 34.66
N SER D 131 -49.94 -26.02 34.63
CA SER D 131 -50.59 -25.10 35.53
C SER D 131 -50.85 -23.78 34.79
N TRP D 132 -51.78 -23.00 35.31
CA TRP D 132 -52.17 -21.75 34.68
C TRP D 132 -51.46 -20.54 35.31
N TYR D 133 -51.06 -19.60 34.47
CA TYR D 133 -50.41 -18.35 34.89
C TYR D 133 -51.24 -17.15 34.47
N SER D 134 -51.56 -16.28 35.44
CA SER D 134 -52.23 -15.02 35.15
C SER D 134 -51.32 -14.10 34.31
N LYS D 135 -51.93 -13.11 33.66
CA LYS D 135 -51.21 -12.12 32.88
C LYS D 135 -49.90 -11.68 33.56
N GLU D 136 -50.00 -11.17 34.78
CA GLU D 136 -48.85 -10.62 35.49
C GLU D 136 -47.82 -11.67 35.95
N GLU D 137 -48.23 -12.93 36.05
CA GLU D 137 -47.31 -14.02 36.34
C GLU D 137 -46.43 -14.36 35.13
N VAL D 138 -47.06 -14.39 33.95
CA VAL D 138 -46.34 -14.54 32.69
C VAL D 138 -45.31 -13.41 32.54
N LEU D 139 -45.75 -12.18 32.75
CA LEU D 139 -44.93 -10.99 32.57
C LEU D 139 -43.76 -10.90 33.55
N GLU D 140 -43.88 -11.57 34.69
CA GLU D 140 -42.81 -11.55 35.68
C GLU D 140 -41.69 -12.53 35.29
N LYS D 141 -42.07 -13.53 34.49
CA LYS D 141 -41.12 -14.50 33.95
C LYS D 141 -40.58 -14.08 32.57
N GLU D 142 -41.48 -13.64 31.69
CA GLU D 142 -41.07 -13.09 30.40
C GLU D 142 -41.61 -11.68 30.23
N PRO D 143 -40.85 -10.69 30.73
CA PRO D 143 -41.27 -9.28 30.72
C PRO D 143 -41.63 -8.75 29.34
N TYR D 144 -41.13 -9.39 28.29
CA TYR D 144 -41.20 -8.82 26.95
C TYR D 144 -42.26 -9.44 26.08
N ALA D 145 -42.98 -10.43 26.63
CA ALA D 145 -44.16 -10.99 25.97
C ALA D 145 -45.24 -9.93 25.90
N SER D 146 -46.09 -10.00 24.87
CA SER D 146 -47.11 -8.99 24.60
C SER D 146 -47.87 -8.53 25.84
N GLY D 147 -48.22 -7.25 25.89
CA GLY D 147 -49.00 -6.68 26.99
C GLY D 147 -50.50 -6.94 26.83
N ASP D 148 -50.89 -7.43 25.66
CA ASP D 148 -52.30 -7.71 25.39
C ASP D 148 -52.74 -9.11 25.83
N ILE D 149 -51.85 -9.89 26.45
CA ILE D 149 -52.21 -11.25 26.89
C ILE D 149 -53.10 -11.31 28.12
N PHE D 150 -53.90 -12.39 28.17
CA PHE D 150 -54.79 -12.65 29.27
C PHE D 150 -54.12 -13.68 30.18
N GLY D 151 -52.87 -13.99 29.87
CA GLY D 151 -52.13 -15.04 30.56
C GLY D 151 -51.75 -16.18 29.62
N ALA D 152 -51.30 -17.29 30.22
CA ALA D 152 -50.84 -18.46 29.48
C ALA D 152 -50.79 -19.69 30.39
N SER D 153 -50.99 -20.88 29.83
CA SER D 153 -50.67 -22.09 30.57
C SER D 153 -49.19 -22.43 30.38
N PHE D 154 -48.54 -22.80 31.47
CA PHE D 154 -47.12 -23.12 31.43
C PHE D 154 -46.92 -24.63 31.38
N ILE D 155 -46.48 -25.14 30.24
CA ILE D 155 -46.18 -26.56 30.08
C ILE D 155 -44.69 -26.77 30.28
N GLN D 156 -44.31 -27.06 31.52
CA GLN D 156 -42.92 -27.27 31.93
C GLN D 156 -42.14 -28.26 31.02
N ASP D 157 -42.85 -29.16 30.36
CA ASP D 157 -42.20 -30.24 29.62
C ASP D 157 -42.41 -30.27 28.11
N ASP D 158 -43.11 -29.27 27.58
CA ASP D 158 -43.04 -29.03 26.14
C ASP D 158 -41.72 -28.27 25.81
N VAL D 159 -40.62 -29.01 25.94
CA VAL D 159 -39.28 -28.53 25.65
C VAL D 159 -38.98 -28.63 24.14
N HIS D 160 -37.79 -28.22 23.73
CA HIS D 160 -37.44 -28.32 22.31
C HIS D 160 -36.01 -28.77 22.02
N VAL D 161 -35.87 -29.42 20.86
CA VAL D 161 -34.61 -29.89 20.31
C VAL D 161 -34.41 -29.33 18.89
N GLU D 162 -33.22 -29.53 18.34
CA GLU D 162 -32.94 -29.14 16.96
C GLU D 162 -33.04 -30.38 16.06
N PRO D 163 -34.08 -30.43 15.20
CA PRO D 163 -34.53 -31.60 14.46
C PRO D 163 -33.46 -32.19 13.52
N TYR D 164 -32.77 -31.32 12.77
CA TYR D 164 -31.74 -31.79 11.86
C TYR D 164 -30.63 -32.55 12.59
N PHE D 165 -30.31 -32.13 13.82
CA PHE D 165 -29.30 -32.83 14.58
C PHE D 165 -29.78 -34.08 15.29
N VAL D 166 -31.08 -34.19 15.55
CA VAL D 166 -31.64 -35.44 16.08
C VAL D 166 -31.48 -36.50 15.01
N CYS D 167 -31.86 -36.12 13.79
CA CYS D 167 -31.73 -36.93 12.61
C CYS D 167 -30.29 -37.37 12.38
N LYS D 168 -29.37 -36.41 12.35
CA LYS D 168 -27.93 -36.72 12.21
C LYS D 168 -27.38 -37.60 13.34
N ALA D 169 -27.90 -37.41 14.55
CA ALA D 169 -27.43 -38.18 15.72
C ALA D 169 -27.98 -39.61 15.71
N TYR D 170 -29.16 -39.79 15.11
CA TYR D 170 -29.72 -41.11 14.88
C TYR D 170 -28.93 -41.86 13.82
N VAL D 171 -28.77 -41.25 12.64
CA VAL D 171 -28.08 -41.86 11.49
C VAL D 171 -26.69 -42.30 11.86
N LYS D 172 -25.95 -41.42 12.52
CA LYS D 172 -24.55 -41.68 12.87
C LYS D 172 -24.46 -42.80 13.91
N ALA D 173 -25.43 -42.84 14.83
CA ALA D 173 -25.51 -43.90 15.83
C ALA D 173 -25.80 -45.24 15.16
N ALA D 174 -26.79 -45.26 14.27
CA ALA D 174 -27.16 -46.45 13.55
C ALA D 174 -25.97 -47.04 12.80
N LYS D 175 -25.27 -46.17 12.04
CA LYS D 175 -24.03 -46.53 11.33
C LYS D 175 -23.06 -47.24 12.26
N MET D 176 -22.71 -46.59 13.36
CA MET D 176 -21.77 -47.16 14.32
C MET D 176 -22.23 -48.52 14.81
N LEU D 177 -23.54 -48.74 14.80
CA LEU D 177 -24.12 -50.02 15.23
C LEU D 177 -24.34 -51.01 14.06
N GLY D 178 -23.79 -50.69 12.89
CA GLY D 178 -23.75 -51.63 11.78
C GLY D 178 -24.59 -51.28 10.58
N ALA D 179 -25.55 -50.38 10.76
CA ALA D 179 -26.45 -50.01 9.68
C ALA D 179 -25.70 -49.44 8.49
N GLU D 180 -26.25 -49.61 7.29
CA GLU D 180 -25.62 -49.09 6.10
C GLU D 180 -26.47 -48.02 5.44
N ILE D 181 -25.92 -46.82 5.37
CA ILE D 181 -26.66 -45.66 4.89
C ILE D 181 -26.17 -45.27 3.50
N PHE D 182 -27.12 -45.07 2.60
CA PHE D 182 -26.80 -44.73 1.21
C PHE D 182 -27.56 -43.49 0.77
N GLU D 183 -26.86 -42.34 0.80
CA GLU D 183 -27.46 -41.09 0.33
C GLU D 183 -27.54 -41.01 -1.21
N HIS D 184 -28.21 -39.98 -1.72
CA HIS D 184 -28.34 -39.73 -3.17
C HIS D 184 -28.77 -40.98 -3.97
N THR D 185 -29.59 -41.82 -3.31
CA THR D 185 -30.04 -43.09 -3.85
C THR D 185 -31.55 -43.18 -3.76
N PRO D 186 -32.28 -42.65 -4.77
CA PRO D 186 -33.73 -42.85 -4.72
C PRO D 186 -34.07 -44.33 -4.84
N VAL D 187 -35.18 -44.75 -4.23
CA VAL D 187 -35.70 -46.09 -4.45
C VAL D 187 -36.78 -45.98 -5.52
N LEU D 188 -36.56 -46.69 -6.62
CA LEU D 188 -37.42 -46.56 -7.80
C LEU D 188 -38.72 -47.32 -7.62
N HIS D 189 -38.62 -48.54 -7.08
CA HIS D 189 -39.73 -49.48 -7.03
C HIS D 189 -39.51 -50.49 -5.90
N VAL D 190 -40.61 -50.94 -5.29
CA VAL D 190 -40.59 -52.12 -4.44
C VAL D 190 -41.48 -53.20 -5.08
N GLU D 191 -40.95 -54.41 -5.17
CA GLU D 191 -41.70 -55.57 -5.67
C GLU D 191 -41.74 -56.66 -4.59
N ARG D 192 -42.84 -57.42 -4.55
CA ARG D 192 -43.04 -58.39 -3.46
C ARG D 192 -43.44 -59.84 -3.83
N ASP D 193 -43.33 -60.21 -5.11
CA ASP D 193 -43.75 -61.55 -5.58
C ASP D 193 -42.97 -62.68 -4.90
N GLY D 194 -41.65 -62.52 -4.84
CA GLY D 194 -40.77 -63.53 -4.27
C GLY D 194 -40.85 -63.63 -2.75
N GLU D 195 -40.16 -64.62 -2.20
CA GLU D 195 -40.19 -64.90 -0.76
C GLU D 195 -39.18 -64.09 0.07
N ALA D 196 -38.31 -63.35 -0.62
CA ALA D 196 -37.55 -62.26 -0.03
C ALA D 196 -37.86 -60.99 -0.83
N LEU D 197 -38.03 -59.86 -0.13
CA LEU D 197 -38.43 -58.60 -0.77
C LEU D 197 -37.34 -57.98 -1.64
N PHE D 198 -37.76 -57.38 -2.76
CA PHE D 198 -36.80 -56.85 -3.71
C PHE D 198 -37.13 -55.42 -4.13
N ILE D 199 -36.19 -54.52 -3.84
CA ILE D 199 -36.29 -53.09 -4.22
C ILE D 199 -35.21 -52.71 -5.22
N LYS D 200 -35.54 -51.78 -6.12
CA LYS D 200 -34.62 -51.41 -7.20
C LYS D 200 -34.15 -49.96 -7.17
N THR D 201 -32.83 -49.80 -7.27
CA THR D 201 -32.15 -48.51 -7.31
C THR D 201 -31.26 -48.45 -8.58
N PRO D 202 -30.85 -47.23 -9.00
CA PRO D 202 -29.92 -47.14 -10.13
C PRO D 202 -28.48 -47.58 -9.79
N SER D 203 -28.20 -47.90 -8.53
CA SER D 203 -26.84 -48.26 -8.11
C SER D 203 -26.59 -49.77 -7.97
N GLY D 204 -27.66 -50.53 -7.71
CA GLY D 204 -27.56 -51.97 -7.45
C GLY D 204 -28.57 -52.43 -6.40
N ASP D 205 -29.11 -53.63 -6.58
CA ASP D 205 -30.29 -54.08 -5.81
C ASP D 205 -29.99 -55.01 -4.63
N VAL D 206 -31.01 -55.24 -3.80
CA VAL D 206 -30.87 -56.04 -2.57
C VAL D 206 -32.13 -56.84 -2.17
N TRP D 207 -31.91 -58.02 -1.58
CA TRP D 207 -32.97 -58.76 -0.89
C TRP D 207 -33.28 -58.05 0.42
N ALA D 208 -34.51 -58.22 0.89
CA ALA D 208 -34.93 -57.67 2.17
C ALA D 208 -35.96 -58.59 2.83
N ASN D 209 -35.72 -58.93 4.09
CA ASN D 209 -36.76 -59.60 4.88
C ASN D 209 -37.87 -58.61 5.25
N HIS D 210 -37.51 -57.34 5.39
CA HIS D 210 -38.47 -56.27 5.72
C HIS D 210 -38.15 -54.95 5.01
N VAL D 211 -39.17 -54.37 4.40
CA VAL D 211 -39.07 -53.03 3.84
C VAL D 211 -39.92 -52.07 4.67
N VAL D 212 -39.35 -50.92 5.03
CA VAL D 212 -40.08 -49.87 5.73
C VAL D 212 -40.13 -48.59 4.91
N VAL D 213 -41.34 -48.13 4.58
CA VAL D 213 -41.53 -46.88 3.85
C VAL D 213 -41.56 -45.71 4.83
N ALA D 214 -40.54 -44.85 4.76
CA ALA D 214 -40.41 -43.66 5.60
C ALA D 214 -40.01 -42.43 4.76
N SER D 215 -40.83 -42.11 3.77
CA SER D 215 -40.46 -41.12 2.76
C SER D 215 -41.22 -39.80 2.87
N GLY D 216 -41.79 -39.53 4.04
CA GLY D 216 -42.44 -38.26 4.29
C GLY D 216 -43.56 -38.05 3.30
N VAL D 217 -43.72 -36.82 2.81
CA VAL D 217 -44.84 -36.51 1.90
C VAL D 217 -44.76 -37.22 0.52
N TRP D 218 -43.65 -37.88 0.24
CA TRP D 218 -43.48 -38.58 -1.03
C TRP D 218 -43.67 -40.10 -0.87
N SER D 219 -44.32 -40.49 0.23
CA SER D 219 -44.54 -41.91 0.55
C SER D 219 -45.66 -42.52 -0.29
N GLY D 220 -46.58 -41.68 -0.77
CA GLY D 220 -47.73 -42.12 -1.57
C GLY D 220 -47.35 -43.07 -2.70
N MET D 221 -46.35 -42.67 -3.48
CA MET D 221 -45.83 -43.47 -4.58
C MET D 221 -45.72 -44.96 -4.22
N PHE D 222 -45.19 -45.25 -3.04
CA PHE D 222 -45.03 -46.63 -2.57
C PHE D 222 -46.33 -47.32 -2.08
N PHE D 223 -47.27 -46.54 -1.57
CA PHE D 223 -48.60 -47.05 -1.23
C PHE D 223 -49.28 -47.55 -2.50
N LYS D 224 -49.31 -46.67 -3.50
CA LYS D 224 -49.87 -46.95 -4.82
C LYS D 224 -49.20 -48.20 -5.43
N GLN D 225 -47.87 -48.23 -5.41
CA GLN D 225 -47.08 -49.36 -5.92
C GLN D 225 -47.46 -50.70 -5.31
N LEU D 226 -48.03 -50.65 -4.11
CA LEU D 226 -48.32 -51.86 -3.37
C LEU D 226 -49.83 -52.02 -3.13
N GLY D 227 -50.61 -51.32 -3.96
CA GLY D 227 -52.04 -51.56 -4.06
C GLY D 227 -52.89 -50.81 -3.08
N LEU D 228 -52.30 -49.81 -2.42
CA LEU D 228 -53.01 -49.01 -1.41
C LEU D 228 -53.27 -47.58 -1.86
N ASN D 229 -54.46 -47.07 -1.55
CA ASN D 229 -54.88 -45.77 -2.05
C ASN D 229 -54.62 -44.57 -1.13
N ASN D 230 -53.70 -44.74 -0.17
CA ASN D 230 -53.40 -43.69 0.82
C ASN D 230 -52.79 -42.45 0.16
N ALA D 231 -53.42 -41.30 0.37
CA ALA D 231 -52.93 -40.06 -0.25
C ALA D 231 -52.30 -39.10 0.74
N PHE D 232 -51.22 -38.46 0.33
CA PHE D 232 -50.57 -37.41 1.12
C PHE D 232 -50.74 -36.06 0.46
N LEU D 233 -51.18 -35.10 1.25
CA LEU D 233 -51.21 -33.72 0.84
C LEU D 233 -50.10 -33.00 1.61
N PRO D 234 -49.25 -32.21 0.91
CA PRO D 234 -48.26 -31.44 1.63
C PRO D 234 -48.88 -30.19 2.24
N VAL D 235 -48.43 -29.83 3.44
CA VAL D 235 -48.81 -28.53 3.99
C VAL D 235 -47.55 -27.70 4.22
N LYS D 236 -47.36 -26.73 3.33
CA LYS D 236 -46.15 -25.91 3.35
C LYS D 236 -46.16 -24.99 4.56
N GLY D 237 -45.07 -25.04 5.32
CA GLY D 237 -44.83 -24.09 6.39
C GLY D 237 -43.60 -23.27 6.11
N GLU D 238 -43.73 -21.95 6.21
CA GLU D 238 -42.61 -21.03 6.00
C GLU D 238 -42.16 -20.37 7.30
N CYS D 239 -40.84 -20.35 7.51
CA CYS D 239 -40.26 -19.85 8.75
C CYS D 239 -39.14 -18.86 8.55
N LEU D 240 -38.80 -18.18 9.63
CA LEU D 240 -37.64 -17.33 9.69
C LEU D 240 -36.92 -17.48 11.03
N SER D 241 -35.73 -16.92 11.11
CA SER D 241 -35.03 -16.85 12.35
C SER D 241 -34.48 -15.43 12.50
N VAL D 242 -34.37 -14.99 13.75
CA VAL D 242 -33.80 -13.69 14.05
C VAL D 242 -32.75 -13.87 15.13
N TRP D 243 -31.86 -12.88 15.25
CA TRP D 243 -30.94 -12.82 16.37
C TRP D 243 -31.55 -12.08 17.57
N ASN D 244 -31.54 -12.72 18.73
CA ASN D 244 -31.99 -12.08 19.95
C ASN D 244 -30.81 -11.72 20.83
N ASP D 245 -30.23 -10.56 20.56
CA ASP D 245 -29.03 -10.14 21.26
C ASP D 245 -29.32 -9.23 22.44
N ASP D 246 -30.60 -8.87 22.63
CA ASP D 246 -30.98 -7.76 23.52
C ASP D 246 -31.79 -8.10 24.77
N ILE D 247 -32.54 -9.21 24.73
CA ILE D 247 -33.54 -9.47 25.78
C ILE D 247 -33.48 -10.89 26.33
N PRO D 248 -33.91 -11.08 27.59
CA PRO D 248 -34.08 -12.46 28.04
C PRO D 248 -35.40 -13.01 27.49
N LEU D 249 -35.34 -14.24 26.99
CA LEU D 249 -36.49 -15.00 26.57
C LEU D 249 -36.13 -16.47 26.72
N THR D 250 -36.66 -17.13 27.74
CA THR D 250 -36.26 -18.50 28.06
C THR D 250 -37.34 -19.50 27.65
N LYS D 251 -38.60 -19.08 27.74
CA LYS D 251 -39.72 -19.94 27.40
C LYS D 251 -40.17 -19.75 25.96
N THR D 252 -40.48 -20.87 25.31
CA THR D 252 -41.11 -20.85 24.01
C THR D 252 -42.48 -20.18 24.11
N LEU D 253 -42.76 -19.24 23.21
CA LEU D 253 -44.05 -18.60 23.14
C LEU D 253 -44.88 -19.23 22.03
N TYR D 254 -46.11 -19.60 22.35
CA TYR D 254 -46.98 -20.26 21.37
C TYR D 254 -48.39 -19.71 21.46
N HIS D 255 -48.97 -19.43 20.30
CA HIS D 255 -50.37 -19.09 20.22
C HIS D 255 -50.87 -19.46 18.85
N ASP D 256 -52.06 -20.07 18.81
CA ASP D 256 -52.80 -20.30 17.56
C ASP D 256 -51.95 -20.95 16.44
N ALA D 257 -51.14 -21.93 16.82
CA ALA D 257 -50.28 -22.69 15.88
C ALA D 257 -49.05 -21.90 15.37
N CYS D 258 -48.83 -20.73 15.96
CA CYS D 258 -47.61 -19.96 15.72
C CYS D 258 -46.77 -19.86 16.98
N TYR D 259 -45.47 -19.67 16.80
CA TYR D 259 -44.53 -19.85 17.88
C TYR D 259 -43.25 -19.03 17.72
N ILE D 260 -42.63 -18.77 18.87
CA ILE D 260 -41.30 -18.19 18.93
C ILE D 260 -40.52 -19.12 19.82
N VAL D 261 -39.51 -19.76 19.27
CA VAL D 261 -38.70 -20.77 19.98
C VAL D 261 -37.29 -20.24 20.17
N PRO D 262 -36.88 -20.00 21.43
CA PRO D 262 -35.53 -19.48 21.70
C PRO D 262 -34.44 -20.54 21.79
N ARG D 263 -33.55 -20.56 20.81
CA ARG D 263 -32.47 -21.55 20.77
C ARG D 263 -31.19 -21.16 21.50
N LYS D 264 -30.41 -22.16 21.89
CA LYS D 264 -29.23 -21.97 22.76
C LYS D 264 -28.10 -21.17 22.10
N SER D 265 -28.35 -20.73 20.87
CA SER D 265 -27.37 -20.03 20.07
C SER D 265 -27.57 -18.52 20.16
N GLY D 266 -28.74 -18.10 20.62
CA GLY D 266 -29.14 -16.70 20.59
C GLY D 266 -30.17 -16.39 19.52
N ARG D 267 -30.48 -17.38 18.68
CA ARG D 267 -31.46 -17.21 17.61
C ARG D 267 -32.87 -17.44 18.14
N LEU D 268 -33.86 -16.83 17.49
CA LEU D 268 -35.25 -17.22 17.69
C LEU D 268 -35.76 -17.79 16.38
N VAL D 269 -36.44 -18.92 16.48
CA VAL D 269 -37.15 -19.51 15.35
C VAL D 269 -38.62 -19.13 15.45
N VAL D 270 -39.12 -18.50 14.40
CA VAL D 270 -40.49 -18.04 14.35
C VAL D 270 -41.15 -18.71 13.18
N GLY D 271 -42.37 -19.19 13.42
CA GLY D 271 -43.18 -19.81 12.36
C GLY D 271 -44.63 -19.91 12.82
N ALA D 272 -45.53 -20.40 11.96
CA ALA D 272 -45.23 -20.87 10.61
C ALA D 272 -46.48 -20.81 9.78
N THR D 273 -46.37 -20.56 8.48
CA THR D 273 -47.58 -20.60 7.63
C THR D 273 -48.13 -22.03 7.44
N MET D 274 -49.34 -22.09 6.89
CA MET D 274 -49.97 -23.36 6.51
C MET D 274 -50.61 -23.20 5.14
N LYS D 275 -50.02 -23.89 4.17
CA LYS D 275 -50.44 -23.78 2.79
C LYS D 275 -50.60 -25.20 2.25
N PRO D 276 -51.82 -25.75 2.35
CA PRO D 276 -52.05 -27.10 1.85
C PRO D 276 -51.99 -27.15 0.31
N GLY D 277 -51.54 -28.28 -0.22
CA GLY D 277 -51.54 -28.50 -1.66
C GLY D 277 -50.38 -27.85 -2.40
N ASP D 278 -49.61 -27.02 -1.67
CA ASP D 278 -48.49 -26.26 -2.19
C ASP D 278 -47.22 -27.10 -1.98
N TRP D 279 -46.54 -27.46 -3.08
CA TRP D 279 -45.36 -28.34 -3.06
C TRP D 279 -43.99 -27.64 -3.08
N SER D 280 -43.98 -26.31 -3.19
CA SER D 280 -42.72 -25.57 -3.30
C SER D 280 -41.97 -25.56 -1.97
N GLU D 281 -40.66 -25.45 -2.03
CA GLU D 281 -39.85 -25.73 -0.87
C GLU D 281 -39.02 -24.54 -0.40
N THR D 282 -39.32 -23.36 -0.94
CA THR D 282 -38.74 -22.13 -0.41
C THR D 282 -39.85 -21.11 -0.18
N PRO D 283 -39.70 -20.27 0.86
CA PRO D 283 -40.78 -19.35 1.22
C PRO D 283 -41.05 -18.27 0.20
N ASP D 284 -42.28 -17.82 0.11
CA ASP D 284 -42.61 -16.68 -0.70
C ASP D 284 -42.93 -15.46 0.18
N LEU D 285 -43.01 -14.30 -0.46
CA LEU D 285 -43.13 -13.03 0.23
C LEU D 285 -44.37 -12.91 1.13
N GLY D 286 -45.53 -13.32 0.61
CA GLY D 286 -46.79 -13.23 1.36
C GLY D 286 -46.71 -14.03 2.65
N GLY D 287 -46.13 -15.22 2.55
CA GLY D 287 -45.95 -16.11 3.69
C GLY D 287 -45.07 -15.50 4.77
N LEU D 288 -43.87 -15.08 4.37
CA LEU D 288 -42.97 -14.47 5.34
C LEU D 288 -43.58 -13.23 5.95
N GLU D 289 -44.29 -12.43 5.15
CA GLU D 289 -44.94 -11.25 5.72
C GLU D 289 -45.88 -11.59 6.88
N SER D 290 -46.77 -12.57 6.68
CA SER D 290 -47.77 -12.92 7.70
C SER D 290 -47.10 -13.46 8.99
N VAL D 291 -46.04 -14.23 8.82
CA VAL D 291 -45.28 -14.76 9.94
C VAL D 291 -44.72 -13.64 10.81
N MET D 292 -44.25 -12.58 10.15
CA MET D 292 -43.70 -11.39 10.81
C MET D 292 -44.78 -10.62 11.57
N LYS D 293 -45.95 -10.53 10.95
CA LYS D 293 -47.11 -9.86 11.53
C LYS D 293 -47.50 -10.59 12.80
N LYS D 294 -47.75 -11.88 12.67
CA LYS D 294 -48.09 -12.72 13.79
C LYS D 294 -47.07 -12.58 14.91
N ALA D 295 -45.79 -12.73 14.58
CA ALA D 295 -44.73 -12.65 15.58
C ALA D 295 -44.78 -11.37 16.43
N LYS D 296 -44.93 -10.23 15.74
CA LYS D 296 -44.98 -8.93 16.40
C LYS D 296 -46.08 -8.83 17.44
N THR D 297 -47.21 -9.47 17.18
CA THR D 297 -48.33 -9.49 18.13
C THR D 297 -48.03 -10.31 19.39
N MET D 298 -47.13 -11.28 19.29
CA MET D 298 -46.77 -12.11 20.45
C MET D 298 -45.60 -11.56 21.25
N LEU D 299 -44.60 -11.02 20.54
CA LEU D 299 -43.41 -10.45 21.17
C LEU D 299 -43.06 -9.13 20.48
N PRO D 300 -43.56 -8.00 21.01
CA PRO D 300 -43.41 -6.72 20.30
C PRO D 300 -41.96 -6.40 19.89
N ALA D 301 -41.02 -6.63 20.81
CA ALA D 301 -39.61 -6.29 20.62
C ALA D 301 -38.94 -6.96 19.41
N ILE D 302 -39.55 -8.04 18.92
CA ILE D 302 -38.99 -8.80 17.80
C ILE D 302 -38.90 -7.99 16.50
N GLN D 303 -39.62 -6.88 16.42
CA GLN D 303 -39.55 -6.09 15.21
C GLN D 303 -38.19 -5.39 15.05
N ASN D 304 -37.45 -5.27 16.15
CA ASN D 304 -36.12 -4.63 16.15
C ASN D 304 -34.94 -5.61 16.10
N MET D 305 -35.23 -6.85 15.73
CA MET D 305 -34.22 -7.89 15.69
C MET D 305 -33.80 -8.18 14.26
N LYS D 306 -32.49 -8.43 14.09
CA LYS D 306 -31.92 -8.64 12.77
C LYS D 306 -32.41 -9.97 12.24
N VAL D 307 -32.88 -9.98 11.00
CA VAL D 307 -33.25 -11.23 10.33
C VAL D 307 -32.00 -12.04 10.01
N ASP D 308 -32.07 -13.33 10.28
CA ASP D 308 -30.96 -14.25 10.06
C ASP D 308 -31.21 -15.14 8.83
N ARG D 309 -32.26 -15.98 8.86
CA ARG D 309 -32.59 -16.87 7.73
C ARG D 309 -34.09 -16.95 7.50
N PHE D 310 -34.44 -17.57 6.39
CA PHE D 310 -35.81 -17.87 6.06
C PHE D 310 -35.77 -19.23 5.37
N TRP D 311 -36.83 -20.02 5.53
CA TRP D 311 -36.87 -21.36 4.91
C TRP D 311 -38.28 -21.89 4.94
N ALA D 312 -38.48 -23.03 4.29
CA ALA D 312 -39.80 -23.62 4.16
C ALA D 312 -39.73 -25.14 4.07
N GLY D 313 -40.83 -25.78 4.47
CA GLY D 313 -40.89 -27.23 4.49
C GLY D 313 -42.31 -27.73 4.28
N LEU D 314 -42.41 -28.97 3.82
CA LEU D 314 -43.69 -29.58 3.51
C LEU D 314 -44.07 -30.60 4.59
N ARG D 315 -45.05 -30.24 5.41
CA ARG D 315 -45.62 -31.18 6.37
C ARG D 315 -46.35 -32.27 5.59
N PRO D 316 -46.07 -33.54 5.93
CA PRO D 316 -46.75 -34.66 5.28
C PRO D 316 -48.14 -34.84 5.86
N GLY D 317 -49.11 -34.16 5.28
CA GLY D 317 -50.50 -34.27 5.68
C GLY D 317 -51.18 -35.59 5.29
N THR D 318 -52.27 -35.90 5.97
CA THR D 318 -53.09 -37.09 5.70
C THR D 318 -54.53 -36.65 5.83
N LYS D 319 -55.45 -37.35 5.17
CA LYS D 319 -56.87 -36.98 5.14
C LYS D 319 -57.52 -36.78 6.53
N ASP D 320 -57.11 -37.58 7.50
CA ASP D 320 -57.58 -37.43 8.88
C ASP D 320 -56.55 -36.78 9.83
N GLY D 321 -55.35 -36.51 9.33
CA GLY D 321 -54.36 -35.77 10.14
C GLY D 321 -53.54 -36.60 11.11
N LYS D 322 -53.70 -37.92 11.05
CA LYS D 322 -52.88 -38.84 11.85
C LYS D 322 -51.89 -39.54 10.92
N PRO D 323 -50.69 -39.88 11.42
CA PRO D 323 -49.73 -40.64 10.62
C PRO D 323 -50.22 -42.03 10.18
N TYR D 324 -49.43 -42.67 9.33
CA TYR D 324 -49.58 -44.08 8.99
C TYR D 324 -48.40 -44.86 9.53
N ILE D 325 -48.60 -45.52 10.67
CA ILE D 325 -47.57 -46.33 11.28
C ILE D 325 -48.10 -47.73 11.47
N GLY D 326 -47.48 -48.70 10.81
CA GLY D 326 -47.88 -50.08 10.94
C GLY D 326 -47.62 -50.95 9.72
N ARG D 327 -48.19 -52.15 9.77
CA ARG D 327 -48.01 -53.14 8.71
C ARG D 327 -48.96 -52.89 7.53
N HIS D 328 -48.51 -53.27 6.35
CA HIS D 328 -49.36 -53.44 5.17
C HIS D 328 -50.40 -54.50 5.52
N PRO D 329 -51.70 -54.20 5.32
CA PRO D 329 -52.72 -55.19 5.68
C PRO D 329 -52.47 -56.59 5.09
N GLU D 330 -52.13 -56.64 3.79
CA GLU D 330 -51.88 -57.91 3.08
C GLU D 330 -50.47 -58.51 3.22
N ASP D 331 -49.49 -57.74 3.68
CA ASP D 331 -48.12 -58.24 3.82
C ASP D 331 -47.45 -57.74 5.10
N SER D 332 -47.10 -58.67 5.98
CA SER D 332 -46.52 -58.31 7.26
C SER D 332 -45.04 -57.93 7.14
N ARG D 333 -44.50 -58.02 5.92
CA ARG D 333 -43.09 -57.71 5.67
C ARG D 333 -42.93 -56.24 5.33
N ILE D 334 -44.03 -55.61 4.92
CA ILE D 334 -44.03 -54.21 4.49
C ILE D 334 -44.62 -53.31 5.58
N LEU D 335 -43.82 -52.35 6.04
CA LEU D 335 -44.25 -51.40 7.06
C LEU D 335 -44.23 -49.97 6.51
N PHE D 336 -45.06 -49.12 7.12
CA PHE D 336 -45.15 -47.71 6.75
C PHE D 336 -45.05 -46.85 7.98
N ALA D 337 -44.32 -45.75 7.87
CA ALA D 337 -44.20 -44.78 8.95
C ALA D 337 -44.12 -43.40 8.33
N ALA D 338 -45.27 -42.89 7.90
CA ALA D 338 -45.32 -41.61 7.20
C ALA D 338 -46.61 -40.88 7.53
N GLY D 339 -46.59 -39.55 7.41
CA GLY D 339 -47.79 -38.74 7.60
C GLY D 339 -47.84 -38.07 8.96
N HIS D 340 -46.71 -38.06 9.66
CA HIS D 340 -46.56 -37.27 10.87
C HIS D 340 -46.76 -35.83 10.46
N PHE D 341 -47.69 -35.12 11.07
CA PHE D 341 -48.12 -33.85 10.49
C PHE D 341 -47.27 -32.70 11.02
N ARG D 342 -47.64 -32.17 12.17
CA ARG D 342 -46.89 -31.13 12.82
C ARG D 342 -46.00 -31.74 13.90
N ASN D 343 -45.85 -33.05 13.91
CA ASN D 343 -45.34 -33.73 15.10
C ASN D 343 -44.29 -34.81 14.90
N GLY D 344 -43.74 -34.87 13.71
CA GLY D 344 -42.71 -35.85 13.39
C GLY D 344 -41.48 -35.83 14.26
N ILE D 345 -41.15 -34.68 14.84
CA ILE D 345 -39.98 -34.60 15.70
C ILE D 345 -40.34 -35.22 17.04
N LEU D 346 -41.44 -34.72 17.62
CA LEU D 346 -41.95 -35.25 18.87
C LEU D 346 -42.08 -36.75 18.79
N LEU D 347 -42.77 -37.23 17.76
CA LEU D 347 -43.15 -38.63 17.65
C LEU D 347 -42.05 -39.55 17.14
N ALA D 348 -40.92 -39.01 16.70
CA ALA D 348 -39.90 -39.85 16.05
C ALA D 348 -39.38 -41.07 16.87
N PRO D 349 -39.00 -40.86 18.15
CA PRO D 349 -38.56 -42.00 18.97
C PRO D 349 -39.63 -43.07 19.18
N ALA D 350 -40.89 -42.68 19.29
CA ALA D 350 -41.93 -43.67 19.49
C ALA D 350 -42.33 -44.39 18.19
N THR D 351 -42.29 -43.67 17.08
CA THR D 351 -42.53 -44.28 15.77
C THR D 351 -41.43 -45.29 15.45
N GLY D 352 -40.20 -44.93 15.79
CA GLY D 352 -39.06 -45.81 15.61
C GLY D 352 -39.12 -47.08 16.45
N ALA D 353 -39.47 -46.95 17.73
CA ALA D 353 -39.64 -48.15 18.58
C ALA D 353 -40.80 -49.03 18.10
N LEU D 354 -41.94 -48.42 17.75
CA LEU D 354 -43.12 -49.16 17.28
C LEU D 354 -42.81 -50.03 16.06
N ILE D 355 -42.26 -49.41 15.02
CA ILE D 355 -41.85 -50.13 13.81
C ILE D 355 -40.82 -51.21 14.13
N SER D 356 -39.83 -50.88 14.96
CA SER D 356 -38.83 -51.85 15.40
C SER D 356 -39.50 -53.05 16.07
N ASP D 357 -40.24 -52.79 17.14
CA ASP D 357 -41.00 -53.82 17.85
C ASP D 357 -41.85 -54.68 16.93
N LEU D 358 -42.60 -54.07 16.02
CA LEU D 358 -43.45 -54.80 15.08
C LEU D 358 -42.64 -55.82 14.28
N ILE D 359 -41.48 -55.38 13.78
CA ILE D 359 -40.60 -56.21 12.97
C ILE D 359 -40.04 -57.35 13.81
N MET D 360 -39.62 -57.04 15.03
CA MET D 360 -39.12 -58.06 15.95
C MET D 360 -40.24 -58.96 16.47
N ASN D 361 -41.46 -58.72 15.97
CA ASN D 361 -42.67 -59.41 16.42
C ASN D 361 -42.91 -59.34 17.93
N LYS D 362 -42.41 -58.27 18.57
CA LYS D 362 -42.70 -58.02 19.99
C LYS D 362 -44.17 -57.62 20.16
N GLU D 363 -44.64 -57.55 21.41
CA GLU D 363 -46.00 -57.10 21.68
C GLU D 363 -46.04 -55.58 21.72
N VAL D 364 -47.04 -55.00 21.06
CA VAL D 364 -47.19 -53.54 21.00
C VAL D 364 -48.55 -53.05 21.48
N ASN D 365 -48.54 -51.86 22.09
CA ASN D 365 -49.76 -51.21 22.53
C ASN D 365 -50.79 -51.26 21.42
N GLN D 366 -51.88 -51.99 21.67
CA GLN D 366 -52.91 -52.24 20.69
C GLN D 366 -53.68 -50.99 20.26
N ASP D 367 -53.75 -50.01 21.15
CA ASP D 367 -54.42 -48.74 20.86
C ASP D 367 -53.75 -47.95 19.75
N TRP D 368 -52.43 -47.82 19.86
CA TRP D 368 -51.61 -47.07 18.93
C TRP D 368 -51.61 -47.73 17.57
N LEU D 369 -51.27 -49.02 17.55
CA LEU D 369 -51.38 -49.84 16.35
C LEU D 369 -52.71 -49.55 15.63
N HIS D 370 -53.82 -49.58 16.36
CA HIS D 370 -55.11 -49.31 15.74
C HIS D 370 -55.26 -47.88 15.22
N ALA D 371 -54.92 -46.92 16.08
CA ALA D 371 -55.05 -45.49 15.77
C ALA D 371 -54.31 -45.06 14.49
N PHE D 372 -53.22 -45.77 14.18
CA PHE D 372 -52.35 -45.40 13.06
C PHE D 372 -52.31 -46.44 11.94
N ARG D 373 -53.24 -47.41 12.01
CA ARG D 373 -53.31 -48.49 11.01
C ARG D 373 -53.47 -47.93 9.60
N ILE D 374 -53.06 -48.71 8.61
CA ILE D 374 -52.99 -48.28 7.22
C ILE D 374 -54.36 -48.19 6.54
N ASP D 375 -55.30 -48.97 7.07
CA ASP D 375 -56.60 -49.18 6.46
C ASP D 375 -57.69 -48.50 7.31
N ARG D 376 -58.01 -47.25 6.98
CA ARG D 376 -58.94 -46.46 7.80
C ARG D 376 -60.17 -46.00 7.04
N LYS D 377 -61.27 -46.73 7.22
CA LYS D 377 -62.54 -46.39 6.57
C LYS D 377 -63.45 -45.67 7.57
#